data_6DW5
#
_entry.id   6DW5
#
_cell.length_a   80.686
_cell.length_b   142.901
_cell.length_c   98.907
_cell.angle_alpha   90.00
_cell.angle_beta   113.92
_cell.angle_gamma   90.00
#
_symmetry.space_group_name_H-M   'P 1 21 1'
#
loop_
_entity.id
_entity.type
_entity.pdbx_description
1 polymer 'Deoxynucleoside triphosphate triphosphohydrolase SAMHD1'
2 non-polymer "2'-deoxy-2',2'-difluorocytidine 5'-(tetrahydrogen triphosphate)"
3 non-polymer "GUANOSINE-5'-TRIPHOSPHATE"
4 non-polymer "2'-DEOXYADENOSINE 5'-TRIPHOSPHATE"
5 non-polymer 'MAGNESIUM ION'
6 non-polymer 'SODIUM ION'
7 non-polymer 'NICKEL (II) ION'
8 water water
#
_entity_poly.entity_id   1
_entity_poly.type   'polypeptide(L)'
_entity_poly.pdbx_seq_one_letter_code
;MGSSHHHHHHSSGLVPRGSHMASMTGGQQMGRDPNSDTMKVINDPIHGHIELHPLLVRIIDTPQFQRLRYIKQLGGGYYV
FPGASHNRFEHSLGVGYLAGCLVHALGEKQPELQISERDVLCVQIAGLCRNLGHGPFSHMFDGRFIPLARPEVKWTHEQG
SVMMFEHLINSNGIKPVMEQYGLIPEEDICFIKEQIVGPLESPVEDSLWPYKGRPENKSFLYEIVSNKRNGIDVDKWDYF
ARDCHHLGIQNNFDYKRFIKFARVCEVDNELRICARDKEVGNLYDMFHTRNSLHRRAYQHKVGNIIDTMITDAFLKADDY
IEITGAGGKKYRISTAIDDMEAYTKLTDNIFLEILYSTDPKLKDAREILKQIEYRNLFKYVGETQPTGQIKIKREDYESL
PKEVASAKPKVLLDVKLKAEDFIVDVINMDYGMQEKNPIDHVSFYCKTAPNRAIRITKNQVSQLLPEKFAEQLIRVYCKK
VDRKSLYAARQYFVQWCADRNFTKPQDGDVIAPLITPQKKEWNDSTSVQNPTRLREASKSRVQLFKDDPM
;
_entity_poly.pdbx_strand_id   A,B,C,D
#
loop_
_chem_comp.id
_chem_comp.type
_chem_comp.name
_chem_comp.formula
DTP non-polymer '2'-DEOXYADENOSINE 5'-TRIPHOSPHATE' 'C10 H16 N5 O12 P3'
GTF non-polymer '2'-deoxy-2',2'-difluorocytidine 5'-(tetrahydrogen triphosphate)' 'C9 H14 F2 N3 O13 P3'
GTP non-polymer GUANOSINE-5'-TRIPHOSPHATE 'C10 H16 N5 O14 P3'
MG non-polymer 'MAGNESIUM ION' 'Mg 2'
NA non-polymer 'SODIUM ION' 'Na 1'
NI non-polymer 'NICKEL (II) ION' 'Ni 2'
#
# COMPACT_ATOMS: atom_id res chain seq x y z
N ASP A 37 -11.92 -33.68 1.62
CA ASP A 37 -12.39 -32.24 1.52
C ASP A 37 -11.98 -31.42 2.80
N THR A 38 -10.84 -30.69 2.82
CA THR A 38 -10.47 -29.86 4.01
C THR A 38 -10.67 -28.34 3.73
N MET A 39 -10.31 -27.45 4.68
CA MET A 39 -10.27 -25.96 4.44
C MET A 39 -9.34 -25.59 3.24
N LYS A 40 -9.80 -24.74 2.35
CA LYS A 40 -8.93 -24.26 1.31
C LYS A 40 -8.52 -22.84 1.62
N VAL A 41 -7.28 -22.47 1.36
CA VAL A 41 -6.81 -21.09 1.58
C VAL A 41 -6.66 -20.47 0.20
N ILE A 42 -7.18 -19.27 0.01
CA ILE A 42 -7.06 -18.52 -1.20
C ILE A 42 -6.43 -17.16 -0.90
N ASN A 43 -5.51 -16.73 -1.74
CA ASN A 43 -4.81 -15.41 -1.48
C ASN A 43 -5.50 -14.37 -2.36
N ASP A 44 -6.15 -13.41 -1.74
CA ASP A 44 -6.80 -12.31 -2.42
C ASP A 44 -5.97 -11.01 -2.22
N PRO A 45 -5.75 -10.18 -3.26
CA PRO A 45 -5.02 -8.97 -3.02
C PRO A 45 -5.65 -7.99 -2.05
N ILE A 46 -6.96 -7.97 -1.89
CA ILE A 46 -7.57 -7.06 -0.97
C ILE A 46 -7.58 -7.60 0.45
N HIS A 47 -8.01 -8.82 0.66
CA HIS A 47 -8.21 -9.35 1.98
C HIS A 47 -7.08 -10.23 2.49
N GLY A 48 -6.12 -10.56 1.63
CA GLY A 48 -5.06 -11.48 2.03
C GLY A 48 -5.52 -12.92 1.98
N HIS A 49 -5.03 -13.77 2.86
CA HIS A 49 -5.32 -15.21 2.82
C HIS A 49 -6.64 -15.46 3.52
N ILE A 50 -7.59 -15.93 2.78
CA ILE A 50 -9.02 -16.18 3.16
C ILE A 50 -9.17 -17.73 3.26
N GLU A 51 -9.87 -18.20 4.32
CA GLU A 51 -10.20 -19.62 4.43
C GLU A 51 -11.56 -19.95 3.85
N LEU A 52 -11.68 -20.98 3.02
CA LEU A 52 -12.99 -21.43 2.53
C LEU A 52 -13.35 -22.80 3.06
N HIS A 53 -14.42 -22.89 3.80
CA HIS A 53 -14.97 -24.17 4.26
C HIS A 53 -15.28 -25.06 3.07
N PRO A 54 -15.13 -26.38 3.18
CA PRO A 54 -15.31 -27.24 1.99
C PRO A 54 -16.71 -27.18 1.30
N LEU A 55 -17.75 -26.82 2.04
CA LEU A 55 -19.07 -26.60 1.42
C LEU A 55 -19.03 -25.40 0.49
N LEU A 56 -18.38 -24.32 0.92
CA LEU A 56 -18.25 -23.17 0.05
C LEU A 56 -17.41 -23.51 -1.20
N VAL A 57 -16.38 -24.33 -1.05
CA VAL A 57 -15.55 -24.75 -2.20
C VAL A 57 -16.43 -25.50 -3.23
N ARG A 58 -17.30 -26.38 -2.74
CA ARG A 58 -18.24 -27.13 -3.56
C ARG A 58 -19.20 -26.19 -4.35
N ILE A 59 -19.63 -25.11 -3.72
CA ILE A 59 -20.43 -24.10 -4.40
C ILE A 59 -19.65 -23.32 -5.46
N ILE A 60 -18.42 -22.96 -5.12
CA ILE A 60 -17.58 -22.18 -6.02
C ILE A 60 -17.22 -22.94 -7.29
N ASP A 61 -16.96 -24.22 -7.15
CA ASP A 61 -16.46 -25.05 -8.25
C ASP A 61 -17.64 -25.64 -9.11
N THR A 62 -18.43 -24.75 -9.64
CA THR A 62 -19.62 -25.07 -10.45
C THR A 62 -19.58 -24.09 -11.62
N PRO A 63 -20.16 -24.47 -12.77
CA PRO A 63 -20.30 -23.55 -13.91
C PRO A 63 -21.03 -22.26 -13.60
N GLN A 64 -21.99 -22.33 -12.71
CA GLN A 64 -22.81 -21.16 -12.37
C GLN A 64 -22.08 -20.15 -11.56
N PHE A 65 -21.11 -20.58 -10.75
CA PHE A 65 -20.32 -19.65 -9.98
C PHE A 65 -19.07 -19.15 -10.82
N GLN A 66 -18.42 -20.08 -11.48
CA GLN A 66 -17.22 -19.75 -12.29
C GLN A 66 -17.49 -18.79 -13.43
N ARG A 67 -18.72 -18.79 -13.90
CA ARG A 67 -19.22 -17.81 -14.86
C ARG A 67 -18.83 -16.39 -14.54
N LEU A 68 -18.82 -16.06 -13.25
CA LEU A 68 -18.54 -14.72 -12.80
C LEU A 68 -17.08 -14.31 -13.06
N ARG A 69 -16.21 -15.24 -13.41
CA ARG A 69 -14.89 -14.87 -13.93
C ARG A 69 -14.94 -14.14 -15.28
N TYR A 70 -16.06 -14.14 -15.97
CA TYR A 70 -16.11 -13.66 -17.36
C TYR A 70 -17.08 -12.46 -17.45
N ILE A 71 -17.33 -11.85 -16.29
CA ILE A 71 -18.16 -10.67 -16.21
C ILE A 71 -17.41 -9.58 -15.44
N LYS A 72 -17.09 -8.47 -16.14
CA LYS A 72 -16.35 -7.37 -15.52
C LYS A 72 -17.17 -6.66 -14.52
N GLN A 73 -16.58 -6.41 -13.33
CA GLN A 73 -17.24 -5.72 -12.26
C GLN A 73 -17.77 -4.36 -12.72
N LEU A 74 -16.93 -3.61 -13.41
CA LEU A 74 -17.23 -2.24 -13.78
C LEU A 74 -17.64 -2.05 -15.22
N GLY A 75 -17.84 -3.14 -15.94
CA GLY A 75 -18.30 -3.04 -17.34
C GLY A 75 -17.44 -2.19 -18.22
N GLY A 76 -18.04 -1.20 -18.81
CA GLY A 76 -17.35 -0.25 -19.69
C GLY A 76 -16.37 0.67 -19.01
N GLY A 77 -16.35 0.73 -17.67
CA GLY A 77 -15.39 1.51 -16.96
C GLY A 77 -13.93 1.05 -17.22
N TYR A 78 -13.71 -0.20 -17.58
CA TYR A 78 -12.38 -0.67 -18.02
C TYR A 78 -11.82 0.09 -19.21
N TYR A 79 -12.71 0.58 -20.08
CA TYR A 79 -12.31 1.35 -21.27
C TYR A 79 -11.92 2.79 -20.94
N VAL A 80 -12.01 3.16 -19.67
CA VAL A 80 -11.62 4.45 -19.12
C VAL A 80 -10.49 4.31 -18.06
N PHE A 81 -10.61 3.32 -17.19
CA PHE A 81 -9.63 3.07 -16.13
C PHE A 81 -9.04 1.69 -16.48
N PRO A 82 -7.81 1.64 -17.02
CA PRO A 82 -7.26 0.39 -17.52
C PRO A 82 -6.89 -0.61 -16.47
N GLY A 83 -6.81 -0.20 -15.22
CA GLY A 83 -6.66 -1.12 -14.10
C GLY A 83 -7.93 -1.90 -13.77
N ALA A 84 -9.11 -1.48 -14.27
CA ALA A 84 -10.42 -2.02 -13.86
C ALA A 84 -10.82 -3.21 -14.68
N SER A 85 -9.96 -4.20 -14.67
CA SER A 85 -10.02 -5.47 -15.38
C SER A 85 -10.72 -6.56 -14.48
N HIS A 86 -10.99 -6.25 -13.24
CA HIS A 86 -11.51 -7.24 -12.26
C HIS A 86 -12.93 -7.66 -12.54
N ASN A 87 -13.21 -8.91 -12.20
CA ASN A 87 -14.45 -9.57 -12.50
C ASN A 87 -15.31 -9.81 -11.24
N ARG A 88 -16.57 -10.12 -11.47
CA ARG A 88 -17.48 -10.38 -10.37
C ARG A 88 -17.09 -11.58 -9.48
N PHE A 89 -16.35 -12.52 -10.01
CA PHE A 89 -15.91 -13.70 -9.29
C PHE A 89 -15.19 -13.33 -8.03
N GLU A 90 -14.07 -12.60 -8.20
CA GLU A 90 -13.22 -12.22 -7.08
C GLU A 90 -13.92 -11.29 -6.08
N HIS A 91 -14.80 -10.42 -6.57
CA HIS A 91 -15.65 -9.66 -5.70
C HIS A 91 -16.54 -10.54 -4.83
N SER A 92 -17.11 -11.56 -5.40
CA SER A 92 -17.98 -12.49 -4.66
C SER A 92 -17.27 -13.23 -3.61
N LEU A 93 -16.05 -13.66 -3.88
CA LEU A 93 -15.20 -14.28 -2.81
C LEU A 93 -15.03 -13.31 -1.63
N GLY A 94 -14.79 -12.05 -1.95
CA GLY A 94 -14.53 -11.01 -0.99
C GLY A 94 -15.81 -10.74 -0.14
N VAL A 95 -16.98 -10.72 -0.80
CA VAL A 95 -18.24 -10.52 -0.10
C VAL A 95 -18.54 -11.66 0.87
N GLY A 96 -18.32 -12.88 0.43
CA GLY A 96 -18.44 -14.03 1.29
C GLY A 96 -17.52 -14.02 2.50
N TYR A 97 -16.26 -13.65 2.24
CA TYR A 97 -15.30 -13.48 3.32
C TYR A 97 -15.74 -12.46 4.37
N LEU A 98 -16.13 -11.26 3.91
CA LEU A 98 -16.53 -10.19 4.81
C LEU A 98 -17.84 -10.55 5.57
N ALA A 99 -18.74 -11.26 4.92
CA ALA A 99 -19.95 -11.66 5.57
C ALA A 99 -19.58 -12.56 6.77
N GLY A 100 -18.67 -13.49 6.53
CA GLY A 100 -18.12 -14.37 7.57
C GLY A 100 -17.40 -13.60 8.69
N CYS A 101 -16.59 -12.60 8.32
CA CYS A 101 -15.92 -11.72 9.31
C CYS A 101 -16.91 -11.03 10.23
N LEU A 102 -17.98 -10.47 9.71
CA LEU A 102 -18.91 -9.72 10.55
C LEU A 102 -19.68 -10.66 11.45
N VAL A 103 -20.23 -11.73 10.88
CA VAL A 103 -20.98 -12.67 11.75
C VAL A 103 -20.11 -13.30 12.84
N HIS A 104 -18.88 -13.68 12.51
CA HIS A 104 -17.95 -14.18 13.53
C HIS A 104 -17.64 -13.18 14.62
N ALA A 105 -17.39 -11.92 14.24
CA ALA A 105 -17.10 -10.87 15.21
C ALA A 105 -18.29 -10.66 16.18
N LEU A 106 -19.53 -10.64 15.65
CA LEU A 106 -20.68 -10.45 16.51
C LEU A 106 -20.79 -11.62 17.46
N GLY A 107 -20.60 -12.83 16.96
CA GLY A 107 -20.66 -14.07 17.79
C GLY A 107 -19.63 -14.16 18.89
N GLU A 108 -18.41 -13.74 18.59
CA GLU A 108 -17.33 -13.72 19.59
C GLU A 108 -17.55 -12.69 20.67
N LYS A 109 -17.99 -11.47 20.34
CA LYS A 109 -18.27 -10.44 21.36
C LYS A 109 -19.55 -10.70 22.13
N GLN A 110 -20.55 -11.31 21.51
CA GLN A 110 -21.86 -11.51 22.11
C GLN A 110 -22.31 -13.00 22.04
N PRO A 111 -21.72 -13.87 22.89
CA PRO A 111 -22.11 -15.29 22.85
C PRO A 111 -23.60 -15.49 23.14
N GLU A 112 -24.24 -14.57 23.87
CA GLU A 112 -25.68 -14.68 24.09
C GLU A 112 -26.59 -14.61 22.83
N LEU A 113 -26.08 -14.22 21.68
CA LEU A 113 -26.88 -14.21 20.47
C LEU A 113 -27.11 -15.66 19.94
N GLN A 114 -26.26 -16.60 20.41
CA GLN A 114 -26.33 -17.99 20.04
C GLN A 114 -26.20 -18.23 18.53
N ILE A 115 -25.28 -17.52 17.93
CA ILE A 115 -24.96 -17.69 16.54
C ILE A 115 -24.29 -19.05 16.42
N SER A 116 -24.82 -19.92 15.56
CA SER A 116 -24.31 -21.26 15.42
C SER A 116 -23.41 -21.35 14.20
N GLU A 117 -22.68 -22.46 14.11
CA GLU A 117 -21.78 -22.68 12.95
C GLU A 117 -22.62 -22.78 11.66
N ARG A 118 -23.82 -23.36 11.80
CA ARG A 118 -24.77 -23.38 10.73
C ARG A 118 -25.16 -21.98 10.21
N ASP A 119 -25.41 -21.08 11.14
CA ASP A 119 -25.75 -19.66 10.80
C ASP A 119 -24.62 -19.02 10.06
N VAL A 120 -23.40 -19.22 10.55
CA VAL A 120 -22.23 -18.63 9.95
C VAL A 120 -22.08 -19.11 8.51
N LEU A 121 -22.17 -20.41 8.30
CA LEU A 121 -22.06 -20.96 6.94
C LEU A 121 -23.14 -20.41 6.03
N CYS A 122 -24.39 -20.31 6.52
CA CYS A 122 -25.45 -19.74 5.70
C CYS A 122 -25.20 -18.28 5.30
N VAL A 123 -24.66 -17.50 6.22
CA VAL A 123 -24.35 -16.11 5.94
C VAL A 123 -23.22 -16.01 4.92
N GLN A 124 -22.22 -16.88 5.06
CA GLN A 124 -21.12 -16.90 4.07
C GLN A 124 -21.63 -17.29 2.68
N ILE A 125 -22.52 -18.28 2.62
CA ILE A 125 -23.06 -18.71 1.33
C ILE A 125 -23.82 -17.57 0.67
N ALA A 126 -24.66 -16.90 1.41
CA ALA A 126 -25.39 -15.74 0.86
C ALA A 126 -24.45 -14.64 0.39
N GLY A 127 -23.40 -14.34 1.16
CA GLY A 127 -22.46 -13.32 0.69
C GLY A 127 -21.79 -13.75 -0.57
N LEU A 128 -21.40 -15.03 -0.65
CA LEU A 128 -20.73 -15.55 -1.82
C LEU A 128 -21.60 -15.51 -3.01
N CYS A 129 -22.88 -15.74 -2.84
CA CYS A 129 -23.78 -15.91 -3.98
C CYS A 129 -24.61 -14.71 -4.36
N ARG A 130 -24.45 -13.60 -3.65
CA ARG A 130 -25.36 -12.50 -3.99
C ARG A 130 -25.07 -11.78 -5.29
N ASN A 131 -23.96 -12.04 -5.96
CA ASN A 131 -23.67 -11.47 -7.29
C ASN A 131 -23.93 -12.45 -8.47
N LEU A 132 -24.57 -13.61 -8.21
CA LEU A 132 -24.70 -14.63 -9.22
C LEU A 132 -25.60 -14.19 -10.36
N GLY A 133 -26.51 -13.28 -10.11
CA GLY A 133 -27.45 -12.76 -11.14
C GLY A 133 -26.97 -11.71 -12.11
N HIS A 134 -25.76 -11.24 -11.96
CA HIS A 134 -25.24 -10.21 -12.86
C HIS A 134 -25.08 -10.80 -14.28
N GLY A 135 -25.31 -9.94 -15.25
CA GLY A 135 -25.22 -10.27 -16.65
C GLY A 135 -23.98 -9.56 -17.26
N PRO A 136 -23.78 -9.71 -18.56
CA PRO A 136 -22.66 -9.11 -19.27
C PRO A 136 -22.45 -7.64 -18.95
N PHE A 137 -21.22 -7.32 -18.60
CA PHE A 137 -20.82 -5.95 -18.20
C PHE A 137 -21.56 -5.41 -16.95
N SER A 138 -22.02 -6.31 -16.06
CA SER A 138 -22.64 -5.99 -14.79
C SER A 138 -23.77 -4.97 -14.93
N HIS A 139 -23.64 -3.77 -14.38
CA HIS A 139 -24.74 -2.78 -14.48
C HIS A 139 -25.24 -2.37 -15.83
N MET A 140 -24.44 -2.48 -16.86
CA MET A 140 -24.97 -2.31 -18.18
C MET A 140 -26.17 -3.21 -18.47
N PHE A 141 -26.16 -4.44 -18.01
CA PHE A 141 -27.16 -5.43 -18.40
C PHE A 141 -28.50 -5.15 -17.79
N ASP A 142 -28.54 -4.99 -16.46
CA ASP A 142 -29.81 -4.73 -15.80
C ASP A 142 -30.22 -3.24 -15.85
N GLY A 143 -29.25 -2.35 -15.94
CA GLY A 143 -29.51 -0.92 -15.96
C GLY A 143 -29.80 -0.36 -17.34
N ARG A 144 -29.26 -0.95 -18.42
CA ARG A 144 -29.45 -0.37 -19.75
C ARG A 144 -30.06 -1.37 -20.73
N PHE A 145 -29.50 -2.59 -20.81
CA PHE A 145 -29.93 -3.51 -21.85
C PHE A 145 -31.32 -4.10 -21.66
N ILE A 146 -31.53 -4.73 -20.52
CA ILE A 146 -32.84 -5.37 -20.31
C ILE A 146 -34.01 -4.37 -20.35
N PRO A 147 -33.87 -3.21 -19.73
CA PRO A 147 -35.00 -2.25 -19.85
C PRO A 147 -35.33 -1.89 -21.29
N LEU A 148 -34.35 -1.86 -22.19
CA LEU A 148 -34.62 -1.57 -23.60
C LEU A 148 -35.06 -2.82 -24.38
N ALA A 149 -34.45 -3.98 -24.14
CA ALA A 149 -34.80 -5.18 -24.91
C ALA A 149 -36.11 -5.80 -24.44
N ARG A 150 -36.39 -5.80 -23.15
CA ARG A 150 -37.59 -6.48 -22.58
C ARG A 150 -38.34 -5.49 -21.67
N PRO A 151 -38.91 -4.42 -22.23
CA PRO A 151 -39.52 -3.34 -21.40
C PRO A 151 -40.66 -3.81 -20.45
N GLU A 152 -41.35 -4.87 -20.84
CA GLU A 152 -42.42 -5.51 -20.06
C GLU A 152 -41.99 -6.33 -18.81
N VAL A 153 -40.71 -6.62 -18.63
CA VAL A 153 -40.29 -7.57 -17.64
C VAL A 153 -39.73 -6.76 -16.53
N LYS A 154 -39.70 -7.27 -15.29
CA LYS A 154 -39.19 -6.48 -14.18
C LYS A 154 -38.02 -7.26 -13.60
N TRP A 155 -36.81 -7.07 -14.14
CA TRP A 155 -35.68 -7.92 -13.85
C TRP A 155 -34.75 -7.11 -13.00
N THR A 156 -34.20 -7.75 -11.96
CA THR A 156 -33.17 -7.15 -11.16
C THR A 156 -32.06 -8.21 -10.99
N HIS A 157 -30.86 -7.72 -10.74
CA HIS A 157 -29.79 -8.64 -10.50
C HIS A 157 -30.04 -9.46 -9.23
N GLU A 158 -30.70 -8.91 -8.22
CA GLU A 158 -31.06 -9.67 -7.04
C GLU A 158 -31.95 -10.87 -7.34
N GLN A 159 -33.00 -10.69 -8.13
CA GLN A 159 -33.87 -11.84 -8.50
C GLN A 159 -33.11 -12.83 -9.33
N GLY A 160 -32.30 -12.33 -10.23
CA GLY A 160 -31.36 -13.15 -11.01
C GLY A 160 -30.45 -13.99 -10.10
N SER A 161 -29.97 -13.41 -8.99
CA SER A 161 -29.11 -14.12 -8.09
C SER A 161 -29.79 -15.27 -7.41
N VAL A 162 -31.03 -15.07 -7.01
CA VAL A 162 -31.84 -16.13 -6.40
C VAL A 162 -32.11 -17.24 -7.41
N MET A 163 -32.50 -16.89 -8.61
CA MET A 163 -32.75 -17.87 -9.71
C MET A 163 -31.46 -18.64 -10.04
N MET A 164 -30.34 -17.94 -10.11
CA MET A 164 -29.08 -18.58 -10.40
C MET A 164 -28.57 -19.49 -9.26
N PHE A 165 -28.80 -19.04 -8.03
CA PHE A 165 -28.48 -19.84 -6.84
C PHE A 165 -29.25 -21.14 -6.86
N GLU A 166 -30.55 -21.03 -7.08
CA GLU A 166 -31.35 -22.20 -7.17
C GLU A 166 -30.88 -23.16 -8.27
N HIS A 167 -30.56 -22.62 -9.41
CA HIS A 167 -30.05 -23.45 -10.53
C HIS A 167 -28.68 -24.09 -10.13
N LEU A 168 -27.83 -23.33 -9.45
CA LEU A 168 -26.53 -23.84 -8.98
C LEU A 168 -26.73 -25.03 -8.05
N ILE A 169 -27.57 -24.83 -7.03
CA ILE A 169 -27.88 -25.88 -6.02
C ILE A 169 -28.43 -27.14 -6.71
N ASN A 170 -29.40 -26.95 -7.59
CA ASN A 170 -30.08 -28.11 -8.19
C ASN A 170 -29.32 -28.82 -9.24
N SER A 171 -28.45 -28.16 -9.98
CA SER A 171 -27.69 -28.81 -11.04
C SER A 171 -26.44 -29.47 -10.51
N ASN A 172 -25.99 -29.17 -9.30
CA ASN A 172 -24.68 -29.67 -8.86
C ASN A 172 -24.71 -30.56 -7.60
N GLY A 173 -25.89 -31.02 -7.21
CA GLY A 173 -26.04 -31.89 -6.07
C GLY A 173 -25.59 -31.28 -4.76
N ILE A 174 -25.84 -30.00 -4.54
CA ILE A 174 -25.37 -29.34 -3.34
C ILE A 174 -26.26 -29.67 -2.12
N LYS A 175 -27.54 -30.00 -2.28
CA LYS A 175 -28.36 -30.23 -1.08
C LYS A 175 -27.85 -31.35 -0.17
N PRO A 176 -27.49 -32.51 -0.75
CA PRO A 176 -26.95 -33.54 0.18
C PRO A 176 -25.61 -33.16 0.83
N VAL A 177 -24.79 -32.32 0.19
CA VAL A 177 -23.56 -31.87 0.80
C VAL A 177 -23.91 -30.89 1.93
N MET A 178 -24.86 -29.98 1.70
CA MET A 178 -25.36 -29.15 2.80
C MET A 178 -25.74 -30.00 4.01
N GLU A 179 -26.48 -31.09 3.80
CA GLU A 179 -26.93 -31.95 4.94
C GLU A 179 -25.73 -32.58 5.66
N GLN A 180 -24.78 -33.04 4.88
CA GLN A 180 -23.59 -33.64 5.40
C GLN A 180 -22.82 -32.66 6.35
N TYR A 181 -22.88 -31.35 6.15
CA TYR A 181 -22.23 -30.42 7.06
C TYR A 181 -23.18 -29.74 8.01
N GLY A 182 -24.35 -30.32 8.21
CA GLY A 182 -25.27 -29.90 9.26
C GLY A 182 -26.23 -28.77 8.89
N LEU A 183 -26.30 -28.37 7.63
CA LEU A 183 -27.34 -27.47 7.18
C LEU A 183 -28.64 -28.24 7.00
N ILE A 184 -29.78 -27.55 7.10
CA ILE A 184 -31.10 -28.14 6.87
C ILE A 184 -31.61 -27.43 5.64
N PRO A 185 -31.46 -28.01 4.44
CA PRO A 185 -31.78 -27.29 3.25
C PRO A 185 -33.14 -26.62 3.15
N GLU A 186 -34.19 -27.22 3.66
CA GLU A 186 -35.50 -26.59 3.55
C GLU A 186 -35.50 -25.18 4.18
N GLU A 187 -35.09 -25.09 5.41
CA GLU A 187 -34.93 -23.80 6.12
C GLU A 187 -33.78 -22.93 5.57
N ASP A 188 -32.62 -23.51 5.36
CA ASP A 188 -31.42 -22.76 5.02
C ASP A 188 -31.34 -22.23 3.59
N ILE A 189 -31.91 -22.93 2.61
CA ILE A 189 -32.04 -22.35 1.28
C ILE A 189 -32.93 -21.13 1.30
N CYS A 190 -34.05 -21.25 2.00
CA CYS A 190 -34.95 -20.11 2.17
C CYS A 190 -34.20 -18.90 2.83
N PHE A 191 -33.49 -19.15 3.93
CA PHE A 191 -32.65 -18.12 4.59
C PHE A 191 -31.65 -17.47 3.66
N ILE A 192 -30.93 -18.26 2.88
CA ILE A 192 -29.92 -17.70 1.98
C ILE A 192 -30.57 -16.82 0.92
N LYS A 193 -31.66 -17.32 0.34
CA LYS A 193 -32.35 -16.48 -0.67
C LYS A 193 -32.91 -15.19 -0.08
N GLU A 194 -33.50 -15.29 1.11
CA GLU A 194 -33.99 -14.12 1.79
C GLU A 194 -32.90 -13.09 2.07
N GLN A 195 -31.69 -13.55 2.37
CA GLN A 195 -30.60 -12.60 2.65
C GLN A 195 -30.21 -11.87 1.38
N ILE A 196 -30.44 -12.48 0.21
CA ILE A 196 -30.13 -11.87 -1.06
C ILE A 196 -31.19 -10.92 -1.59
N VAL A 197 -32.44 -11.34 -1.56
CA VAL A 197 -33.50 -10.61 -2.24
C VAL A 197 -34.50 -9.99 -1.28
N GLY A 198 -34.44 -10.27 0.01
CA GLY A 198 -35.39 -9.74 0.97
C GLY A 198 -36.55 -10.71 1.15
N PRO A 199 -37.55 -10.28 1.93
CA PRO A 199 -38.71 -11.13 2.30
C PRO A 199 -39.41 -11.63 1.05
N LEU A 200 -39.64 -12.94 0.97
CA LEU A 200 -40.07 -13.67 -0.27
C LEU A 200 -41.64 -13.66 -0.41
N GLU A 201 -42.17 -12.46 -0.45
CA GLU A 201 -43.55 -12.15 -0.90
C GLU A 201 -43.51 -11.12 -2.10
N LEU A 208 -45.67 -7.73 11.52
CA LEU A 208 -45.23 -9.07 11.71
C LEU A 208 -43.79 -9.20 11.11
N TRP A 209 -42.93 -9.98 11.76
CA TRP A 209 -41.70 -10.57 11.18
C TRP A 209 -41.93 -11.28 9.84
N PRO A 210 -41.43 -10.70 8.72
CA PRO A 210 -41.77 -11.22 7.37
C PRO A 210 -40.85 -12.35 6.84
N TYR A 211 -39.78 -12.68 7.56
CA TYR A 211 -38.85 -13.68 7.09
C TYR A 211 -39.26 -15.06 7.62
N LYS A 212 -38.96 -16.08 6.85
CA LYS A 212 -39.24 -17.48 7.18
C LYS A 212 -38.01 -18.31 7.46
N GLY A 213 -36.84 -17.84 7.03
CA GLY A 213 -35.64 -18.63 7.14
C GLY A 213 -35.06 -18.69 8.50
N ARG A 214 -35.16 -17.58 9.22
CA ARG A 214 -34.77 -17.50 10.63
C ARG A 214 -35.83 -16.73 11.39
N PRO A 215 -35.97 -17.01 12.67
CA PRO A 215 -36.94 -16.26 13.49
C PRO A 215 -36.36 -14.89 13.94
N GLU A 216 -37.20 -14.08 14.58
CA GLU A 216 -36.89 -12.69 14.95
C GLU A 216 -35.66 -12.58 15.86
N ASN A 217 -35.36 -13.60 16.69
CA ASN A 217 -34.21 -13.50 17.56
C ASN A 217 -32.85 -13.59 16.81
N LYS A 218 -32.88 -13.92 15.51
CA LYS A 218 -31.71 -13.82 14.64
C LYS A 218 -31.87 -12.72 13.56
N SER A 219 -32.72 -11.76 13.82
CA SER A 219 -32.99 -10.67 12.88
C SER A 219 -31.74 -9.97 12.31
N PHE A 220 -30.75 -9.74 13.18
CA PHE A 220 -29.49 -9.10 12.85
C PHE A 220 -28.77 -9.82 11.75
N LEU A 221 -28.95 -11.14 11.61
CA LEU A 221 -28.30 -11.88 10.49
C LEU A 221 -28.70 -11.41 9.12
N TYR A 222 -29.86 -10.82 8.98
CA TYR A 222 -30.33 -10.28 7.70
C TYR A 222 -29.81 -8.90 7.38
N GLU A 223 -28.98 -8.34 8.24
CA GLU A 223 -28.40 -7.01 7.96
C GLU A 223 -26.96 -7.08 7.47
N ILE A 224 -26.45 -8.26 7.14
CA ILE A 224 -25.01 -8.43 6.82
C ILE A 224 -24.77 -8.39 5.34
N VAL A 225 -25.52 -9.25 4.61
CA VAL A 225 -25.22 -9.42 3.17
C VAL A 225 -25.85 -8.35 2.28
N SER A 226 -27.06 -8.02 2.58
CA SER A 226 -27.78 -7.00 1.86
C SER A 226 -28.70 -6.33 2.80
N ASN A 227 -28.38 -5.12 3.20
CA ASN A 227 -29.13 -4.39 4.22
C ASN A 227 -30.06 -3.42 3.60
N LYS A 228 -31.33 -3.80 3.62
CA LYS A 228 -32.41 -3.05 2.97
C LYS A 228 -32.88 -1.90 3.83
N ARG A 229 -32.62 -1.92 5.13
CA ARG A 229 -33.04 -0.83 5.98
C ARG A 229 -32.14 0.43 5.84
N ASN A 230 -30.83 0.28 5.69
CA ASN A 230 -29.96 1.47 5.60
C ASN A 230 -28.79 1.38 4.62
N GLY A 231 -28.63 0.27 3.92
CA GLY A 231 -27.59 0.15 2.93
C GLY A 231 -26.18 -0.17 3.45
N ILE A 232 -26.04 -0.40 4.74
CA ILE A 232 -24.73 -0.71 5.25
C ILE A 232 -24.57 -2.22 5.19
N ASP A 233 -23.80 -2.73 4.25
CA ASP A 233 -23.57 -4.16 4.12
C ASP A 233 -22.23 -4.46 3.51
N VAL A 234 -21.89 -5.74 3.55
CA VAL A 234 -20.55 -6.16 3.19
C VAL A 234 -20.23 -6.12 1.73
N ASP A 235 -21.25 -6.09 0.87
CA ASP A 235 -21.04 -5.98 -0.55
C ASP A 235 -20.36 -4.65 -0.93
N LYS A 236 -20.84 -3.57 -0.36
CA LYS A 236 -20.22 -2.22 -0.55
C LYS A 236 -18.80 -2.23 -0.02
N TRP A 237 -18.59 -2.86 1.10
CA TRP A 237 -17.31 -2.81 1.71
C TRP A 237 -16.28 -3.46 0.82
N ASP A 238 -16.63 -4.60 0.23
CA ASP A 238 -15.69 -5.20 -0.68
C ASP A 238 -15.48 -4.36 -1.92
N TYR A 239 -16.54 -3.86 -2.55
CA TYR A 239 -16.32 -3.14 -3.81
C TYR A 239 -15.62 -1.78 -3.59
N PHE A 240 -15.84 -1.12 -2.44
CA PHE A 240 -15.06 0.11 -2.16
C PHE A 240 -13.53 -0.24 -2.22
N ALA A 241 -13.12 -1.30 -1.53
CA ALA A 241 -11.71 -1.64 -1.45
C ALA A 241 -11.20 -2.17 -2.74
N ARG A 242 -11.96 -3.05 -3.40
CA ARG A 242 -11.51 -3.70 -4.60
C ARG A 242 -11.52 -2.73 -5.78
N ASP A 243 -12.60 -2.00 -5.96
CA ASP A 243 -12.66 -1.06 -7.08
C ASP A 243 -11.52 0.00 -6.95
N CYS A 244 -11.28 0.50 -5.74
CA CYS A 244 -10.22 1.45 -5.55
C CYS A 244 -8.83 0.92 -5.93
N HIS A 245 -8.56 -0.30 -5.49
CA HIS A 245 -7.29 -0.97 -5.78
C HIS A 245 -7.04 -1.03 -7.28
N HIS A 246 -8.06 -1.31 -8.07
CA HIS A 246 -7.93 -1.40 -9.52
C HIS A 246 -8.08 -0.10 -10.29
N LEU A 247 -8.90 0.79 -9.80
CA LEU A 247 -9.11 2.07 -10.47
C LEU A 247 -7.89 2.96 -10.32
N GLY A 248 -7.14 2.86 -9.22
CA GLY A 248 -6.12 3.84 -8.97
C GLY A 248 -6.59 5.06 -8.21
N ILE A 249 -7.62 4.87 -7.38
CA ILE A 249 -8.16 5.87 -6.49
C ILE A 249 -8.11 5.22 -5.12
N GLN A 250 -7.77 5.97 -4.07
CA GLN A 250 -7.49 5.31 -2.80
C GLN A 250 -8.80 5.18 -1.99
N ASN A 251 -9.02 4.00 -1.34
CA ASN A 251 -10.20 3.90 -0.49
C ASN A 251 -10.10 4.66 0.87
N ASN A 252 -10.99 5.57 1.24
CA ASN A 252 -11.00 6.24 2.52
C ASN A 252 -11.99 5.72 3.62
N PHE A 253 -12.66 4.59 3.41
CA PHE A 253 -13.54 4.01 4.41
C PHE A 253 -12.84 2.80 5.03
N ASP A 254 -12.97 2.59 6.33
CA ASP A 254 -12.34 1.46 7.03
C ASP A 254 -13.41 0.51 7.59
N TYR A 255 -13.66 -0.56 6.81
CA TYR A 255 -14.70 -1.54 7.19
C TYR A 255 -14.23 -2.29 8.41
N LYS A 256 -12.90 -2.52 8.57
CA LYS A 256 -12.46 -3.24 9.72
C LYS A 256 -12.81 -2.57 11.03
N ARG A 257 -12.66 -1.24 11.01
CA ARG A 257 -13.01 -0.46 12.17
C ARG A 257 -14.52 -0.59 12.45
N PHE A 258 -15.34 -0.50 11.39
CA PHE A 258 -16.76 -0.64 11.59
C PHE A 258 -17.09 -2.01 12.29
N ILE A 259 -16.50 -3.08 11.79
CA ILE A 259 -16.71 -4.41 12.40
C ILE A 259 -16.31 -4.47 13.81
N LYS A 260 -15.16 -3.90 14.20
CA LYS A 260 -14.78 -3.86 15.58
C LYS A 260 -15.76 -3.14 16.51
N PHE A 261 -16.46 -2.15 16.02
CA PHE A 261 -17.34 -1.43 16.85
C PHE A 261 -18.82 -1.89 16.70
N ALA A 262 -19.14 -2.88 15.88
CA ALA A 262 -20.54 -3.24 15.70
C ALA A 262 -21.02 -4.11 16.85
N ARG A 263 -22.26 -3.89 17.31
CA ARG A 263 -22.86 -4.74 18.34
C ARG A 263 -24.31 -4.94 18.03
N VAL A 264 -24.92 -5.94 18.58
CA VAL A 264 -26.35 -6.18 18.38
C VAL A 264 -27.09 -5.68 19.61
N CYS A 265 -28.12 -4.85 19.42
CA CYS A 265 -28.99 -4.43 20.49
C CYS A 265 -30.45 -4.52 20.07
N GLU A 266 -31.31 -4.49 21.04
CA GLU A 266 -32.75 -4.55 20.80
C GLU A 266 -33.24 -3.18 20.34
N VAL A 267 -33.81 -3.08 19.15
CA VAL A 267 -34.46 -1.83 18.65
C VAL A 267 -35.93 -2.11 18.31
N ASP A 268 -36.86 -1.44 18.99
CA ASP A 268 -38.33 -1.68 18.80
C ASP A 268 -38.63 -3.17 18.75
N ASN A 269 -38.20 -3.91 19.77
CA ASN A 269 -38.41 -5.36 19.92
C ASN A 269 -37.85 -6.23 18.79
N GLU A 270 -36.76 -5.78 18.17
CA GLU A 270 -36.07 -6.58 17.19
C GLU A 270 -34.54 -6.45 17.43
N LEU A 271 -33.78 -7.54 17.34
CA LEU A 271 -32.31 -7.47 17.49
C LEU A 271 -31.68 -6.92 16.19
N ARG A 272 -30.92 -5.84 16.25
CA ARG A 272 -30.38 -5.16 15.08
C ARG A 272 -28.87 -4.88 15.28
N ILE A 273 -28.17 -4.74 14.17
CA ILE A 273 -26.77 -4.36 14.23
C ILE A 273 -26.74 -2.84 14.48
N CYS A 274 -26.09 -2.45 15.56
CA CYS A 274 -25.89 -1.06 15.92
C CYS A 274 -24.41 -0.68 15.84
N ALA A 275 -24.19 0.60 15.52
CA ALA A 275 -22.86 1.17 15.46
C ALA A 275 -22.64 1.98 16.73
N ARG A 276 -21.37 2.16 17.06
CA ARG A 276 -21.06 3.03 18.17
C ARG A 276 -21.43 4.48 17.85
N ASP A 277 -22.06 5.17 18.78
CA ASP A 277 -22.45 6.59 18.61
C ASP A 277 -21.34 7.50 17.97
N LYS A 278 -20.13 7.48 18.55
CA LYS A 278 -18.94 8.20 18.04
C LYS A 278 -18.63 7.99 16.59
N GLU A 279 -18.95 6.82 16.07
CA GLU A 279 -18.64 6.47 14.71
C GLU A 279 -19.65 7.02 13.62
N VAL A 280 -20.62 7.83 14.05
CA VAL A 280 -21.58 8.41 13.13
C VAL A 280 -20.97 9.18 11.99
N GLY A 281 -19.96 9.99 12.27
CA GLY A 281 -19.21 10.68 11.24
C GLY A 281 -18.59 9.79 10.22
N ASN A 282 -18.07 8.61 10.62
CA ASN A 282 -17.51 7.69 9.67
C ASN A 282 -18.58 7.11 8.72
N LEU A 283 -19.82 6.96 9.23
CA LEU A 283 -20.92 6.48 8.41
C LEU A 283 -21.36 7.50 7.35
N TYR A 284 -21.49 8.76 7.73
CA TYR A 284 -21.69 9.83 6.72
C TYR A 284 -20.56 9.79 5.70
N ASP A 285 -19.32 9.61 6.16
CA ASP A 285 -18.18 9.52 5.23
C ASP A 285 -18.27 8.30 4.31
N MET A 286 -18.77 7.18 4.82
CA MET A 286 -18.93 5.99 3.98
C MET A 286 -19.87 6.24 2.75
N PHE A 287 -20.97 6.90 2.98
CA PHE A 287 -21.87 7.24 1.88
C PHE A 287 -21.26 8.34 0.99
N HIS A 288 -20.51 9.25 1.57
CA HIS A 288 -19.74 10.24 0.80
C HIS A 288 -18.73 9.51 -0.11
N THR A 289 -18.07 8.50 0.36
CA THR A 289 -17.16 7.72 -0.45
C THR A 289 -17.87 7.03 -1.61
N ARG A 290 -19.00 6.39 -1.35
CA ARG A 290 -19.78 5.77 -2.39
C ARG A 290 -20.14 6.82 -3.47
N ASN A 291 -20.62 7.98 -3.05
CA ASN A 291 -20.99 9.02 -3.99
C ASN A 291 -19.77 9.49 -4.85
N SER A 292 -18.63 9.67 -4.19
CA SER A 292 -17.38 9.91 -4.88
C SER A 292 -17.00 8.92 -5.94
N LEU A 293 -17.07 7.65 -5.57
CA LEU A 293 -16.79 6.61 -6.53
C LEU A 293 -17.75 6.66 -7.75
N HIS A 294 -19.02 6.93 -7.49
CA HIS A 294 -19.98 7.16 -8.56
C HIS A 294 -19.59 8.34 -9.45
N ARG A 295 -19.24 9.44 -8.83
CA ARG A 295 -18.87 10.60 -9.60
C ARG A 295 -17.60 10.42 -10.44
N ARG A 296 -16.61 9.80 -9.86
CA ARG A 296 -15.30 9.73 -10.51
C ARG A 296 -15.27 8.62 -11.54
N ALA A 297 -15.87 7.49 -11.20
CA ALA A 297 -15.67 6.27 -11.92
C ALA A 297 -16.93 5.68 -12.49
N TYR A 298 -17.93 5.35 -11.63
CA TYR A 298 -19.01 4.53 -12.15
C TYR A 298 -19.91 5.24 -13.14
N GLN A 299 -20.02 6.57 -13.01
CA GLN A 299 -20.80 7.43 -13.86
C GLN A 299 -19.94 8.35 -14.74
N HIS A 300 -18.70 7.95 -14.96
CA HIS A 300 -17.81 8.67 -15.86
C HIS A 300 -18.52 8.85 -17.21
N LYS A 301 -18.52 10.04 -17.76
CA LYS A 301 -19.28 10.30 -19.02
C LYS A 301 -18.82 9.46 -20.22
N VAL A 302 -17.55 9.07 -20.26
CA VAL A 302 -17.11 8.24 -21.30
C VAL A 302 -17.40 6.79 -21.03
N GLY A 303 -17.21 6.34 -19.78
CA GLY A 303 -17.55 4.96 -19.44
C GLY A 303 -19.05 4.69 -19.71
N ASN A 304 -19.87 5.68 -19.43
CA ASN A 304 -21.31 5.52 -19.66
C ASN A 304 -21.66 5.44 -21.14
N ILE A 305 -21.03 6.25 -21.98
CA ILE A 305 -21.31 6.21 -23.41
C ILE A 305 -20.78 4.89 -23.99
N ILE A 306 -19.68 4.39 -23.53
CA ILE A 306 -19.21 3.05 -23.94
C ILE A 306 -20.23 1.93 -23.58
N ASP A 307 -20.73 1.98 -22.37
CA ASP A 307 -21.83 1.10 -21.95
C ASP A 307 -23.06 1.18 -22.87
N THR A 308 -23.42 2.42 -23.20
CA THR A 308 -24.53 2.69 -24.09
C THR A 308 -24.27 2.11 -25.49
N MET A 309 -23.05 2.24 -26.01
CA MET A 309 -22.72 1.74 -27.33
C MET A 309 -22.71 0.18 -27.34
N ILE A 310 -22.20 -0.42 -26.30
CA ILE A 310 -22.25 -1.87 -26.14
C ILE A 310 -23.71 -2.36 -26.11
N THR A 311 -24.55 -1.67 -25.35
CA THR A 311 -25.96 -2.01 -25.29
C THR A 311 -26.60 -1.88 -26.67
N ASP A 312 -26.28 -0.80 -27.39
CA ASP A 312 -26.82 -0.61 -28.74
C ASP A 312 -26.38 -1.76 -29.70
N ALA A 313 -25.15 -2.22 -29.55
CA ALA A 313 -24.64 -3.37 -30.31
C ALA A 313 -25.35 -4.69 -29.97
N PHE A 314 -25.55 -4.95 -28.69
CA PHE A 314 -26.35 -6.10 -28.27
C PHE A 314 -27.74 -6.06 -28.81
N LEU A 315 -28.34 -4.90 -28.82
CA LEU A 315 -29.71 -4.75 -29.38
C LEU A 315 -29.75 -5.07 -30.85
N LYS A 316 -28.75 -4.60 -31.59
CA LYS A 316 -28.66 -4.87 -32.99
C LYS A 316 -28.32 -6.34 -33.30
N ALA A 317 -27.59 -6.98 -32.41
CA ALA A 317 -27.24 -8.37 -32.57
C ALA A 317 -28.24 -9.38 -32.06
N ASP A 318 -29.23 -8.91 -31.27
CA ASP A 318 -30.07 -9.79 -30.48
C ASP A 318 -30.80 -10.86 -31.30
N ASP A 319 -31.21 -10.59 -32.54
CA ASP A 319 -31.88 -11.63 -33.34
C ASP A 319 -30.92 -12.74 -33.82
N TYR A 320 -29.61 -12.57 -33.71
CA TYR A 320 -28.65 -13.41 -34.39
C TYR A 320 -27.63 -14.19 -33.53
N ILE A 321 -27.39 -13.78 -32.31
CA ILE A 321 -26.54 -14.54 -31.41
C ILE A 321 -27.47 -15.57 -30.75
N GLU A 322 -27.02 -16.81 -30.70
CA GLU A 322 -27.85 -17.94 -30.18
C GLU A 322 -27.16 -18.53 -28.97
N ILE A 323 -27.97 -18.76 -27.94
CA ILE A 323 -27.47 -19.32 -26.70
C ILE A 323 -28.34 -20.51 -26.40
N THR A 324 -27.75 -21.68 -26.34
CA THR A 324 -28.48 -22.93 -26.07
C THR A 324 -28.76 -23.09 -24.57
N GLY A 325 -29.99 -23.42 -24.25
CA GLY A 325 -30.44 -23.65 -22.89
C GLY A 325 -31.00 -25.04 -22.70
N ALA A 326 -31.92 -25.17 -21.75
CA ALA A 326 -32.44 -26.46 -21.37
C ALA A 326 -33.17 -27.12 -22.55
N GLY A 327 -32.97 -28.44 -22.70
CA GLY A 327 -33.63 -29.24 -23.72
C GLY A 327 -33.21 -28.84 -25.13
N GLY A 328 -31.99 -28.31 -25.29
CA GLY A 328 -31.54 -27.75 -26.58
C GLY A 328 -32.30 -26.52 -27.19
N LYS A 329 -33.30 -25.96 -26.47
CA LYS A 329 -33.95 -24.72 -26.88
C LYS A 329 -32.93 -23.54 -27.04
N LYS A 330 -33.22 -22.69 -27.99
CA LYS A 330 -32.36 -21.57 -28.34
C LYS A 330 -32.92 -20.28 -27.74
N TYR A 331 -32.02 -19.49 -27.20
CA TYR A 331 -32.35 -18.22 -26.59
C TYR A 331 -31.48 -17.12 -27.22
N ARG A 332 -31.92 -15.89 -27.02
CA ARG A 332 -31.23 -14.73 -27.49
C ARG A 332 -30.66 -14.08 -26.26
N ILE A 333 -29.84 -13.05 -26.51
CA ILE A 333 -29.29 -12.29 -25.47
C ILE A 333 -30.42 -11.79 -24.53
N SER A 334 -31.50 -11.31 -25.13
CA SER A 334 -32.61 -10.75 -24.31
C SER A 334 -33.50 -11.80 -23.67
N THR A 335 -33.49 -13.04 -24.17
CA THR A 335 -34.33 -14.09 -23.59
C THR A 335 -33.57 -15.08 -22.70
N ALA A 336 -32.27 -14.95 -22.62
CA ALA A 336 -31.50 -15.86 -21.82
C ALA A 336 -31.85 -15.80 -20.34
N ILE A 337 -32.36 -14.65 -19.88
CA ILE A 337 -32.89 -14.52 -18.50
C ILE A 337 -34.08 -15.44 -18.15
N ASP A 338 -34.70 -16.02 -19.14
CA ASP A 338 -35.82 -16.96 -18.98
C ASP A 338 -35.40 -18.42 -18.86
N ASP A 339 -34.12 -18.72 -18.90
CA ASP A 339 -33.66 -20.08 -18.73
C ASP A 339 -32.27 -20.07 -18.15
N MET A 340 -32.13 -20.55 -16.95
CA MET A 340 -30.83 -20.39 -16.23
C MET A 340 -29.72 -21.20 -16.86
N GLU A 341 -30.05 -22.26 -17.59
CA GLU A 341 -29.00 -22.98 -18.31
C GLU A 341 -28.37 -22.10 -19.39
N ALA A 342 -29.20 -21.34 -20.10
CA ALA A 342 -28.74 -20.40 -21.11
C ALA A 342 -28.07 -19.21 -20.43
N TYR A 343 -28.68 -18.69 -19.37
CA TYR A 343 -28.08 -17.55 -18.65
C TYR A 343 -26.66 -17.84 -18.11
N THR A 344 -26.46 -19.09 -17.70
CA THR A 344 -25.15 -19.53 -17.25
C THR A 344 -24.06 -19.26 -18.29
N LYS A 345 -24.43 -19.30 -19.56
CA LYS A 345 -23.50 -19.09 -20.66
C LYS A 345 -23.54 -17.68 -21.28
N LEU A 346 -24.15 -16.73 -20.58
CA LEU A 346 -24.26 -15.37 -21.06
C LEU A 346 -23.36 -14.46 -20.28
N THR A 347 -22.22 -14.08 -20.88
CA THR A 347 -21.17 -13.40 -20.20
C THR A 347 -20.62 -12.33 -21.14
N ASP A 348 -19.55 -11.69 -20.73
CA ASP A 348 -18.90 -10.64 -21.55
C ASP A 348 -18.42 -11.17 -22.89
N ASN A 349 -18.24 -12.48 -23.04
CA ASN A 349 -17.95 -13.11 -24.31
C ASN A 349 -18.85 -12.65 -25.45
N ILE A 350 -20.09 -12.29 -25.15
CA ILE A 350 -21.01 -11.89 -26.20
C ILE A 350 -20.42 -10.68 -26.99
N PHE A 351 -19.70 -9.80 -26.33
CA PHE A 351 -19.08 -8.65 -26.97
C PHE A 351 -18.08 -9.13 -28.04
N LEU A 352 -17.22 -10.07 -27.68
CA LEU A 352 -16.23 -10.58 -28.62
C LEU A 352 -16.86 -11.48 -29.69
N GLU A 353 -17.93 -12.22 -29.36
CA GLU A 353 -18.65 -12.94 -30.39
C GLU A 353 -19.14 -11.98 -31.48
N ILE A 354 -19.69 -10.83 -31.08
CA ILE A 354 -20.11 -9.84 -32.02
C ILE A 354 -18.91 -9.23 -32.74
N LEU A 355 -17.90 -8.86 -31.99
CA LEU A 355 -16.74 -8.20 -32.58
C LEU A 355 -16.02 -9.05 -33.64
N TYR A 356 -15.95 -10.34 -33.41
CA TYR A 356 -15.22 -11.24 -34.30
C TYR A 356 -16.08 -11.90 -35.33
N SER A 357 -17.39 -11.59 -35.35
CA SER A 357 -18.28 -12.20 -36.30
C SER A 357 -17.94 -11.79 -37.75
N THR A 358 -18.34 -12.61 -38.71
CA THR A 358 -18.21 -12.23 -40.11
C THR A 358 -19.60 -12.18 -40.80
N ASP A 359 -20.63 -12.74 -40.18
CA ASP A 359 -21.94 -12.80 -40.81
C ASP A 359 -22.38 -11.35 -41.19
N PRO A 360 -22.76 -11.09 -42.43
CA PRO A 360 -23.32 -9.75 -42.75
C PRO A 360 -24.58 -9.36 -41.96
N LYS A 361 -25.35 -10.28 -41.42
CA LYS A 361 -26.45 -9.87 -40.55
C LYS A 361 -25.99 -9.17 -39.24
N LEU A 362 -24.74 -9.50 -38.78
CA LEU A 362 -24.17 -8.85 -37.63
C LEU A 362 -23.38 -7.59 -37.93
N LYS A 363 -23.38 -7.16 -39.16
CA LYS A 363 -22.55 -6.06 -39.58
C LYS A 363 -22.78 -4.77 -38.81
N ASP A 364 -24.01 -4.34 -38.64
CA ASP A 364 -24.28 -3.10 -37.92
C ASP A 364 -23.84 -3.21 -36.46
N ALA A 365 -24.11 -4.34 -35.80
CA ALA A 365 -23.70 -4.52 -34.45
C ALA A 365 -22.16 -4.50 -34.31
N ARG A 366 -21.49 -5.26 -35.18
CA ARG A 366 -20.05 -5.34 -35.20
C ARG A 366 -19.42 -3.97 -35.45
N GLU A 367 -20.02 -3.19 -36.32
CA GLU A 367 -19.48 -1.86 -36.63
C GLU A 367 -19.54 -0.91 -35.47
N ILE A 368 -20.58 -0.97 -34.65
CA ILE A 368 -20.57 -0.20 -33.40
C ILE A 368 -19.36 -0.56 -32.51
N LEU A 369 -19.13 -1.88 -32.27
CA LEU A 369 -18.04 -2.25 -31.44
C LEU A 369 -16.68 -1.85 -32.02
N LYS A 370 -16.53 -1.96 -33.33
CA LYS A 370 -15.33 -1.50 -34.01
C LYS A 370 -15.12 -0.01 -33.79
N GLN A 371 -16.18 0.75 -33.70
CA GLN A 371 -16.03 2.16 -33.48
C GLN A 371 -15.57 2.43 -32.07
N ILE A 372 -15.96 1.61 -31.10
CA ILE A 372 -15.42 1.70 -29.80
C ILE A 372 -13.87 1.50 -29.84
N GLU A 373 -13.39 0.50 -30.58
CA GLU A 373 -11.93 0.28 -30.65
C GLU A 373 -11.17 1.43 -31.26
N TYR A 374 -11.72 2.08 -32.27
CA TYR A 374 -11.11 3.23 -32.85
C TYR A 374 -11.31 4.49 -32.04
N ARG A 375 -12.10 4.41 -30.97
CA ARG A 375 -12.44 5.54 -30.15
C ARG A 375 -13.25 6.57 -30.90
N ASN A 376 -14.08 6.13 -31.85
CA ASN A 376 -15.04 7.00 -32.54
C ASN A 376 -16.35 6.94 -31.73
N LEU A 377 -16.42 7.65 -30.61
CA LEU A 377 -17.54 7.44 -29.70
C LEU A 377 -18.72 8.33 -30.00
N PHE A 378 -19.98 7.97 -29.58
CA PHE A 378 -21.07 8.92 -29.64
C PHE A 378 -20.66 10.16 -28.79
N LYS A 379 -21.00 11.36 -29.24
CA LYS A 379 -20.36 12.56 -28.73
C LYS A 379 -21.19 13.26 -27.69
N TYR A 380 -20.54 13.66 -26.61
CA TYR A 380 -21.11 14.39 -25.53
C TYR A 380 -21.57 15.77 -25.94
N VAL A 381 -22.82 16.13 -25.68
CA VAL A 381 -23.40 17.40 -26.11
C VAL A 381 -23.51 18.33 -24.92
N GLY A 382 -23.91 17.82 -23.78
CA GLY A 382 -24.01 18.57 -22.54
C GLY A 382 -24.79 17.91 -21.42
N GLU A 383 -24.97 18.65 -20.35
CA GLU A 383 -25.45 18.16 -19.08
C GLU A 383 -26.36 19.20 -18.39
N THR A 384 -27.38 18.74 -17.70
CA THR A 384 -28.30 19.58 -16.95
C THR A 384 -28.80 18.82 -15.70
N GLN A 385 -29.49 19.51 -14.82
CA GLN A 385 -30.11 18.86 -13.65
C GLN A 385 -31.56 19.38 -13.54
N PRO A 386 -32.47 18.50 -13.08
CA PRO A 386 -33.81 19.02 -12.67
C PRO A 386 -33.67 19.93 -11.46
N THR A 387 -34.59 20.89 -11.35
CA THR A 387 -34.67 21.79 -10.23
C THR A 387 -35.58 21.19 -9.15
N GLY A 388 -35.21 21.46 -7.91
CA GLY A 388 -35.95 20.93 -6.76
C GLY A 388 -35.66 19.46 -6.44
N GLN A 389 -36.71 18.74 -6.07
CA GLN A 389 -36.71 17.32 -5.74
C GLN A 389 -37.42 16.53 -6.88
N ILE A 390 -37.54 17.14 -8.06
CA ILE A 390 -38.08 16.56 -9.29
C ILE A 390 -37.17 15.43 -9.76
N LYS A 391 -37.77 14.29 -10.12
CA LYS A 391 -37.03 13.18 -10.62
C LYS A 391 -37.78 12.63 -11.82
N ILE A 392 -37.05 12.48 -12.91
CA ILE A 392 -37.51 11.78 -14.07
C ILE A 392 -37.43 10.28 -13.73
N LYS A 393 -38.54 9.59 -13.95
CA LYS A 393 -38.71 8.20 -13.54
C LYS A 393 -38.30 7.32 -14.68
N ARG A 394 -37.89 6.10 -14.38
CA ARG A 394 -37.42 5.15 -15.41
C ARG A 394 -38.34 4.95 -16.64
N GLU A 395 -39.64 4.99 -16.43
CA GLU A 395 -40.56 4.67 -17.50
C GLU A 395 -40.76 5.88 -18.44
N ASP A 396 -40.22 7.03 -18.06
CA ASP A 396 -40.05 8.12 -19.01
C ASP A 396 -38.75 8.16 -19.79
N TYR A 397 -37.82 7.27 -19.53
CA TYR A 397 -36.48 7.37 -20.18
C TYR A 397 -36.60 7.34 -21.71
N GLU A 398 -37.35 6.40 -22.25
CA GLU A 398 -37.40 6.20 -23.71
C GLU A 398 -38.09 7.33 -24.47
N SER A 399 -38.95 8.08 -23.81
CA SER A 399 -39.53 9.29 -24.41
C SER A 399 -38.56 10.51 -24.51
N LEU A 400 -37.42 10.50 -23.81
CA LEU A 400 -36.61 11.74 -23.76
C LEU A 400 -35.92 12.10 -25.09
N PRO A 401 -35.33 11.13 -25.81
CA PRO A 401 -34.74 11.49 -27.10
C PRO A 401 -35.73 12.14 -28.04
N LYS A 402 -36.99 11.70 -28.03
CA LYS A 402 -38.00 12.36 -28.94
C LYS A 402 -38.31 13.77 -28.50
N GLU A 403 -38.31 14.01 -27.19
CA GLU A 403 -38.55 15.37 -26.70
C GLU A 403 -37.41 16.32 -27.11
N VAL A 404 -36.17 15.87 -27.01
CA VAL A 404 -35.03 16.72 -27.41
C VAL A 404 -35.12 17.05 -28.90
N ALA A 405 -35.38 16.04 -29.70
CA ALA A 405 -35.47 16.20 -31.16
C ALA A 405 -36.65 17.08 -31.56
N SER A 406 -37.75 17.05 -30.81
CA SER A 406 -38.93 17.93 -31.04
C SER A 406 -38.81 19.34 -30.52
N ALA A 407 -37.77 19.65 -29.76
CA ALA A 407 -37.55 21.04 -29.32
C ALA A 407 -37.34 21.94 -30.55
N LYS A 408 -37.72 23.21 -30.42
CA LYS A 408 -37.75 24.17 -31.52
C LYS A 408 -36.79 25.31 -31.26
N PRO A 409 -35.50 25.13 -31.54
CA PRO A 409 -34.53 26.07 -31.05
C PRO A 409 -34.48 27.55 -31.40
N LYS A 410 -33.46 28.11 -30.73
CA LYS A 410 -33.02 29.55 -30.61
C LYS A 410 -32.87 30.22 -31.98
N VAL A 411 -32.08 29.58 -32.86
CA VAL A 411 -31.80 30.08 -34.20
C VAL A 411 -32.02 28.93 -35.20
N LEU A 412 -32.47 29.28 -36.40
CA LEU A 412 -32.69 28.30 -37.46
C LEU A 412 -31.45 27.47 -37.80
N LEU A 413 -31.70 26.22 -38.12
CA LEU A 413 -30.66 25.19 -38.39
C LEU A 413 -30.67 24.51 -39.77
N ASP A 414 -29.46 24.35 -40.30
CA ASP A 414 -29.14 23.60 -41.54
C ASP A 414 -29.42 22.10 -41.45
N VAL A 415 -28.92 21.45 -40.39
CA VAL A 415 -29.21 20.04 -40.13
C VAL A 415 -30.44 19.92 -39.23
N LYS A 416 -31.20 18.88 -39.52
CA LYS A 416 -32.33 18.42 -38.73
C LYS A 416 -31.96 17.04 -38.15
N LEU A 417 -32.13 16.85 -36.86
CA LEU A 417 -31.80 15.58 -36.24
C LEU A 417 -33.07 14.90 -35.80
N LYS A 418 -33.05 13.57 -35.71
CA LYS A 418 -34.20 12.80 -35.24
C LYS A 418 -33.97 12.20 -33.89
N ALA A 419 -35.05 11.69 -33.32
CA ALA A 419 -35.05 11.03 -32.02
C ALA A 419 -33.96 10.00 -31.87
N GLU A 420 -33.84 9.10 -32.87
CA GLU A 420 -32.78 8.06 -32.76
C GLU A 420 -31.31 8.58 -32.88
N ASP A 421 -31.08 9.84 -33.25
CA ASP A 421 -29.76 10.47 -33.21
C ASP A 421 -29.29 10.91 -31.80
N PHE A 422 -30.19 10.88 -30.80
CA PHE A 422 -29.86 11.38 -29.46
C PHE A 422 -29.85 10.26 -28.46
N ILE A 423 -28.91 10.27 -27.53
CA ILE A 423 -28.99 9.51 -26.33
C ILE A 423 -29.12 10.47 -25.13
N VAL A 424 -29.98 10.14 -24.19
CA VAL A 424 -30.31 10.97 -23.02
C VAL A 424 -30.11 10.01 -21.86
N ASP A 425 -29.06 10.21 -21.07
CA ASP A 425 -28.69 9.32 -20.00
C ASP A 425 -29.04 10.03 -18.67
N VAL A 426 -29.92 9.40 -17.86
CA VAL A 426 -30.40 9.95 -16.65
C VAL A 426 -29.67 9.29 -15.53
N ILE A 427 -29.01 10.06 -14.67
CA ILE A 427 -28.15 9.44 -13.63
C ILE A 427 -28.64 9.90 -12.26
N ASN A 428 -28.94 8.96 -11.39
CA ASN A 428 -29.39 9.26 -10.01
C ASN A 428 -28.19 9.14 -9.13
N MET A 429 -27.84 10.18 -8.40
CA MET A 429 -26.75 10.15 -7.41
C MET A 429 -27.43 10.36 -6.09
N ASP A 430 -27.27 9.41 -5.19
CA ASP A 430 -27.98 9.49 -3.89
C ASP A 430 -27.26 8.65 -2.89
N TYR A 431 -27.71 8.71 -1.64
CA TYR A 431 -27.09 7.89 -0.56
C TYR A 431 -27.75 6.49 -0.42
N GLY A 432 -28.36 5.96 -1.47
CA GLY A 432 -28.87 4.55 -1.48
C GLY A 432 -30.30 4.40 -1.00
N MET A 433 -30.96 5.48 -0.56
CA MET A 433 -32.30 5.43 -0.03
C MET A 433 -33.17 6.54 -0.59
N GLN A 434 -33.03 6.74 -1.92
CA GLN A 434 -33.74 7.77 -2.67
C GLN A 434 -33.46 9.13 -1.94
N GLU A 435 -34.50 9.89 -1.59
CA GLU A 435 -34.38 11.16 -0.95
C GLU A 435 -33.98 11.09 0.55
N LYS A 436 -33.92 9.90 1.11
CA LYS A 436 -33.73 9.76 2.54
C LYS A 436 -32.28 9.77 2.99
N ASN A 437 -32.10 10.26 4.20
CA ASN A 437 -30.80 10.20 4.88
C ASN A 437 -30.70 8.78 5.48
N PRO A 438 -29.78 7.96 5.00
CA PRO A 438 -29.67 6.59 5.53
C PRO A 438 -29.27 6.51 7.00
N ILE A 439 -28.63 7.56 7.53
CA ILE A 439 -28.21 7.61 8.96
C ILE A 439 -29.40 7.77 9.90
N ASP A 440 -30.52 8.31 9.39
CA ASP A 440 -31.79 8.25 10.16
C ASP A 440 -32.32 6.81 10.39
N HIS A 441 -31.82 5.84 9.65
CA HIS A 441 -32.21 4.44 9.77
C HIS A 441 -31.10 3.56 10.34
N VAL A 442 -30.13 4.17 11.01
CA VAL A 442 -29.12 3.44 11.75
C VAL A 442 -29.40 3.62 13.20
N SER A 443 -29.09 2.59 13.96
CA SER A 443 -29.21 2.65 15.43
C SER A 443 -27.79 2.61 16.06
N PHE A 444 -27.61 3.28 17.17
CA PHE A 444 -26.32 3.44 17.80
C PHE A 444 -26.35 2.98 19.25
N TYR A 445 -25.17 2.67 19.81
CA TYR A 445 -25.02 2.46 21.27
C TYR A 445 -23.93 3.37 21.79
N CYS A 446 -24.01 3.67 23.08
CA CYS A 446 -23.06 4.51 23.81
C CYS A 446 -22.24 3.60 24.67
N LYS A 447 -21.03 4.08 24.92
CA LYS A 447 -20.04 3.36 25.71
C LYS A 447 -20.55 3.05 27.11
N THR A 448 -21.34 3.96 27.68
CA THR A 448 -21.80 3.73 29.03
C THR A 448 -23.02 2.78 29.13
N ALA A 449 -23.67 2.41 28.01
CA ALA A 449 -24.79 1.43 28.07
C ALA A 449 -24.84 0.71 26.75
N PRO A 450 -23.91 -0.25 26.56
CA PRO A 450 -23.75 -0.81 25.25
C PRO A 450 -24.87 -1.68 24.76
N ASN A 451 -25.82 -2.02 25.60
CA ASN A 451 -27.00 -2.75 25.18
C ASN A 451 -28.20 -1.90 24.88
N ARG A 452 -28.11 -0.59 25.04
CA ARG A 452 -29.22 0.30 24.81
C ARG A 452 -29.02 1.09 23.47
N ALA A 453 -29.91 0.83 22.53
CA ALA A 453 -29.87 1.45 21.24
C ALA A 453 -30.44 2.83 21.26
N ILE A 454 -29.87 3.76 20.52
CA ILE A 454 -30.42 5.10 20.42
C ILE A 454 -30.41 5.55 18.98
N ARG A 455 -31.02 6.69 18.71
CA ARG A 455 -30.96 7.35 17.43
C ARG A 455 -30.13 8.60 17.48
N ILE A 456 -29.59 9.00 16.35
CA ILE A 456 -28.89 10.27 16.23
C ILE A 456 -29.42 11.10 15.04
N THR A 457 -29.87 12.31 15.24
CA THR A 457 -30.31 13.16 14.10
C THR A 457 -29.14 13.87 13.44
N LYS A 458 -29.39 14.39 12.24
CA LYS A 458 -28.33 15.09 11.49
C LYS A 458 -27.76 16.35 12.18
N ASN A 459 -28.67 17.15 12.75
CA ASN A 459 -28.42 18.27 13.69
C ASN A 459 -27.34 17.98 14.77
N GLN A 460 -27.46 16.76 15.32
CA GLN A 460 -26.54 16.35 16.39
C GLN A 460 -25.17 16.02 15.86
N VAL A 461 -24.99 15.86 14.55
CA VAL A 461 -23.70 15.43 14.05
C VAL A 461 -22.86 16.60 13.58
N SER A 462 -23.31 17.36 12.60
CA SER A 462 -22.33 18.37 11.94
C SER A 462 -23.13 19.21 11.02
N GLN A 463 -22.90 20.52 11.08
CA GLN A 463 -23.53 21.47 10.15
C GLN A 463 -22.83 21.54 8.79
N LEU A 464 -21.73 20.83 8.60
CA LEU A 464 -21.10 20.76 7.31
C LEU A 464 -21.58 19.61 6.46
N LEU A 465 -22.60 18.89 6.84
CA LEU A 465 -23.00 17.71 6.08
C LEU A 465 -24.00 18.17 4.96
N PRO A 466 -24.33 17.30 4.01
CA PRO A 466 -25.26 17.71 2.92
C PRO A 466 -26.66 18.01 3.46
N GLU A 467 -27.40 18.91 2.82
CA GLU A 467 -28.80 19.10 3.21
C GLU A 467 -29.75 18.28 2.39
N LYS A 468 -29.30 17.73 1.26
CA LYS A 468 -30.08 16.81 0.46
C LYS A 468 -29.32 15.54 0.22
N PHE A 469 -30.04 14.47 -0.07
CA PHE A 469 -29.46 13.17 -0.20
C PHE A 469 -29.66 12.47 -1.53
N ALA A 470 -30.28 13.18 -2.47
CA ALA A 470 -30.39 12.66 -3.83
C ALA A 470 -30.40 13.83 -4.81
N GLU A 471 -29.86 13.55 -5.98
CA GLU A 471 -29.94 14.45 -7.09
C GLU A 471 -29.85 13.63 -8.39
N GLN A 472 -30.19 14.27 -9.47
CA GLN A 472 -30.22 13.58 -10.79
C GLN A 472 -29.42 14.44 -11.76
N LEU A 473 -28.63 13.83 -12.61
CA LEU A 473 -27.95 14.53 -13.71
C LEU A 473 -28.46 13.96 -15.00
N ILE A 474 -28.65 14.78 -15.99
CA ILE A 474 -29.08 14.35 -17.29
C ILE A 474 -27.98 14.69 -18.32
N ARG A 475 -27.38 13.70 -18.97
CA ARG A 475 -26.36 13.91 -19.99
C ARG A 475 -26.95 13.61 -21.38
N VAL A 476 -26.69 14.45 -22.36
CA VAL A 476 -27.15 14.21 -23.73
C VAL A 476 -25.91 13.98 -24.62
N TYR A 477 -26.06 13.04 -25.54
CA TYR A 477 -25.07 12.71 -26.53
C TYR A 477 -25.72 12.61 -27.91
N CYS A 478 -24.92 12.78 -28.96
CA CYS A 478 -25.38 12.71 -30.34
C CYS A 478 -24.62 11.63 -31.06
N LYS A 479 -25.33 10.80 -31.85
CA LYS A 479 -24.68 9.73 -32.62
C LYS A 479 -24.14 10.25 -33.94
N LYS A 480 -24.54 11.43 -34.38
CA LYS A 480 -23.97 12.07 -35.56
C LYS A 480 -22.85 12.97 -35.07
N VAL A 481 -21.64 12.71 -35.55
CA VAL A 481 -20.43 13.28 -34.97
C VAL A 481 -19.79 14.36 -35.76
N ASP A 482 -20.31 14.69 -36.93
CA ASP A 482 -19.78 15.82 -37.69
C ASP A 482 -20.08 17.17 -37.00
N ARG A 483 -19.31 18.19 -37.35
CA ARG A 483 -19.33 19.45 -36.61
C ARG A 483 -20.65 20.22 -36.71
N LYS A 484 -21.36 20.05 -37.83
CA LYS A 484 -22.69 20.68 -38.00
C LYS A 484 -23.78 19.97 -37.23
N SER A 485 -23.72 18.63 -37.19
CA SER A 485 -24.68 17.87 -36.42
C SER A 485 -24.57 18.18 -34.93
N LEU A 486 -23.35 18.28 -34.46
CA LEU A 486 -23.07 18.52 -33.05
C LEU A 486 -23.47 19.91 -32.64
N TYR A 487 -23.23 20.88 -33.51
CA TYR A 487 -23.68 22.24 -33.24
C TYR A 487 -25.19 22.27 -33.10
N ALA A 488 -25.90 21.62 -34.04
CA ALA A 488 -27.38 21.58 -34.01
C ALA A 488 -27.88 20.82 -32.76
N ALA A 489 -27.27 19.68 -32.44
CA ALA A 489 -27.63 18.87 -31.27
C ALA A 489 -27.58 19.69 -29.97
N ARG A 490 -26.56 20.57 -29.87
CA ARG A 490 -26.43 21.47 -28.74
C ARG A 490 -27.61 22.50 -28.63
N GLN A 491 -28.10 22.97 -29.78
CA GLN A 491 -29.19 23.94 -29.78
C GLN A 491 -30.50 23.25 -29.39
N TYR A 492 -30.72 22.02 -29.90
CA TYR A 492 -31.89 21.24 -29.48
C TYR A 492 -31.85 21.02 -27.96
N PHE A 493 -30.69 20.63 -27.48
CA PHE A 493 -30.48 20.34 -26.08
C PHE A 493 -30.77 21.55 -25.22
N VAL A 494 -30.20 22.70 -25.53
CA VAL A 494 -30.34 23.89 -24.70
C VAL A 494 -31.82 24.33 -24.72
N GLN A 495 -32.46 24.20 -25.88
CA GLN A 495 -33.87 24.57 -25.95
C GLN A 495 -34.73 23.64 -25.06
N TRP A 496 -34.45 22.32 -25.13
CA TRP A 496 -35.13 21.36 -24.33
C TRP A 496 -35.03 21.68 -22.84
N CYS A 497 -33.80 21.96 -22.39
CA CYS A 497 -33.57 22.40 -21.00
C CYS A 497 -34.44 23.57 -20.62
N ALA A 498 -34.56 24.59 -21.48
CA ALA A 498 -35.34 25.74 -21.19
C ALA A 498 -36.87 25.39 -21.13
N ASP A 499 -37.29 24.51 -22.03
CA ASP A 499 -38.71 24.05 -22.10
C ASP A 499 -39.10 23.26 -20.82
N ARG A 500 -38.19 22.45 -20.33
CA ARG A 500 -38.41 21.66 -19.11
C ARG A 500 -38.11 22.39 -17.78
N ASN A 501 -37.69 23.65 -17.84
CA ASN A 501 -37.18 24.36 -16.67
C ASN A 501 -36.08 23.68 -15.91
N PHE A 502 -35.21 23.01 -16.64
CA PHE A 502 -34.01 22.46 -16.04
C PHE A 502 -32.96 23.52 -15.85
N THR A 503 -31.87 23.17 -15.15
CA THR A 503 -30.74 24.13 -15.01
C THR A 503 -30.16 24.47 -16.38
N LYS A 504 -29.80 25.74 -16.54
CA LYS A 504 -29.17 26.24 -17.77
C LYS A 504 -27.83 25.53 -17.96
N PRO A 505 -27.63 24.88 -19.11
CA PRO A 505 -26.38 24.05 -19.15
C PRO A 505 -25.10 24.97 -19.02
N GLN A 506 -24.05 24.48 -18.35
CA GLN A 506 -22.75 25.19 -18.39
C GLN A 506 -22.46 25.16 -19.90
N ASP A 507 -21.89 26.22 -20.40
CA ASP A 507 -21.50 26.15 -21.86
C ASP A 507 -20.35 25.16 -22.07
N GLY A 508 -19.51 24.96 -21.02
CA GLY A 508 -18.43 23.98 -21.09
C GLY A 508 -17.57 24.28 -22.34
N ASP A 509 -17.28 23.22 -23.11
CA ASP A 509 -16.60 23.45 -24.43
C ASP A 509 -17.45 24.05 -25.56
N VAL A 510 -17.12 25.26 -26.05
CA VAL A 510 -17.74 26.08 -27.19
C VAL A 510 -18.57 27.26 -26.62
N THR B 38 -14.36 -2.83 28.30
CA THR B 38 -13.30 -3.79 28.68
C THR B 38 -12.04 -3.67 27.69
N MET B 39 -12.25 -4.16 26.46
CA MET B 39 -11.17 -4.32 25.46
C MET B 39 -10.87 -2.95 24.87
N LYS B 40 -9.61 -2.52 24.78
CA LYS B 40 -9.32 -1.24 24.18
C LYS B 40 -8.90 -1.51 22.71
N VAL B 41 -9.36 -0.65 21.80
CA VAL B 41 -8.98 -0.74 20.40
C VAL B 41 -7.96 0.31 20.09
N ILE B 42 -6.89 -0.09 19.43
CA ILE B 42 -5.80 0.80 19.05
C ILE B 42 -5.63 0.68 17.52
N ASN B 43 -5.49 1.79 16.85
CA ASN B 43 -5.28 1.76 15.35
C ASN B 43 -3.77 1.86 15.12
N ASP B 44 -3.19 0.81 14.60
CA ASP B 44 -1.79 0.78 14.22
C ASP B 44 -1.67 0.83 12.68
N PRO B 45 -0.74 1.60 12.11
CA PRO B 45 -0.68 1.58 10.64
C PRO B 45 -0.29 0.30 10.03
N ILE B 46 0.45 -0.55 10.70
CA ILE B 46 0.86 -1.81 10.12
C ILE B 46 -0.26 -2.87 10.28
N HIS B 47 -0.79 -3.06 11.45
CA HIS B 47 -1.71 -4.16 11.69
C HIS B 47 -3.15 -3.74 11.71
N GLY B 48 -3.44 -2.45 11.62
CA GLY B 48 -4.84 -2.00 11.62
C GLY B 48 -5.36 -1.92 13.05
N HIS B 49 -6.64 -2.18 13.23
CA HIS B 49 -7.27 -2.07 14.56
C HIS B 49 -6.99 -3.34 15.33
N ILE B 50 -6.30 -3.19 16.43
CA ILE B 50 -5.78 -4.23 17.34
C ILE B 50 -6.63 -4.10 18.66
N GLU B 51 -7.02 -5.22 19.25
CA GLU B 51 -7.70 -5.26 20.54
C GLU B 51 -6.67 -5.54 21.65
N LEU B 52 -6.71 -4.75 22.71
CA LEU B 52 -5.85 -5.02 23.90
C LEU B 52 -6.68 -5.38 25.09
N HIS B 53 -6.45 -6.59 25.60
CA HIS B 53 -7.10 -7.04 26.82
C HIS B 53 -6.78 -6.07 27.98
N PRO B 54 -7.69 -5.87 28.93
CA PRO B 54 -7.42 -4.87 29.97
C PRO B 54 -6.15 -5.10 30.83
N LEU B 55 -5.72 -6.34 30.99
CA LEU B 55 -4.46 -6.59 31.69
C LEU B 55 -3.28 -6.01 30.92
N LEU B 56 -3.28 -6.20 29.59
CA LEU B 56 -2.22 -5.64 28.77
C LEU B 56 -2.25 -4.09 28.86
N VAL B 57 -3.42 -3.49 28.91
CA VAL B 57 -3.54 -2.03 28.99
C VAL B 57 -2.88 -1.53 30.31
N ARG B 58 -3.12 -2.26 31.39
CA ARG B 58 -2.52 -1.96 32.71
C ARG B 58 -0.97 -2.04 32.68
N ILE B 59 -0.44 -2.98 31.93
CA ILE B 59 1.01 -3.08 31.70
C ILE B 59 1.55 -1.90 30.85
N ILE B 60 0.82 -1.55 29.81
CA ILE B 60 1.23 -0.50 28.88
C ILE B 60 1.27 0.88 29.54
N ASP B 61 0.31 1.14 30.39
CA ASP B 61 0.13 2.47 30.98
C ASP B 61 0.97 2.58 32.31
N THR B 62 2.28 2.43 32.15
CA THR B 62 3.25 2.50 33.23
C THR B 62 4.42 3.27 32.68
N PRO B 63 5.19 3.96 33.51
CA PRO B 63 6.40 4.66 33.09
C PRO B 63 7.44 3.75 32.45
N GLN B 64 7.48 2.50 32.88
CA GLN B 64 8.46 1.55 32.36
C GLN B 64 8.16 1.12 30.94
N PHE B 65 6.88 1.08 30.57
CA PHE B 65 6.51 0.74 29.21
C PHE B 65 6.48 2.01 28.30
N GLN B 66 5.94 3.09 28.82
CA GLN B 66 5.81 4.35 28.03
C GLN B 66 7.17 4.94 27.64
N ARG B 67 8.18 4.63 28.44
CA ARG B 67 9.57 4.95 28.09
C ARG B 67 9.95 4.61 26.63
N LEU B 68 9.40 3.52 26.13
CA LEU B 68 9.74 3.05 24.78
C LEU B 68 9.24 3.99 23.69
N ARG B 69 8.37 4.95 24.03
CA ARG B 69 8.06 6.05 23.11
C ARG B 69 9.26 6.95 22.78
N TYR B 70 10.33 6.87 23.53
CA TYR B 70 11.41 7.87 23.44
C TYR B 70 12.70 7.17 23.04
N ILE B 71 12.56 5.98 22.48
CA ILE B 71 13.70 5.22 21.95
C ILE B 71 13.42 4.83 20.51
N LYS B 72 14.23 5.35 19.58
CA LYS B 72 14.06 5.06 18.16
C LYS B 72 14.41 3.67 17.85
N GLN B 73 13.55 3.00 17.09
CA GLN B 73 13.73 1.63 16.68
C GLN B 73 15.05 1.48 15.99
N LEU B 74 15.35 2.37 15.05
CA LEU B 74 16.52 2.23 14.20
C LEU B 74 17.68 3.14 14.54
N GLY B 75 17.61 3.80 15.70
CA GLY B 75 18.72 4.62 16.16
C GLY B 75 19.16 5.67 15.18
N GLY B 76 20.44 5.62 14.83
CA GLY B 76 20.98 6.59 13.91
C GLY B 76 20.51 6.45 12.45
N GLY B 77 19.81 5.36 12.11
CA GLY B 77 19.26 5.19 10.82
C GLY B 77 18.25 6.31 10.42
N TYR B 78 17.59 6.93 11.39
CA TYR B 78 16.73 8.11 11.10
C TYR B 78 17.51 9.27 10.43
N TYR B 79 18.79 9.39 10.73
CA TYR B 79 19.63 10.39 10.13
C TYR B 79 20.02 10.10 8.68
N VAL B 80 19.62 8.94 8.17
CA VAL B 80 19.79 8.53 6.79
C VAL B 80 18.47 8.28 6.04
N PHE B 81 17.50 7.68 6.72
CA PHE B 81 16.19 7.41 6.17
C PHE B 81 15.23 8.31 7.01
N PRO B 82 14.75 9.42 6.45
CA PRO B 82 13.99 10.38 7.19
C PRO B 82 12.58 9.90 7.61
N GLY B 83 12.10 8.85 7.03
CA GLY B 83 10.87 8.19 7.46
C GLY B 83 11.02 7.38 8.72
N ALA B 84 12.26 7.05 9.13
CA ALA B 84 12.50 6.06 10.21
C ALA B 84 12.51 6.72 11.58
N SER B 85 11.39 7.38 11.87
CA SER B 85 11.12 8.14 13.12
C SER B 85 10.47 7.25 14.18
N HIS B 86 10.07 6.02 13.80
CA HIS B 86 9.31 5.11 14.70
C HIS B 86 10.16 4.63 15.90
N ASN B 87 9.45 4.42 17.00
CA ASN B 87 10.00 4.11 18.28
C ASN B 87 9.68 2.64 18.72
N ARG B 88 10.41 2.18 19.73
CA ARG B 88 10.22 0.85 20.23
C ARG B 88 8.80 0.57 20.80
N PHE B 89 8.11 1.60 21.22
CA PHE B 89 6.77 1.49 21.77
C PHE B 89 5.81 0.80 20.80
N GLU B 90 5.66 1.40 19.64
CA GLU B 90 4.73 0.90 18.63
C GLU B 90 5.13 -0.48 18.10
N HIS B 91 6.44 -0.71 17.96
CA HIS B 91 6.93 -2.04 17.66
C HIS B 91 6.48 -3.08 18.69
N SER B 92 6.56 -2.73 19.97
CA SER B 92 6.20 -3.62 21.07
C SER B 92 4.76 -3.97 21.02
N LEU B 93 3.89 -3.01 20.75
CA LEU B 93 2.47 -3.31 20.58
C LEU B 93 2.23 -4.32 19.46
N GLY B 94 2.95 -4.15 18.36
CA GLY B 94 2.86 -4.99 17.21
C GLY B 94 3.34 -6.43 17.54
N VAL B 95 4.42 -6.56 18.30
CA VAL B 95 4.95 -7.86 18.73
C VAL B 95 3.95 -8.60 19.59
N GLY B 96 3.38 -7.89 20.55
CA GLY B 96 2.34 -8.47 21.38
C GLY B 96 1.11 -8.95 20.60
N TYR B 97 0.68 -8.12 19.69
CA TYR B 97 -0.42 -8.47 18.77
C TYR B 97 -0.13 -9.75 17.97
N LEU B 98 1.04 -9.81 17.32
CA LEU B 98 1.40 -10.96 16.52
C LEU B 98 1.59 -12.23 17.34
N ALA B 99 2.11 -12.08 18.56
CA ALA B 99 2.28 -13.23 19.42
C ALA B 99 0.92 -13.84 19.70
N GLY B 100 -0.05 -12.97 19.97
CA GLY B 100 -1.47 -13.34 20.19
C GLY B 100 -2.08 -13.99 18.96
N CYS B 101 -1.81 -13.44 17.76
CA CYS B 101 -2.30 -14.01 16.48
C CYS B 101 -1.79 -15.44 16.30
N LEU B 102 -0.51 -15.71 16.53
CA LEU B 102 0.03 -17.03 16.31
C LEU B 102 -0.52 -18.03 17.31
N VAL B 103 -0.46 -17.68 18.58
CA VAL B 103 -0.98 -18.61 19.60
C VAL B 103 -2.47 -18.92 19.42
N HIS B 104 -3.27 -17.90 19.12
CA HIS B 104 -4.70 -18.14 18.81
C HIS B 104 -4.91 -19.06 17.62
N ALA B 105 -4.17 -18.83 16.54
CA ALA B 105 -4.28 -19.65 15.35
C ALA B 105 -3.96 -21.15 15.65
N LEU B 106 -2.88 -21.39 16.42
CA LEU B 106 -2.52 -22.76 16.74
C LEU B 106 -3.61 -23.41 17.57
N GLY B 107 -4.15 -22.67 18.55
CA GLY B 107 -5.21 -23.18 19.44
C GLY B 107 -6.52 -23.47 18.74
N GLU B 108 -6.91 -22.61 17.79
CA GLU B 108 -8.12 -22.84 17.00
C GLU B 108 -8.02 -24.04 16.07
N LYS B 109 -6.90 -24.24 15.39
CA LYS B 109 -6.72 -25.38 14.49
C LYS B 109 -6.46 -26.68 15.23
N GLN B 110 -5.82 -26.62 16.41
CA GLN B 110 -5.43 -27.81 17.17
C GLN B 110 -5.92 -27.72 18.63
N PRO B 111 -7.23 -27.94 18.86
CA PRO B 111 -7.74 -27.93 20.24
C PRO B 111 -7.04 -28.95 21.14
N GLU B 112 -6.49 -30.02 20.56
CA GLU B 112 -5.75 -30.99 21.38
C GLU B 112 -4.48 -30.48 22.09
N LEU B 113 -3.97 -29.31 21.72
CA LEU B 113 -2.83 -28.74 22.39
C LEU B 113 -3.22 -28.18 23.77
N GLN B 114 -4.52 -27.98 24.00
CA GLN B 114 -5.07 -27.43 25.22
C GLN B 114 -4.54 -26.07 25.58
N ILE B 115 -4.41 -25.20 24.57
CA ILE B 115 -3.97 -23.85 24.82
C ILE B 115 -5.08 -23.12 25.54
N SER B 116 -4.79 -22.56 26.70
CA SER B 116 -5.83 -21.91 27.52
C SER B 116 -5.78 -20.39 27.32
N GLU B 117 -6.81 -19.71 27.80
CA GLU B 117 -6.84 -18.21 27.70
C GLU B 117 -5.69 -17.61 28.54
N ARG B 118 -5.36 -18.28 29.64
CA ARG B 118 -4.21 -17.93 30.42
C ARG B 118 -2.87 -17.97 29.61
N ASP B 119 -2.71 -19.05 28.85
CA ASP B 119 -1.52 -19.21 27.98
C ASP B 119 -1.46 -18.08 26.96
N VAL B 120 -2.58 -17.77 26.37
CA VAL B 120 -2.65 -16.73 25.36
C VAL B 120 -2.22 -15.39 25.95
N LEU B 121 -2.78 -15.04 27.08
CA LEU B 121 -2.41 -13.78 27.75
C LEU B 121 -0.93 -13.74 28.10
N CYS B 122 -0.38 -14.85 28.60
CA CYS B 122 1.05 -14.88 28.93
C CYS B 122 1.94 -14.71 27.73
N VAL B 123 1.56 -15.31 26.60
CA VAL B 123 2.33 -15.18 25.37
C VAL B 123 2.23 -13.71 24.88
N GLN B 124 1.06 -13.12 24.96
CA GLN B 124 0.89 -11.70 24.57
C GLN B 124 1.70 -10.77 25.44
N ILE B 125 1.75 -11.04 26.76
CA ILE B 125 2.48 -10.17 27.65
C ILE B 125 3.97 -10.27 27.30
N ALA B 126 4.47 -11.48 27.09
CA ALA B 126 5.87 -11.64 26.68
C ALA B 126 6.20 -10.96 25.36
N GLY B 127 5.32 -11.05 24.38
CA GLY B 127 5.56 -10.34 23.15
C GLY B 127 5.61 -8.83 23.37
N LEU B 128 4.68 -8.32 24.19
CA LEU B 128 4.62 -6.90 24.46
C LEU B 128 5.82 -6.43 25.17
N CYS B 129 6.37 -7.26 26.07
CA CYS B 129 7.43 -6.81 26.96
C CYS B 129 8.83 -7.16 26.52
N ARG B 130 8.99 -7.86 25.39
CA ARG B 130 10.34 -8.27 25.07
C ARG B 130 11.28 -7.20 24.63
N ASN B 131 10.80 -5.99 24.33
CA ASN B 131 11.69 -4.87 23.99
C ASN B 131 11.89 -3.87 25.16
N LEU B 132 11.49 -4.20 26.39
CA LEU B 132 11.56 -3.27 27.49
C LEU B 132 12.98 -2.91 27.84
N GLY B 133 13.93 -3.81 27.61
CA GLY B 133 15.33 -3.57 27.98
C GLY B 133 16.18 -2.74 27.02
N HIS B 134 15.63 -2.33 25.89
CA HIS B 134 16.40 -1.50 24.97
C HIS B 134 16.76 -0.16 25.60
N GLY B 135 17.91 0.34 25.19
CA GLY B 135 18.46 1.60 25.66
C GLY B 135 18.44 2.63 24.56
N PRO B 136 18.96 3.83 24.84
CA PRO B 136 19.03 4.92 23.86
C PRO B 136 19.54 4.46 22.50
N PHE B 137 18.80 4.80 21.46
CA PHE B 137 19.11 4.45 20.08
C PHE B 137 19.16 2.94 19.81
N SER B 138 18.42 2.14 20.62
CA SER B 138 18.30 0.71 20.43
C SER B 138 19.62 0.00 20.25
N HIS B 139 19.89 -0.62 19.09
CA HIS B 139 21.14 -1.39 18.97
C HIS B 139 22.46 -0.66 19.17
N MET B 140 22.51 0.63 18.98
CA MET B 140 23.68 1.34 19.34
C MET B 140 24.08 1.12 20.83
N PHE B 141 23.10 1.04 21.71
CA PHE B 141 23.38 0.98 23.15
C PHE B 141 24.02 -0.32 23.59
N ASP B 142 23.39 -1.42 23.25
CA ASP B 142 23.91 -2.71 23.62
C ASP B 142 25.01 -3.23 22.66
N GLY B 143 24.96 -2.82 21.41
CA GLY B 143 25.94 -3.22 20.39
C GLY B 143 27.21 -2.40 20.37
N ARG B 144 27.16 -1.12 20.73
CA ARG B 144 28.39 -0.27 20.65
C ARG B 144 28.75 0.35 22.01
N PHE B 145 27.79 0.96 22.67
CA PHE B 145 28.11 1.77 23.85
C PHE B 145 28.51 0.94 25.08
N ILE B 146 27.63 0.03 25.50
CA ILE B 146 27.92 -0.73 26.69
C ILE B 146 29.22 -1.56 26.57
N PRO B 147 29.43 -2.24 25.44
CA PRO B 147 30.69 -2.99 25.34
C PRO B 147 31.92 -2.11 25.53
N LEU B 148 31.88 -0.84 25.09
CA LEU B 148 33.01 0.05 25.29
C LEU B 148 33.03 0.70 26.70
N ALA B 149 31.90 1.10 27.24
CA ALA B 149 31.87 1.76 28.56
C ALA B 149 32.04 0.79 29.71
N ARG B 150 31.50 -0.43 29.61
CA ARG B 150 31.53 -1.41 30.72
C ARG B 150 32.05 -2.74 30.17
N PRO B 151 33.34 -2.81 29.77
CA PRO B 151 33.87 -4.01 29.10
C PRO B 151 33.79 -5.32 29.94
N GLU B 152 33.84 -5.17 31.26
CA GLU B 152 33.69 -6.27 32.24
C GLU B 152 32.28 -6.90 32.40
N VAL B 153 31.24 -6.29 31.88
CA VAL B 153 29.88 -6.69 32.19
C VAL B 153 29.41 -7.42 30.96
N LYS B 154 28.40 -8.26 31.04
CA LYS B 154 27.90 -8.96 29.86
C LYS B 154 26.44 -8.63 29.71
N TRP B 155 26.10 -7.55 29.03
CA TRP B 155 24.72 -7.00 29.06
C TRP B 155 24.08 -7.28 27.74
N THR B 156 22.82 -7.65 27.75
CA THR B 156 22.02 -7.76 26.55
C THR B 156 20.65 -7.07 26.82
N HIS B 157 20.02 -6.68 25.76
CA HIS B 157 18.69 -6.11 25.87
C HIS B 157 17.71 -7.14 26.40
N GLU B 158 17.88 -8.41 26.12
CA GLU B 158 17.05 -9.46 26.71
C GLU B 158 17.09 -9.48 28.24
N GLN B 159 18.28 -9.43 28.84
CA GLN B 159 18.41 -9.40 30.33
C GLN B 159 17.81 -8.11 30.86
N GLY B 160 18.07 -7.02 30.13
CA GLY B 160 17.45 -5.74 30.43
C GLY B 160 15.90 -5.83 30.46
N SER B 161 15.33 -6.58 29.51
CA SER B 161 13.91 -6.71 29.45
C SER B 161 13.33 -7.46 30.64
N VAL B 162 14.03 -8.50 31.08
CA VAL B 162 13.61 -9.25 32.25
C VAL B 162 13.67 -8.36 33.51
N MET B 163 14.78 -7.65 33.68
CA MET B 163 14.94 -6.72 34.82
C MET B 163 13.86 -5.64 34.80
N MET B 164 13.61 -5.07 33.62
CA MET B 164 12.63 -4.00 33.51
C MET B 164 11.18 -4.53 33.73
N PHE B 165 10.91 -5.74 33.24
CA PHE B 165 9.62 -6.36 33.45
C PHE B 165 9.35 -6.57 34.93
N GLU B 166 10.34 -7.13 35.61
CA GLU B 166 10.24 -7.30 37.06
C GLU B 166 9.96 -5.97 37.77
N HIS B 167 10.69 -4.93 37.39
CA HIS B 167 10.48 -3.63 37.98
C HIS B 167 9.06 -3.09 37.65
N LEU B 168 8.62 -3.28 36.41
CA LEU B 168 7.29 -2.83 35.97
C LEU B 168 6.20 -3.53 36.84
N ILE B 169 6.28 -4.85 36.95
CA ILE B 169 5.33 -5.63 37.73
C ILE B 169 5.31 -5.17 39.20
N ASN B 170 6.47 -5.03 39.80
CA ASN B 170 6.52 -4.69 41.23
C ASN B 170 6.21 -3.27 41.56
N SER B 171 6.48 -2.32 40.71
CA SER B 171 6.20 -0.93 41.01
C SER B 171 4.76 -0.54 40.70
N ASN B 172 4.03 -1.34 39.91
CA ASN B 172 2.69 -0.90 39.47
C ASN B 172 1.55 -1.80 39.96
N GLY B 173 1.79 -2.69 40.91
CA GLY B 173 0.77 -3.57 41.48
C GLY B 173 0.10 -4.49 40.47
N ILE B 174 0.88 -5.03 39.54
CA ILE B 174 0.32 -5.83 38.46
C ILE B 174 -0.05 -7.24 38.93
N LYS B 175 0.58 -7.79 39.96
CA LYS B 175 0.29 -9.18 40.34
C LYS B 175 -1.20 -9.42 40.71
N PRO B 176 -1.81 -8.54 41.52
CA PRO B 176 -3.25 -8.75 41.78
C PRO B 176 -4.14 -8.61 40.55
N VAL B 177 -3.76 -7.79 39.57
CA VAL B 177 -4.53 -7.68 38.33
C VAL B 177 -4.35 -8.98 37.53
N MET B 178 -3.12 -9.50 37.46
CA MET B 178 -2.91 -10.81 36.85
C MET B 178 -3.86 -11.86 37.47
N GLU B 179 -4.00 -11.88 38.79
CA GLU B 179 -4.87 -12.88 39.47
C GLU B 179 -6.34 -12.68 39.09
N GLN B 180 -6.75 -11.44 39.04
CA GLN B 180 -8.09 -11.09 38.69
C GLN B 180 -8.47 -11.66 37.30
N TYR B 181 -7.52 -11.79 36.36
CA TYR B 181 -7.83 -12.34 35.05
C TYR B 181 -7.36 -13.77 34.88
N GLY B 182 -7.13 -14.46 35.98
CA GLY B 182 -6.91 -15.90 36.01
C GLY B 182 -5.47 -16.34 35.83
N LEU B 183 -4.52 -15.42 35.81
CA LEU B 183 -3.10 -15.80 35.83
C LEU B 183 -2.68 -16.22 37.24
N ILE B 184 -1.64 -17.06 37.34
CA ILE B 184 -1.05 -17.48 38.62
C ILE B 184 0.34 -16.86 38.59
N PRO B 185 0.51 -15.70 39.23
CA PRO B 185 1.73 -14.93 39.00
C PRO B 185 3.04 -15.65 39.23
N GLU B 186 3.17 -16.51 40.23
CA GLU B 186 4.43 -17.15 40.46
C GLU B 186 4.90 -17.92 39.22
N GLU B 187 4.04 -18.83 38.74
CA GLU B 187 4.30 -19.59 37.52
C GLU B 187 4.35 -18.73 36.24
N ASP B 188 3.40 -17.83 36.07
CA ASP B 188 3.28 -17.04 34.85
C ASP B 188 4.32 -15.96 34.66
N ILE B 189 4.80 -15.33 35.73
CA ILE B 189 5.93 -14.40 35.61
C ILE B 189 7.18 -15.14 35.14
N CYS B 190 7.43 -16.28 35.72
CA CYS B 190 8.54 -17.13 35.31
C CYS B 190 8.43 -17.49 33.80
N PHE B 191 7.25 -17.95 33.37
CA PHE B 191 6.98 -18.24 31.95
C PHE B 191 7.26 -17.04 31.04
N ILE B 192 6.76 -15.87 31.40
CA ILE B 192 6.97 -14.68 30.58
C ILE B 192 8.45 -14.34 30.47
N LYS B 193 9.14 -14.38 31.59
CA LYS B 193 10.57 -14.09 31.54
C LYS B 193 11.36 -15.10 30.69
N GLU B 194 11.03 -16.37 30.87
CA GLU B 194 11.64 -17.41 30.06
C GLU B 194 11.40 -17.23 28.57
N GLN B 195 10.24 -16.71 28.19
CA GLN B 195 9.95 -16.53 26.78
C GLN B 195 10.79 -15.43 26.21
N ILE B 196 11.22 -14.49 27.06
CA ILE B 196 12.07 -13.38 26.62
C ILE B 196 13.54 -13.73 26.59
N VAL B 197 14.07 -14.37 27.64
CA VAL B 197 15.49 -14.54 27.79
C VAL B 197 15.96 -15.98 27.62
N GLY B 198 15.07 -16.95 27.54
CA GLY B 198 15.44 -18.36 27.46
C GLY B 198 15.53 -18.96 28.86
N PRO B 199 15.95 -20.24 28.95
CA PRO B 199 15.95 -20.98 30.23
C PRO B 199 16.80 -20.27 31.27
N LEU B 200 16.23 -20.05 32.47
CA LEU B 200 16.75 -19.12 33.50
C LEU B 200 17.88 -19.70 34.40
N GLU B 201 18.31 -20.95 34.13
CA GLU B 201 19.41 -21.59 34.82
C GLU B 201 20.36 -22.25 33.81
N LEU B 208 17.22 -32.97 29.24
CA LEU B 208 16.22 -32.73 30.28
C LEU B 208 15.54 -31.36 30.02
N TRP B 209 14.21 -31.29 30.12
CA TRP B 209 13.39 -30.06 29.88
C TRP B 209 13.84 -28.92 30.84
N PRO B 210 14.45 -27.85 30.28
CA PRO B 210 15.06 -26.80 31.13
C PRO B 210 14.13 -25.67 31.61
N TYR B 211 12.91 -25.61 31.13
CA TYR B 211 12.03 -24.50 31.47
C TYR B 211 11.17 -24.90 32.67
N LYS B 212 10.84 -23.90 33.49
CA LYS B 212 10.01 -24.06 34.68
C LYS B 212 8.61 -23.46 34.57
N GLY B 213 8.41 -22.55 33.62
CA GLY B 213 7.16 -21.83 33.53
C GLY B 213 6.02 -22.63 32.98
N ARG B 214 6.34 -23.48 32.03
CA ARG B 214 5.40 -24.43 31.47
C ARG B 214 6.11 -25.77 31.32
N PRO B 215 5.33 -26.86 31.39
CA PRO B 215 5.94 -28.19 31.19
C PRO B 215 6.12 -28.50 29.67
N GLU B 216 6.74 -29.63 29.39
CA GLU B 216 7.15 -30.07 28.05
C GLU B 216 6.04 -30.14 27.05
N ASN B 217 4.83 -30.49 27.51
CA ASN B 217 3.69 -30.60 26.59
C ASN B 217 3.22 -29.24 26.05
N LYS B 218 3.75 -28.12 26.56
CA LYS B 218 3.54 -26.80 25.97
C LYS B 218 4.84 -26.20 25.41
N SER B 219 5.80 -27.06 25.07
CA SER B 219 7.08 -26.63 24.48
C SER B 219 6.97 -25.57 23.37
N PHE B 220 6.00 -25.79 22.48
CA PHE B 220 5.76 -24.94 21.32
C PHE B 220 5.50 -23.49 21.71
N LEU B 221 4.96 -23.26 22.91
CA LEU B 221 4.72 -21.87 23.38
C LEU B 221 5.97 -21.01 23.45
N TYR B 222 7.12 -21.65 23.66
CA TYR B 222 8.39 -20.94 23.76
C TYR B 222 9.02 -20.63 22.40
N GLU B 223 8.35 -20.98 21.30
CA GLU B 223 8.89 -20.70 19.99
C GLU B 223 8.23 -19.48 19.31
N ILE B 224 7.42 -18.73 20.03
CA ILE B 224 6.59 -17.64 19.41
C ILE B 224 7.28 -16.29 19.50
N VAL B 225 7.67 -15.92 20.70
CA VAL B 225 8.14 -14.56 20.98
C VAL B 225 9.62 -14.40 20.69
N SER B 226 10.41 -15.41 21.05
CA SER B 226 11.82 -15.39 20.78
C SER B 226 12.26 -16.77 20.54
N ASN B 227 12.52 -17.13 19.30
CA ASN B 227 12.82 -18.51 18.93
C ASN B 227 14.31 -18.69 18.76
N LYS B 228 14.91 -19.29 19.76
CA LYS B 228 16.36 -19.46 19.83
C LYS B 228 16.82 -20.65 18.99
N ARG B 229 15.94 -21.59 18.68
CA ARG B 229 16.31 -22.73 17.88
C ARG B 229 16.49 -22.41 16.39
N ASN B 230 15.67 -21.56 15.80
CA ASN B 230 15.84 -21.22 14.38
C ASN B 230 15.60 -19.76 13.99
N GLY B 231 15.27 -18.91 14.93
CA GLY B 231 15.10 -17.48 14.64
C GLY B 231 13.76 -17.08 14.06
N ILE B 232 12.84 -18.01 13.90
CA ILE B 232 11.55 -17.64 13.36
C ILE B 232 10.66 -17.21 14.50
N ASP B 233 10.43 -15.91 14.66
CA ASP B 233 9.53 -15.42 15.70
C ASP B 233 8.86 -14.13 15.30
N VAL B 234 7.89 -13.75 16.12
CA VAL B 234 7.00 -12.66 15.76
C VAL B 234 7.65 -11.28 15.87
N ASP B 235 8.75 -11.15 16.60
CA ASP B 235 9.47 -9.89 16.67
C ASP B 235 10.02 -9.46 15.30
N LYS B 236 10.60 -10.39 14.58
CA LYS B 236 11.06 -10.17 13.19
C LYS B 236 9.89 -9.79 12.30
N TRP B 237 8.79 -10.45 12.47
CA TRP B 237 7.70 -10.24 11.56
C TRP B 237 7.21 -8.81 11.72
N ASP B 238 7.10 -8.31 12.95
CA ASP B 238 6.70 -6.94 13.11
C ASP B 238 7.69 -5.99 12.54
N TYR B 239 8.98 -6.15 12.84
CA TYR B 239 9.93 -5.13 12.40
C TYR B 239 10.14 -5.20 10.87
N PHE B 240 10.06 -6.37 10.23
CA PHE B 240 10.06 -6.39 8.76
C PHE B 240 8.96 -5.45 8.18
N ALA B 241 7.74 -5.57 8.69
CA ALA B 241 6.64 -4.77 8.14
C ALA B 241 6.75 -3.34 8.54
N ARG B 242 7.10 -3.08 9.79
CA ARG B 242 7.09 -1.73 10.31
C ARG B 242 8.30 -0.94 9.77
N ASP B 243 9.48 -1.54 9.84
CA ASP B 243 10.68 -0.84 9.34
C ASP B 243 10.50 -0.53 7.83
N CYS B 244 9.96 -1.49 7.06
CA CYS B 244 9.72 -1.21 5.64
C CYS B 244 8.79 -0.02 5.39
N HIS B 245 7.70 0.00 6.12
CA HIS B 245 6.71 1.07 6.03
C HIS B 245 7.33 2.43 6.24
N HIS B 246 8.24 2.55 7.21
CA HIS B 246 8.90 3.81 7.50
C HIS B 246 10.15 4.11 6.71
N LEU B 247 10.88 3.09 6.33
CA LEU B 247 12.08 3.31 5.53
C LEU B 247 11.77 3.71 4.10
N GLY B 248 10.65 3.29 3.55
CA GLY B 248 10.44 3.45 2.13
C GLY B 248 10.99 2.30 1.28
N ILE B 249 11.08 1.10 1.87
CA ILE B 249 11.47 -0.10 1.20
C ILE B 249 10.34 -1.08 1.37
N GLN B 250 10.01 -1.89 0.39
CA GLN B 250 8.81 -2.69 0.50
C GLN B 250 9.09 -4.04 1.12
N ASN B 251 8.21 -4.50 2.06
CA ASN B 251 8.44 -5.83 2.63
C ASN B 251 7.97 -6.98 1.67
N ASN B 252 8.75 -7.99 1.29
CA ASN B 252 8.29 -9.16 0.57
C ASN B 252 7.96 -10.49 1.35
N PHE B 253 8.03 -10.46 2.67
CA PHE B 253 7.64 -11.62 3.51
C PHE B 253 6.20 -11.48 3.99
N ASP B 254 5.45 -12.58 3.93
CA ASP B 254 4.02 -12.61 4.34
C ASP B 254 3.86 -13.47 5.59
N TYR B 255 3.84 -12.82 6.75
CA TYR B 255 3.72 -13.48 8.02
C TYR B 255 2.37 -14.07 8.15
N LYS B 256 1.34 -13.45 7.59
CA LYS B 256 0.00 -14.02 7.73
C LYS B 256 -0.11 -15.34 7.11
N ARG B 257 0.52 -15.50 5.95
CA ARG B 257 0.55 -16.77 5.26
C ARG B 257 1.26 -17.80 6.13
N PHE B 258 2.40 -17.42 6.71
CA PHE B 258 3.13 -18.39 7.56
C PHE B 258 2.17 -18.88 8.70
N ILE B 259 1.49 -17.96 9.35
CA ILE B 259 0.55 -18.34 10.44
C ILE B 259 -0.51 -19.25 9.97
N LYS B 260 -1.13 -19.00 8.80
CA LYS B 260 -2.07 -19.97 8.25
C LYS B 260 -1.56 -21.35 8.03
N PHE B 261 -0.29 -21.51 7.75
CA PHE B 261 0.24 -22.83 7.51
C PHE B 261 0.95 -23.41 8.70
N ALA B 262 1.04 -22.74 9.85
CA ALA B 262 1.84 -23.29 10.94
C ALA B 262 1.00 -24.34 11.69
N ARG B 263 1.68 -25.42 12.11
CA ARG B 263 1.02 -26.46 12.93
C ARG B 263 2.00 -26.93 13.96
N VAL B 264 1.53 -27.58 15.00
CA VAL B 264 2.41 -28.13 15.99
C VAL B 264 2.48 -29.64 15.76
N CYS B 265 3.68 -30.20 15.68
CA CYS B 265 3.90 -31.61 15.53
C CYS B 265 5.00 -32.08 16.49
N GLU B 266 5.00 -33.36 16.76
CA GLU B 266 5.97 -33.94 17.62
C GLU B 266 7.28 -34.14 16.88
N VAL B 267 8.36 -33.53 17.34
CA VAL B 267 9.71 -33.71 16.74
C VAL B 267 10.67 -34.22 17.82
N ASP B 268 11.24 -35.42 17.64
CA ASP B 268 12.14 -36.04 18.67
C ASP B 268 11.56 -35.88 20.06
N ASN B 269 10.32 -36.33 20.25
CA ASN B 269 9.61 -36.26 21.54
C ASN B 269 9.41 -34.92 22.14
N GLU B 270 9.32 -33.88 21.32
CA GLU B 270 8.97 -32.56 21.80
C GLU B 270 7.93 -31.95 20.83
N LEU B 271 6.91 -31.24 21.33
CA LEU B 271 5.96 -30.53 20.46
C LEU B 271 6.60 -29.22 19.93
N ARG B 272 6.65 -29.05 18.62
CA ARG B 272 7.33 -27.88 18.03
C ARG B 272 6.45 -27.26 16.95
N ILE B 273 6.67 -25.98 16.67
CA ILE B 273 5.95 -25.33 15.59
C ILE B 273 6.62 -25.77 14.29
N CYS B 274 5.84 -26.36 13.39
CA CYS B 274 6.30 -26.77 12.09
C CYS B 274 5.58 -26.00 10.97
N ALA B 275 6.26 -25.91 9.83
CA ALA B 275 5.78 -25.22 8.65
C ALA B 275 5.40 -26.25 7.61
N ARG B 276 4.54 -25.86 6.71
CA ARG B 276 4.19 -26.74 5.60
C ARG B 276 5.40 -26.92 4.70
N ASP B 277 5.65 -28.14 4.27
CA ASP B 277 6.77 -28.48 3.37
C ASP B 277 6.93 -27.51 2.16
N LYS B 278 5.84 -27.28 1.40
CA LYS B 278 5.76 -26.30 0.28
C LYS B 278 6.25 -24.96 0.57
N GLU B 279 6.14 -24.51 1.81
CA GLU B 279 6.52 -23.18 2.21
C GLU B 279 8.05 -22.98 2.48
N VAL B 280 8.85 -24.01 2.27
CA VAL B 280 10.29 -23.90 2.51
C VAL B 280 10.99 -22.73 1.78
N GLY B 281 10.66 -22.56 0.53
CA GLY B 281 11.07 -21.39 -0.26
C GLY B 281 10.77 -20.08 0.33
N ASN B 282 9.58 -19.92 0.94
CA ASN B 282 9.26 -18.69 1.60
C ASN B 282 10.12 -18.41 2.82
N LEU B 283 10.52 -19.45 3.49
CA LEU B 283 11.39 -19.37 4.68
C LEU B 283 12.83 -18.95 4.31
N TYR B 284 13.38 -19.53 3.24
CA TYR B 284 14.66 -19.04 2.69
C TYR B 284 14.51 -17.56 2.32
N ASP B 285 13.39 -17.20 1.71
CA ASP B 285 13.17 -15.80 1.34
C ASP B 285 13.04 -14.90 2.58
N MET B 286 12.45 -15.38 3.65
CA MET B 286 12.34 -14.58 4.87
C MET B 286 13.74 -14.16 5.43
N PHE B 287 14.67 -15.09 5.47
CA PHE B 287 16.01 -14.73 5.93
C PHE B 287 16.74 -13.91 4.90
N HIS B 288 16.47 -14.14 3.60
CA HIS B 288 16.99 -13.25 2.56
C HIS B 288 16.47 -11.83 2.76
N THR B 289 15.21 -11.64 3.11
CA THR B 289 14.70 -10.33 3.41
C THR B 289 15.40 -9.67 4.63
N ARG B 290 15.60 -10.41 5.70
CA ARG B 290 16.29 -9.90 6.85
C ARG B 290 17.70 -9.42 6.44
N ASN B 291 18.42 -10.24 5.67
CA ASN B 291 19.77 -9.88 5.21
C ASN B 291 19.73 -8.58 4.33
N SER B 292 18.75 -8.49 3.43
CA SER B 292 18.48 -7.30 2.69
C SER B 292 18.28 -6.06 3.50
N LEU B 293 17.41 -6.13 4.47
CA LEU B 293 17.18 -5.01 5.36
C LEU B 293 18.48 -4.58 6.10
N HIS B 294 19.24 -5.56 6.52
CA HIS B 294 20.58 -5.24 7.09
C HIS B 294 21.47 -4.53 6.10
N ARG B 295 21.56 -5.08 4.90
CA ARG B 295 22.44 -4.49 3.92
C ARG B 295 22.01 -3.08 3.50
N ARG B 296 20.72 -2.87 3.32
CA ARG B 296 20.26 -1.60 2.77
C ARG B 296 20.15 -0.56 3.82
N ALA B 297 19.72 -0.92 5.00
CA ALA B 297 19.30 0.03 6.01
C ALA B 297 20.05 -0.10 7.31
N TYR B 298 19.98 -1.26 7.97
CA TYR B 298 20.51 -1.31 9.35
C TYR B 298 22.01 -1.11 9.46
N GLN B 299 22.74 -1.52 8.41
CA GLN B 299 24.17 -1.44 8.32
C GLN B 299 24.63 -0.45 7.24
N HIS B 300 23.79 0.52 6.95
CA HIS B 300 24.11 1.61 6.04
C HIS B 300 25.40 2.25 6.52
N LYS B 301 26.33 2.48 5.62
CA LYS B 301 27.64 3.00 6.00
C LYS B 301 27.62 4.37 6.66
N VAL B 302 26.65 5.21 6.32
CA VAL B 302 26.54 6.48 6.98
C VAL B 302 25.79 6.34 8.27
N GLY B 303 24.71 5.55 8.31
CA GLY B 303 23.96 5.29 9.57
C GLY B 303 24.93 4.75 10.66
N ASN B 304 25.85 3.90 10.23
CA ASN B 304 26.74 3.29 11.20
C ASN B 304 27.76 4.30 11.73
N ILE B 305 28.28 5.19 10.86
CA ILE B 305 29.23 6.17 11.30
C ILE B 305 28.53 7.19 12.23
N ILE B 306 27.29 7.53 11.95
CA ILE B 306 26.52 8.38 12.87
C ILE B 306 26.34 7.70 14.27
N ASP B 307 25.99 6.45 14.28
CA ASP B 307 25.94 5.66 15.51
C ASP B 307 27.27 5.65 16.25
N THR B 308 28.36 5.48 15.52
CA THR B 308 29.71 5.53 16.08
C THR B 308 29.99 6.90 16.74
N MET B 309 29.62 7.98 16.08
CA MET B 309 29.86 9.32 16.59
C MET B 309 28.97 9.62 17.83
N ILE B 310 27.75 9.17 17.80
CA ILE B 310 26.84 9.29 18.96
C ILE B 310 27.44 8.51 20.16
N THR B 311 27.90 7.28 19.89
CA THR B 311 28.51 6.48 20.92
C THR B 311 29.73 7.18 21.50
N ASP B 312 30.57 7.77 20.64
CA ASP B 312 31.77 8.45 21.11
C ASP B 312 31.37 9.67 21.98
N ALA B 313 30.29 10.38 21.61
CA ALA B 313 29.75 11.47 22.42
C ALA B 313 29.25 11.00 23.82
N PHE B 314 28.51 9.94 23.86
CA PHE B 314 28.09 9.33 25.12
C PHE B 314 29.25 8.94 25.98
N LEU B 315 30.29 8.40 25.40
CA LEU B 315 31.48 8.02 26.17
C LEU B 315 32.18 9.24 26.77
N LYS B 316 32.23 10.30 26.00
CA LYS B 316 32.78 11.57 26.49
C LYS B 316 31.89 12.25 27.52
N ALA B 317 30.62 12.03 27.47
CA ALA B 317 29.68 12.57 28.45
C ALA B 317 29.47 11.74 29.69
N ASP B 318 29.90 10.47 29.66
CA ASP B 318 29.52 9.47 30.65
C ASP B 318 29.96 9.87 32.06
N ASP B 319 31.11 10.51 32.24
CA ASP B 319 31.52 10.91 33.61
C ASP B 319 30.66 12.04 34.19
N TYR B 320 29.85 12.73 33.39
CA TYR B 320 29.24 13.99 33.78
C TYR B 320 27.71 14.06 33.75
N ILE B 321 27.01 13.22 33.03
CA ILE B 321 25.55 13.22 33.05
C ILE B 321 25.15 12.40 34.27
N GLU B 322 24.19 12.92 35.03
CA GLU B 322 23.63 12.25 36.22
C GLU B 322 22.19 11.87 35.96
N ILE B 323 21.88 10.63 36.33
CA ILE B 323 20.53 10.12 36.22
C ILE B 323 20.18 9.66 37.64
N THR B 324 19.10 10.21 38.19
CA THR B 324 18.65 9.82 39.51
C THR B 324 17.84 8.52 39.48
N GLY B 325 18.13 7.61 40.38
CA GLY B 325 17.47 6.32 40.50
C GLY B 325 16.90 6.09 41.85
N ALA B 326 16.84 4.81 42.26
CA ALA B 326 16.21 4.46 43.53
C ALA B 326 16.88 5.11 44.70
N GLY B 327 16.07 5.59 45.64
CA GLY B 327 16.56 6.21 46.90
C GLY B 327 17.34 7.48 46.64
N GLY B 328 17.06 8.19 45.57
CA GLY B 328 17.87 9.37 45.15
C GLY B 328 19.35 9.16 44.76
N LYS B 329 19.85 7.92 44.75
CA LYS B 329 21.18 7.60 44.23
C LYS B 329 21.40 8.02 42.78
N LYS B 330 22.62 8.40 42.49
CA LYS B 330 23.01 8.91 41.17
C LYS B 330 23.68 7.82 40.33
N TYR B 331 23.33 7.80 39.06
CA TYR B 331 23.87 6.85 38.10
C TYR B 331 24.39 7.61 36.88
N ARG B 332 25.19 6.93 36.08
CA ARG B 332 25.69 7.44 34.82
C ARG B 332 25.01 6.73 33.73
N ILE B 333 25.24 7.17 32.51
CA ILE B 333 24.67 6.53 31.33
C ILE B 333 25.08 5.03 31.37
N SER B 334 26.35 4.77 31.70
CA SER B 334 26.83 3.40 31.68
C SER B 334 26.44 2.56 32.90
N THR B 335 26.03 3.22 34.00
CA THR B 335 25.61 2.44 35.18
C THR B 335 24.10 2.41 35.41
N ALA B 336 23.35 3.13 34.58
CA ALA B 336 21.92 3.13 34.71
C ALA B 336 21.33 1.75 34.47
N ILE B 337 22.04 0.87 33.73
CA ILE B 337 21.63 -0.53 33.59
C ILE B 337 21.56 -1.35 34.88
N ASP B 338 22.14 -0.85 35.94
CA ASP B 338 22.14 -1.51 37.26
C ASP B 338 21.00 -1.07 38.19
N ASP B 339 20.16 -0.14 37.74
CA ASP B 339 19.06 0.32 38.61
C ASP B 339 17.90 0.70 37.72
N MET B 340 16.84 -0.07 37.78
CA MET B 340 15.75 0.09 36.80
C MET B 340 15.01 1.40 36.96
N GLU B 341 15.03 2.00 38.17
CA GLU B 341 14.43 3.30 38.29
C GLU B 341 15.17 4.35 37.45
N ALA B 342 16.49 4.28 37.45
CA ALA B 342 17.32 5.18 36.63
C ALA B 342 17.22 4.79 35.18
N TYR B 343 17.26 3.48 34.88
CA TYR B 343 17.15 3.04 33.47
C TYR B 343 15.82 3.48 32.84
N THR B 344 14.76 3.51 33.62
CA THR B 344 13.48 4.02 33.17
C THR B 344 13.59 5.39 32.56
N LYS B 345 14.53 6.22 33.04
CA LYS B 345 14.72 7.55 32.58
C LYS B 345 15.88 7.74 31.62
N LEU B 346 16.37 6.65 31.03
CA LEU B 346 17.49 6.70 30.11
C LEU B 346 16.95 6.36 28.70
N THR B 347 16.80 7.39 27.89
CA THR B 347 16.18 7.28 26.60
C THR B 347 16.99 8.14 25.63
N ASP B 348 16.48 8.29 24.45
CA ASP B 348 17.14 9.10 23.42
C ASP B 348 17.31 10.59 23.81
N ASN B 349 16.53 11.05 24.78
CA ASN B 349 16.69 12.36 25.40
C ASN B 349 18.13 12.67 25.77
N ILE B 350 18.91 11.68 26.13
CA ILE B 350 20.28 11.94 26.53
C ILE B 350 21.06 12.64 25.41
N PHE B 351 20.77 12.35 24.17
CA PHE B 351 21.40 13.02 23.01
C PHE B 351 21.12 14.53 23.07
N LEU B 352 19.86 14.88 23.28
CA LEU B 352 19.50 16.29 23.34
C LEU B 352 19.96 16.95 24.64
N GLU B 353 20.00 16.23 25.74
CA GLU B 353 20.60 16.77 26.97
C GLU B 353 22.07 17.18 26.68
N ILE B 354 22.82 16.31 26.01
CA ILE B 354 24.18 16.64 25.63
C ILE B 354 24.19 17.81 24.63
N LEU B 355 23.37 17.74 23.61
CA LEU B 355 23.40 18.77 22.56
C LEU B 355 23.08 20.18 23.07
N TYR B 356 22.16 20.27 24.02
CA TYR B 356 21.70 21.54 24.55
C TYR B 356 22.42 21.99 25.79
N SER B 357 23.40 21.21 26.26
CA SER B 357 24.06 21.51 27.51
C SER B 357 24.91 22.79 27.35
N THR B 358 25.18 23.44 28.47
CA THR B 358 26.18 24.50 28.51
C THR B 358 27.35 24.16 29.44
N ASP B 359 27.23 23.13 30.25
CA ASP B 359 28.29 22.75 31.20
C ASP B 359 29.62 22.61 30.41
N PRO B 360 30.68 23.31 30.82
CA PRO B 360 31.97 23.10 30.13
C PRO B 360 32.52 21.67 30.16
N LYS B 361 32.16 20.86 31.16
CA LYS B 361 32.63 19.49 31.17
C LYS B 361 31.99 18.64 30.02
N LEU B 362 30.85 19.08 29.51
CA LEU B 362 30.19 18.40 28.36
C LEU B 362 30.64 18.94 27.01
N LYS B 363 31.59 19.84 27.00
CA LYS B 363 32.01 20.49 25.79
C LYS B 363 32.44 19.52 24.67
N ASP B 364 33.30 18.57 24.99
CA ASP B 364 33.82 17.66 23.97
C ASP B 364 32.66 16.78 23.41
N ALA B 365 31.79 16.29 24.29
CA ALA B 365 30.66 15.51 23.87
C ALA B 365 29.70 16.29 23.01
N ARG B 366 29.37 17.51 23.44
CA ARG B 366 28.48 18.41 22.71
C ARG B 366 29.04 18.73 21.34
N GLU B 367 30.35 18.92 21.24
CA GLU B 367 30.97 19.24 19.96
C GLU B 367 30.84 18.14 18.94
N ILE B 368 30.97 16.89 19.37
CA ILE B 368 30.69 15.79 18.46
C ILE B 368 29.26 15.84 17.89
N LEU B 369 28.26 16.01 18.74
CA LEU B 369 26.90 16.05 18.29
C LEU B 369 26.64 17.24 17.35
N LYS B 370 27.23 18.39 17.67
CA LYS B 370 27.11 19.55 16.78
C LYS B 370 27.69 19.24 15.40
N GLN B 371 28.74 18.44 15.34
CA GLN B 371 29.30 18.11 14.08
C GLN B 371 28.36 17.19 13.27
N ILE B 372 27.62 16.34 13.97
CA ILE B 372 26.60 15.57 13.33
C ILE B 372 25.53 16.50 12.67
N GLU B 373 25.08 17.53 13.38
CA GLU B 373 24.10 18.46 12.80
C GLU B 373 24.57 19.20 11.58
N TYR B 374 25.86 19.58 11.54
CA TYR B 374 26.43 20.18 10.38
C TYR B 374 26.79 19.20 9.30
N ARG B 375 26.62 17.92 9.56
CA ARG B 375 26.95 16.84 8.67
C ARG B 375 28.45 16.83 8.40
N ASN B 376 29.26 17.17 9.38
CA ASN B 376 30.71 17.02 9.30
C ASN B 376 31.05 15.63 9.87
N LEU B 377 30.82 14.59 9.09
CA LEU B 377 30.89 13.24 9.57
C LEU B 377 32.25 12.74 9.19
N PHE B 378 32.69 11.72 9.90
CA PHE B 378 33.92 10.97 9.54
C PHE B 378 33.66 10.38 8.15
N LYS B 379 34.67 10.32 7.31
CA LYS B 379 34.50 10.00 5.90
C LYS B 379 34.81 8.55 5.60
N TYR B 380 33.94 7.96 4.81
CA TYR B 380 34.08 6.60 4.35
C TYR B 380 35.27 6.45 3.40
N VAL B 381 36.15 5.50 3.68
CA VAL B 381 37.35 5.27 2.87
C VAL B 381 37.13 4.09 1.96
N GLY B 382 36.54 3.02 2.49
CA GLY B 382 36.24 1.85 1.70
C GLY B 382 35.82 0.65 2.55
N GLU B 383 35.66 -0.48 1.86
CA GLU B 383 35.04 -1.67 2.39
C GLU B 383 35.72 -2.90 1.79
N THR B 384 35.88 -3.92 2.62
CA THR B 384 36.48 -5.17 2.23
C THR B 384 35.85 -6.33 3.02
N GLN B 385 36.21 -7.55 2.65
CA GLN B 385 35.76 -8.75 3.36
C GLN B 385 36.93 -9.67 3.56
N PRO B 386 36.99 -10.37 4.72
CA PRO B 386 37.92 -11.50 4.83
C PRO B 386 37.64 -12.60 3.83
N THR B 387 38.68 -13.32 3.44
CA THR B 387 38.61 -14.46 2.54
C THR B 387 38.30 -15.74 3.30
N GLY B 388 37.44 -16.57 2.74
CA GLY B 388 37.05 -17.83 3.39
C GLY B 388 36.08 -17.68 4.56
N GLN B 389 36.30 -18.50 5.60
CA GLN B 389 35.52 -18.45 6.83
C GLN B 389 36.37 -17.89 7.98
N ILE B 390 37.39 -17.10 7.64
CA ILE B 390 38.11 -16.20 8.55
C ILE B 390 37.20 -15.16 9.18
N LYS B 391 37.28 -14.99 10.49
CA LYS B 391 36.39 -14.06 11.15
C LYS B 391 37.10 -13.30 12.22
N ILE B 392 37.04 -11.99 12.15
CA ILE B 392 37.61 -11.10 13.13
C ILE B 392 36.68 -11.10 14.34
N LYS B 393 37.21 -11.37 15.51
CA LYS B 393 36.47 -11.45 16.75
C LYS B 393 36.39 -10.12 17.43
N ARG B 394 35.35 -9.92 18.22
CA ARG B 394 35.11 -8.64 18.94
C ARG B 394 36.32 -8.07 19.72
N GLU B 395 37.14 -8.95 20.32
CA GLU B 395 38.19 -8.48 21.19
C GLU B 395 39.39 -7.97 20.38
N ASP B 396 39.37 -8.22 19.06
CA ASP B 396 40.35 -7.65 18.17
C ASP B 396 39.91 -6.32 17.55
N TYR B 397 38.69 -5.86 17.80
CA TYR B 397 38.23 -4.63 17.14
C TYR B 397 39.15 -3.43 17.36
N GLU B 398 39.51 -3.20 18.62
CA GLU B 398 40.28 -2.01 19.02
C GLU B 398 41.72 -1.98 18.44
N SER B 399 42.29 -3.13 18.16
CA SER B 399 43.62 -3.18 17.51
C SER B 399 43.61 -2.86 15.98
N LEU B 400 42.44 -2.82 15.32
CA LEU B 400 42.45 -2.70 13.85
C LEU B 400 42.91 -1.32 13.30
N PRO B 401 42.49 -0.20 13.92
CA PRO B 401 42.99 1.08 13.44
C PRO B 401 44.52 1.14 13.43
N LYS B 402 45.19 0.52 14.39
CA LYS B 402 46.69 0.53 14.40
C LYS B 402 47.27 -0.28 13.21
N GLU B 403 46.59 -1.34 12.83
CA GLU B 403 47.06 -2.11 11.67
C GLU B 403 46.95 -1.32 10.38
N VAL B 404 45.84 -0.60 10.21
CA VAL B 404 45.63 0.19 9.01
C VAL B 404 46.71 1.29 8.92
N ALA B 405 46.91 1.96 10.04
CA ALA B 405 47.89 3.05 10.10
C ALA B 405 49.31 2.57 9.88
N SER B 406 49.62 1.35 10.32
CA SER B 406 50.98 0.75 10.11
C SER B 406 51.22 0.16 8.74
N ALA B 407 50.20 0.08 7.87
CA ALA B 407 50.44 -0.36 6.49
C ALA B 407 51.44 0.61 5.78
N LYS B 408 52.15 0.08 4.80
CA LYS B 408 53.28 0.78 4.14
C LYS B 408 52.99 0.92 2.66
N PRO B 409 52.20 1.92 2.27
CA PRO B 409 51.66 1.89 0.88
C PRO B 409 52.53 1.93 -0.37
N LYS B 410 53.79 2.34 -0.37
CA LYS B 410 54.60 2.41 -1.62
C LYS B 410 54.13 3.52 -2.61
N VAL B 411 53.78 4.68 -2.07
CA VAL B 411 53.25 5.81 -2.84
C VAL B 411 53.84 7.06 -2.21
N LEU B 412 54.06 8.12 -3.01
CA LEU B 412 54.45 9.42 -2.48
C LEU B 412 53.30 9.94 -1.58
N LEU B 413 53.53 9.97 -0.25
CA LEU B 413 52.60 10.53 0.71
C LEU B 413 53.28 11.63 1.53
N ASP B 414 52.82 12.85 1.23
CA ASP B 414 52.97 14.08 2.06
C ASP B 414 52.32 13.97 3.44
N VAL B 415 51.05 13.55 3.49
CA VAL B 415 50.34 13.33 4.74
C VAL B 415 50.56 11.92 5.30
N LYS B 416 50.65 11.88 6.59
CA LYS B 416 50.98 10.66 7.36
C LYS B 416 49.90 10.53 8.42
N LEU B 417 49.23 9.39 8.54
CA LEU B 417 48.09 9.29 9.43
C LEU B 417 48.42 8.37 10.58
N LYS B 418 47.73 8.54 11.71
CA LYS B 418 47.95 7.77 12.93
C LYS B 418 46.73 6.89 13.19
N ALA B 419 46.91 5.94 14.09
CA ALA B 419 45.89 5.00 14.51
C ALA B 419 44.56 5.68 14.88
N GLU B 420 44.65 6.71 15.71
CA GLU B 420 43.47 7.47 16.12
C GLU B 420 42.73 8.27 14.97
N ASP B 421 43.33 8.41 13.79
CA ASP B 421 42.67 8.97 12.61
C ASP B 421 41.71 8.01 11.88
N PHE B 422 41.73 6.72 12.24
CA PHE B 422 40.97 5.69 11.53
C PHE B 422 39.89 5.13 12.40
N ILE B 423 38.70 4.88 11.87
CA ILE B 423 37.71 3.98 12.46
C ILE B 423 37.55 2.74 11.59
N VAL B 424 37.51 1.57 12.23
CA VAL B 424 37.38 0.28 11.52
C VAL B 424 36.13 -0.37 12.10
N ASP B 425 35.05 -0.48 11.31
CA ASP B 425 33.78 -1.00 11.75
C ASP B 425 33.61 -2.42 11.17
N VAL B 426 33.49 -3.45 12.03
CA VAL B 426 33.38 -4.80 11.61
C VAL B 426 31.92 -5.21 11.68
N ILE B 427 31.36 -5.70 10.61
CA ILE B 427 29.94 -6.02 10.58
C ILE B 427 29.72 -7.48 10.23
N ASN B 428 28.96 -8.20 11.04
CA ASN B 428 28.66 -9.60 10.82
C ASN B 428 27.30 -9.68 10.14
N MET B 429 27.23 -10.26 8.96
CA MET B 429 25.97 -10.44 8.24
C MET B 429 25.77 -11.94 8.17
N ASP B 430 24.65 -12.42 8.73
CA ASP B 430 24.40 -13.85 8.70
C ASP B 430 22.90 -14.13 8.83
N TYR B 431 22.52 -15.42 8.76
CA TYR B 431 21.10 -15.81 8.86
C TYR B 431 20.63 -16.05 10.32
N GLY B 432 21.29 -15.45 11.31
CA GLY B 432 20.86 -15.51 12.71
C GLY B 432 21.41 -16.71 13.48
N MET B 433 22.19 -17.60 12.85
CA MET B 433 22.80 -18.74 13.58
C MET B 433 24.23 -18.94 13.15
N GLN B 434 24.96 -17.80 13.15
CA GLN B 434 26.42 -17.81 12.78
C GLN B 434 26.56 -18.50 11.38
N GLU B 435 27.40 -19.50 11.27
CA GLU B 435 27.66 -20.18 10.00
C GLU B 435 26.52 -21.14 9.57
N LYS B 436 25.53 -21.35 10.43
CA LYS B 436 24.57 -22.40 10.16
C LYS B 436 23.36 -21.91 9.33
N ASN B 437 22.82 -22.85 8.58
CA ASN B 437 21.62 -22.65 7.82
C ASN B 437 20.42 -22.85 8.81
N PRO B 438 19.67 -21.81 9.10
CA PRO B 438 18.56 -21.90 10.04
C PRO B 438 17.43 -22.87 9.55
N ILE B 439 17.33 -23.11 8.23
CA ILE B 439 16.30 -24.03 7.70
C ILE B 439 16.60 -25.51 8.04
N ASP B 440 17.87 -25.81 8.31
CA ASP B 440 18.21 -27.13 8.90
C ASP B 440 17.63 -27.36 10.31
N HIS B 441 17.17 -26.32 10.98
CA HIS B 441 16.56 -26.38 12.31
C HIS B 441 15.04 -26.09 12.28
N VAL B 442 14.43 -26.19 11.11
CA VAL B 442 12.98 -26.07 10.98
C VAL B 442 12.47 -27.46 10.68
N SER B 443 11.30 -27.75 11.21
CA SER B 443 10.60 -29.00 10.92
C SER B 443 9.34 -28.70 10.04
N PHE B 444 9.00 -29.60 9.14
CA PHE B 444 7.92 -29.41 8.22
C PHE B 444 6.91 -30.52 8.29
N TYR B 445 5.68 -30.28 7.84
CA TYR B 445 4.67 -31.32 7.64
C TYR B 445 4.17 -31.30 6.18
N CYS B 446 3.67 -32.45 5.72
CA CYS B 446 3.16 -32.65 4.37
C CYS B 446 1.65 -32.73 4.48
N LYS B 447 1.03 -32.38 3.35
CA LYS B 447 -0.44 -32.37 3.24
C LYS B 447 -1.03 -33.72 3.49
N THR B 448 -0.33 -34.80 3.11
CA THR B 448 -0.92 -36.10 3.31
C THR B 448 -0.74 -36.66 4.74
N ALA B 449 0.07 -36.05 5.59
CA ALA B 449 0.29 -36.52 7.00
C ALA B 449 0.62 -35.34 7.85
N PRO B 450 -0.39 -34.52 8.19
CA PRO B 450 -0.11 -33.28 8.84
C PRO B 450 0.40 -33.39 10.26
N ASN B 451 0.37 -34.54 10.84
CA ASN B 451 0.96 -34.75 12.16
C ASN B 451 2.37 -35.28 12.16
N ARG B 452 2.93 -35.56 10.98
CA ARG B 452 4.24 -36.15 10.88
C ARG B 452 5.28 -35.11 10.41
N ALA B 453 6.22 -34.76 11.29
CA ALA B 453 7.21 -33.80 11.04
C ALA B 453 8.33 -34.41 10.21
N ILE B 454 8.89 -33.66 9.28
CA ILE B 454 10.04 -34.12 8.54
C ILE B 454 11.04 -33.01 8.43
N ARG B 455 12.21 -33.37 7.93
CA ARG B 455 13.24 -32.40 7.64
C ARG B 455 13.41 -32.26 6.14
N ILE B 456 13.85 -31.09 5.73
CA ILE B 456 14.15 -30.85 4.33
C ILE B 456 15.59 -30.27 4.18
N THR B 457 16.47 -30.87 3.41
CA THR B 457 17.82 -30.31 3.22
C THR B 457 17.87 -29.24 2.15
N LYS B 458 18.94 -28.43 2.16
CA LYS B 458 19.08 -27.35 1.18
C LYS B 458 19.08 -27.82 -0.32
N ASN B 459 19.80 -28.87 -0.57
CA ASN B 459 19.88 -29.51 -1.88
C ASN B 459 18.51 -30.05 -2.38
N GLN B 460 17.57 -30.38 -1.49
CA GLN B 460 16.23 -30.76 -1.90
C GLN B 460 15.43 -29.53 -2.33
N VAL B 461 15.87 -28.32 -2.01
CA VAL B 461 15.04 -27.18 -2.34
C VAL B 461 15.47 -26.53 -3.65
N SER B 462 16.74 -26.15 -3.81
CA SER B 462 17.14 -25.32 -4.97
C SER B 462 18.63 -25.17 -4.95
N GLN B 463 19.22 -25.22 -6.15
CA GLN B 463 20.63 -24.94 -6.36
C GLN B 463 20.94 -23.44 -6.48
N LEU B 464 19.93 -22.59 -6.44
CA LEU B 464 20.14 -21.15 -6.50
C LEU B 464 20.20 -20.53 -5.12
N LEU B 465 20.29 -21.32 -4.05
CA LEU B 465 20.29 -20.77 -2.72
C LEU B 465 21.73 -20.37 -2.31
N PRO B 466 21.92 -19.61 -1.24
CA PRO B 466 23.26 -19.21 -0.78
C PRO B 466 24.15 -20.40 -0.46
N GLU B 467 25.46 -20.29 -0.73
CA GLU B 467 26.36 -21.38 -0.37
C GLU B 467 26.95 -21.22 1.02
N LYS B 468 26.91 -20.01 1.57
CA LYS B 468 27.26 -19.75 2.94
C LYS B 468 26.18 -18.97 3.59
N PHE B 469 26.19 -18.95 4.91
CA PHE B 469 25.17 -18.26 5.69
C PHE B 469 25.70 -17.19 6.62
N ALA B 470 26.99 -16.87 6.52
CA ALA B 470 27.58 -15.81 7.28
C ALA B 470 28.74 -15.19 6.51
N GLU B 471 28.93 -13.91 6.73
CA GLU B 471 30.13 -13.22 6.28
C GLU B 471 30.36 -12.01 7.14
N GLN B 472 31.54 -11.41 6.95
CA GLN B 472 31.82 -10.13 7.59
C GLN B 472 32.19 -9.07 6.59
N LEU B 473 31.74 -7.87 6.84
CA LEU B 473 32.18 -6.67 6.09
C LEU B 473 33.03 -5.84 7.02
N ILE B 474 34.14 -5.33 6.53
CA ILE B 474 34.97 -4.41 7.28
C ILE B 474 34.91 -3.02 6.57
N ARG B 475 34.43 -1.98 7.22
CA ARG B 475 34.43 -0.64 6.68
C ARG B 475 35.48 0.21 7.37
N VAL B 476 36.20 1.02 6.62
CA VAL B 476 37.19 1.92 7.20
C VAL B 476 36.75 3.36 6.90
N TYR B 477 36.92 4.21 7.91
CA TYR B 477 36.62 5.63 7.82
C TYR B 477 37.79 6.45 8.34
N CYS B 478 37.88 7.72 7.89
CA CYS B 478 38.94 8.61 8.32
C CYS B 478 38.34 9.82 9.01
N LYS B 479 38.93 10.22 10.14
CA LYS B 479 38.44 11.37 10.89
C LYS B 479 38.97 12.68 10.35
N LYS B 480 40.02 12.62 9.55
CA LYS B 480 40.56 13.83 8.88
C LYS B 480 39.92 13.89 7.53
N VAL B 481 39.20 14.98 7.25
CA VAL B 481 38.26 15.01 6.12
C VAL B 481 38.72 15.76 4.90
N ASP B 482 39.87 16.43 5.00
CA ASP B 482 40.42 17.10 3.85
C ASP B 482 40.87 16.13 2.75
N ARG B 483 41.00 16.67 1.54
CA ARG B 483 41.22 15.88 0.32
C ARG B 483 42.56 15.11 0.34
N LYS B 484 43.58 15.66 0.98
CA LYS B 484 44.90 15.00 1.07
C LYS B 484 44.89 13.88 2.09
N SER B 485 44.21 14.10 3.22
CA SER B 485 44.12 13.08 4.24
C SER B 485 43.36 11.87 3.73
N LEU B 486 42.28 12.12 2.99
CA LEU B 486 41.42 11.08 2.48
C LEU B 486 42.13 10.31 1.39
N TYR B 487 42.87 10.99 0.53
CA TYR B 487 43.68 10.30 -0.46
C TYR B 487 44.65 9.35 0.21
N ALA B 488 45.36 9.83 1.24
CA ALA B 488 46.33 9.00 1.95
C ALA B 488 45.63 7.83 2.67
N ALA B 489 44.51 8.10 3.34
CA ALA B 489 43.74 7.06 4.07
C ALA B 489 43.33 5.92 3.14
N ARG B 490 42.96 6.24 1.90
CA ARG B 490 42.65 5.23 0.88
C ARG B 490 43.83 4.35 0.52
N GLN B 491 45.06 4.91 0.48
CA GLN B 491 46.26 4.14 0.15
C GLN B 491 46.61 3.22 1.32
N TYR B 492 46.52 3.71 2.56
CA TYR B 492 46.74 2.86 3.73
C TYR B 492 45.72 1.68 3.71
N PHE B 493 44.48 2.03 3.47
CA PHE B 493 43.39 1.06 3.45
C PHE B 493 43.64 -0.02 2.43
N VAL B 494 43.90 0.37 1.19
CA VAL B 494 44.01 -0.60 0.11
C VAL B 494 45.28 -1.43 0.30
N GLN B 495 46.32 -0.84 0.85
CA GLN B 495 47.50 -1.60 1.21
C GLN B 495 47.22 -2.64 2.26
N TRP B 496 46.52 -2.26 3.30
CA TRP B 496 46.14 -3.16 4.38
C TRP B 496 45.35 -4.36 3.85
N CYS B 497 44.36 -4.09 3.01
CA CYS B 497 43.62 -5.14 2.29
C CYS B 497 44.53 -6.08 1.55
N ALA B 498 45.51 -5.57 0.82
CA ALA B 498 46.42 -6.44 0.06
C ALA B 498 47.27 -7.27 1.02
N ASP B 499 47.72 -6.67 2.13
CA ASP B 499 48.55 -7.34 3.14
C ASP B 499 47.79 -8.52 3.77
N ARG B 500 46.51 -8.29 4.10
CA ARG B 500 45.73 -9.39 4.71
C ARG B 500 44.86 -10.18 3.74
N ASN B 501 45.19 -10.16 2.46
CA ASN B 501 44.46 -10.99 1.46
C ASN B 501 42.94 -10.75 1.36
N PHE B 502 42.48 -9.56 1.69
CA PHE B 502 41.11 -9.28 1.74
C PHE B 502 40.55 -8.95 0.33
N THR B 503 39.24 -8.94 0.21
CA THR B 503 38.54 -8.67 -1.07
C THR B 503 38.90 -7.23 -1.61
N LYS B 504 39.03 -7.15 -2.93
CA LYS B 504 39.24 -5.91 -3.65
C LYS B 504 38.13 -4.91 -3.41
N PRO B 505 38.46 -3.71 -2.92
CA PRO B 505 37.33 -2.73 -2.85
C PRO B 505 36.62 -2.47 -4.20
N GLN B 506 35.29 -2.32 -4.20
CA GLN B 506 34.51 -2.16 -5.45
C GLN B 506 35.00 -1.06 -6.35
N ASP B 507 35.26 0.14 -5.82
CA ASP B 507 35.86 1.23 -6.60
C ASP B 507 37.38 1.25 -6.59
N GLY B 508 37.99 0.09 -6.30
CA GLY B 508 39.41 0.01 -6.02
C GLY B 508 40.29 0.63 -7.07
N ASP B 509 40.00 0.36 -8.33
CA ASP B 509 40.77 0.97 -9.46
C ASP B 509 40.64 2.51 -9.65
N VAL B 510 39.59 3.13 -9.12
CA VAL B 510 39.42 4.58 -9.20
C VAL B 510 40.00 5.27 -7.96
N ILE B 511 39.72 4.73 -6.74
CA ILE B 511 40.26 5.31 -5.48
C ILE B 511 41.80 5.12 -5.30
N ALA B 512 42.35 4.00 -5.81
CA ALA B 512 43.76 3.60 -5.58
C ALA B 512 44.32 2.92 -6.85
N PRO B 513 44.39 3.67 -7.97
CA PRO B 513 44.85 3.09 -9.25
C PRO B 513 46.27 2.50 -9.22
N LEU B 514 47.14 3.02 -8.35
CA LEU B 514 48.53 2.55 -8.28
C LEU B 514 48.75 1.38 -7.31
N ILE B 515 47.75 1.05 -6.49
CA ILE B 515 47.79 -0.04 -5.51
C ILE B 515 47.15 -1.38 -6.00
N THR B 516 46.04 -1.30 -6.76
CA THR B 516 45.35 -2.50 -7.27
C THR B 516 46.15 -3.45 -8.23
N PRO B 517 47.05 -2.91 -9.09
CA PRO B 517 48.00 -3.72 -9.85
C PRO B 517 48.91 -4.72 -9.10
N GLN B 518 49.20 -4.55 -7.79
CA GLN B 518 49.95 -5.57 -6.98
C GLN B 518 49.40 -7.01 -7.12
N LYS B 519 48.09 -7.03 -7.03
CA LYS B 519 47.35 -8.21 -6.70
C LYS B 519 46.80 -8.78 -8.00
N LYS B 520 47.35 -9.91 -8.47
CA LYS B 520 46.90 -10.49 -9.77
C LYS B 520 45.48 -11.05 -9.76
N GLU B 521 45.03 -11.62 -8.62
CA GLU B 521 43.58 -11.94 -8.35
C GLU B 521 42.54 -10.81 -8.70
N TRP B 522 42.99 -9.56 -8.57
CA TRP B 522 42.16 -8.36 -8.79
C TRP B 522 42.23 -7.79 -10.26
N ASN B 523 43.03 -8.40 -11.17
CA ASN B 523 43.56 -7.83 -12.48
C ASN B 523 43.93 -8.91 -13.51
N ASP C 37 28.64 18.06 -2.83
CA ASP C 37 28.28 19.33 -3.54
C ASP C 37 27.75 19.04 -5.00
N THR C 38 27.34 17.81 -5.32
CA THR C 38 26.35 17.52 -6.44
C THR C 38 24.93 17.24 -5.85
N MET C 39 23.97 16.69 -6.61
CA MET C 39 22.59 16.44 -6.14
C MET C 39 22.59 15.31 -5.11
N LYS C 40 21.98 15.48 -3.94
CA LYS C 40 21.86 14.39 -3.00
C LYS C 40 20.48 13.73 -3.19
N VAL C 41 20.45 12.41 -3.10
CA VAL C 41 19.17 11.69 -3.18
C VAL C 41 18.77 11.23 -1.82
N ILE C 42 17.53 11.45 -1.47
CA ILE C 42 16.99 11.05 -0.15
C ILE C 42 15.77 10.13 -0.41
N ASN C 43 15.66 9.04 0.31
CA ASN C 43 14.51 8.16 0.20
C ASN C 43 13.47 8.51 1.25
N ASP C 44 12.33 9.03 0.82
CA ASP C 44 11.23 9.34 1.71
C ASP C 44 10.11 8.30 1.54
N PRO C 45 9.46 7.81 2.62
CA PRO C 45 8.39 6.85 2.40
C PRO C 45 7.22 7.35 1.65
N ILE C 46 6.93 8.63 1.67
CA ILE C 46 5.75 9.15 0.96
C ILE C 46 6.08 9.40 -0.51
N HIS C 47 7.15 10.12 -0.78
CA HIS C 47 7.42 10.56 -2.15
C HIS C 47 8.44 9.71 -2.86
N GLY C 48 9.08 8.75 -2.18
CA GLY C 48 10.11 7.96 -2.80
C GLY C 48 11.44 8.77 -2.85
N HIS C 49 12.24 8.54 -3.88
CA HIS C 49 13.57 9.13 -4.00
C HIS C 49 13.43 10.53 -4.54
N ILE C 50 13.82 11.50 -3.75
CA ILE C 50 13.72 12.93 -3.92
C ILE C 50 15.19 13.44 -4.14
N GLU C 51 15.40 14.39 -5.07
CA GLU C 51 16.67 15.01 -5.30
C GLU C 51 16.77 16.33 -4.57
N LEU C 52 17.85 16.57 -3.85
CA LEU C 52 18.08 17.88 -3.22
C LEU C 52 19.28 18.59 -3.84
N HIS C 53 19.02 19.73 -4.45
CA HIS C 53 20.07 20.60 -4.93
C HIS C 53 21.06 20.96 -3.80
N PRO C 54 22.35 21.14 -4.09
CA PRO C 54 23.31 21.38 -3.01
C PRO C 54 23.08 22.61 -2.13
N LEU C 55 22.41 23.64 -2.66
CA LEU C 55 22.03 24.77 -1.83
C LEU C 55 21.02 24.35 -0.78
N LEU C 56 20.04 23.53 -1.17
CA LEU C 56 19.05 23.04 -0.21
C LEU C 56 19.75 22.18 0.87
N VAL C 57 20.73 21.38 0.47
CA VAL C 57 21.46 20.54 1.43
C VAL C 57 22.17 21.43 2.46
N ARG C 58 22.78 22.51 2.00
CA ARG C 58 23.45 23.50 2.90
C ARG C 58 22.46 24.10 3.90
N ILE C 59 21.27 24.39 3.48
CA ILE C 59 20.22 24.89 4.40
C ILE C 59 19.75 23.78 5.40
N ILE C 60 19.60 22.55 4.92
CA ILE C 60 19.16 21.46 5.76
C ILE C 60 20.15 21.09 6.86
N ASP C 61 21.42 21.14 6.54
CA ASP C 61 22.46 20.71 7.44
C ASP C 61 22.92 21.87 8.38
N THR C 62 21.97 22.36 9.16
CA THR C 62 22.19 23.47 10.09
C THR C 62 21.40 23.11 11.33
N PRO C 63 21.80 23.61 12.51
CA PRO C 63 21.05 23.37 13.74
C PRO C 63 19.62 23.87 13.72
N GLN C 64 19.37 24.94 12.96
CA GLN C 64 18.05 25.53 12.87
C GLN C 64 17.08 24.69 12.09
N PHE C 65 17.57 23.96 11.09
CA PHE C 65 16.70 23.06 10.34
C PHE C 65 16.61 21.66 11.02
N GLN C 66 17.74 21.16 11.49
CA GLN C 66 17.77 19.79 12.12
C GLN C 66 16.95 19.72 13.40
N ARG C 67 16.75 20.86 14.03
CA ARG C 67 15.83 20.97 15.17
C ARG C 67 14.48 20.36 14.92
N LEU C 68 13.99 20.43 13.68
CA LEU C 68 12.69 19.91 13.33
C LEU C 68 12.63 18.38 13.40
N ARG C 69 13.78 17.70 13.54
CA ARG C 69 13.73 16.27 13.89
C ARG C 69 13.18 15.97 15.28
N TYR C 70 13.03 17.00 16.12
CA TYR C 70 12.72 16.75 17.56
C TYR C 70 11.38 17.39 17.89
N ILE C 71 10.58 17.65 16.85
CA ILE C 71 9.25 18.18 17.03
C ILE C 71 8.24 17.31 16.27
N LYS C 72 7.32 16.69 16.99
CA LYS C 72 6.32 15.80 16.39
C LYS C 72 5.31 16.58 15.63
N GLN C 73 5.04 16.11 14.39
CA GLN C 73 4.11 16.74 13.50
C GLN C 73 2.74 16.90 14.19
N LEU C 74 2.27 15.81 14.81
CA LEU C 74 0.96 15.77 15.37
C LEU C 74 0.89 15.92 16.89
N GLY C 75 1.96 16.28 17.51
CA GLY C 75 1.93 16.59 18.97
C GLY C 75 1.41 15.47 19.81
N GLY C 76 0.37 15.77 20.58
CA GLY C 76 -0.26 14.76 21.42
C GLY C 76 -0.99 13.66 20.72
N GLY C 77 -1.23 13.80 19.39
CA GLY C 77 -1.82 12.76 18.58
C GLY C 77 -1.03 11.44 18.62
N TYR C 78 0.27 11.47 18.85
CA TYR C 78 1.07 10.24 19.00
C TYR C 78 0.61 9.39 20.19
N TYR C 79 0.10 10.06 21.24
CA TYR C 79 -0.39 9.34 22.41
C TYR C 79 -1.76 8.66 22.19
N VAL C 80 -2.33 8.85 21.00
CA VAL C 80 -3.57 8.20 20.55
C VAL C 80 -3.41 7.31 19.35
N PHE C 81 -2.62 7.75 18.37
CA PHE C 81 -2.33 7.01 17.17
C PHE C 81 -0.83 6.68 17.25
N PRO C 82 -0.47 5.44 17.58
CA PRO C 82 0.93 5.12 17.87
C PRO C 82 1.82 5.10 16.64
N GLY C 83 1.25 5.09 15.47
CA GLY C 83 2.02 5.28 14.22
C GLY C 83 2.49 6.72 13.99
N ALA C 84 1.93 7.69 14.72
CA ALA C 84 2.13 9.11 14.45
C ALA C 84 3.33 9.67 15.17
N SER C 85 4.46 9.04 14.93
CA SER C 85 5.80 9.29 15.50
C SER C 85 6.58 10.32 14.59
N HIS C 86 6.04 10.64 13.41
CA HIS C 86 6.73 11.52 12.44
C HIS C 86 6.90 12.96 12.91
N ASN C 87 8.00 13.55 12.48
CA ASN C 87 8.46 14.86 12.92
C ASN C 87 8.33 15.89 11.80
N ARG C 88 8.38 17.15 12.20
CA ARG C 88 8.34 18.25 11.23
C ARG C 88 9.47 18.23 10.20
N PHE C 89 10.59 17.60 10.52
CA PHE C 89 11.74 17.55 9.61
C PHE C 89 11.34 16.91 8.27
N GLU C 90 10.89 15.68 8.36
CA GLU C 90 10.53 14.91 7.17
C GLU C 90 9.33 15.53 6.41
N HIS C 91 8.39 16.11 7.11
CA HIS C 91 7.33 16.91 6.47
C HIS C 91 7.90 18.05 5.66
N SER C 92 8.89 18.75 6.20
CA SER C 92 9.50 19.89 5.54
C SER C 92 10.19 19.49 4.29
N LEU C 93 10.91 18.37 4.31
CA LEU C 93 11.52 17.87 3.08
C LEU C 93 10.46 17.61 1.98
N GLY C 94 9.34 17.05 2.38
CA GLY C 94 8.23 16.73 1.52
C GLY C 94 7.62 18.00 0.92
N VAL C 95 7.44 19.04 1.75
CA VAL C 95 6.90 20.32 1.27
C VAL C 95 7.81 20.98 0.24
N GLY C 96 9.09 20.98 0.52
CA GLY C 96 10.08 21.46 -0.42
C GLY C 96 10.08 20.72 -1.75
N TYR C 97 10.00 19.41 -1.67
CA TYR C 97 9.89 18.58 -2.85
C TYR C 97 8.66 18.91 -3.71
N LEU C 98 7.48 18.96 -3.08
CA LEU C 98 6.25 19.25 -3.78
C LEU C 98 6.21 20.66 -4.34
N ALA C 99 6.81 21.61 -3.64
CA ALA C 99 6.86 22.98 -4.15
C ALA C 99 7.61 22.97 -5.47
N GLY C 100 8.74 22.24 -5.50
CA GLY C 100 9.58 22.06 -6.67
C GLY C 100 8.80 21.33 -7.81
N CYS C 101 8.07 20.29 -7.49
CA CYS C 101 7.21 19.56 -8.45
C CYS C 101 6.19 20.50 -9.13
N LEU C 102 5.50 21.33 -8.37
CA LEU C 102 4.45 22.16 -8.94
C LEU C 102 5.09 23.27 -9.83
N VAL C 103 6.07 23.96 -9.30
CA VAL C 103 6.71 25.01 -10.09
C VAL C 103 7.38 24.49 -11.35
N HIS C 104 8.07 23.36 -11.28
CA HIS C 104 8.62 22.73 -12.47
C HIS C 104 7.56 22.38 -13.49
N ALA C 105 6.46 21.77 -13.05
CA ALA C 105 5.40 21.39 -13.96
C ALA C 105 4.80 22.63 -14.69
N LEU C 106 4.56 23.70 -13.95
CA LEU C 106 4.00 24.89 -14.57
C LEU C 106 4.98 25.45 -15.61
N GLY C 107 6.27 25.49 -15.27
CA GLY C 107 7.34 26.01 -16.17
C GLY C 107 7.53 25.18 -17.41
N GLU C 108 7.46 23.85 -17.30
CA GLU C 108 7.51 22.98 -18.47
C GLU C 108 6.34 23.09 -19.41
N LYS C 109 5.12 23.17 -18.90
CA LYS C 109 3.91 23.31 -19.75
C LYS C 109 3.77 24.73 -20.30
N GLN C 110 4.24 25.76 -19.57
CA GLN C 110 4.06 27.17 -19.95
C GLN C 110 5.41 27.92 -19.92
N PRO C 111 6.27 27.71 -20.95
CA PRO C 111 7.54 28.43 -21.00
C PRO C 111 7.33 29.96 -21.02
N GLU C 112 6.19 30.45 -21.49
CA GLU C 112 5.94 31.90 -21.49
C GLU C 112 5.83 32.57 -20.10
N LEU C 113 5.74 31.79 -19.04
CA LEU C 113 5.76 32.34 -17.70
C LEU C 113 7.17 32.80 -17.29
N GLN C 114 8.18 32.34 -18.01
CA GLN C 114 9.59 32.68 -17.81
C GLN C 114 10.06 32.26 -16.41
N ILE C 115 9.63 31.09 -15.96
CA ILE C 115 10.08 30.55 -14.72
C ILE C 115 11.53 30.16 -14.85
N SER C 116 12.40 30.71 -14.03
CA SER C 116 13.83 30.49 -14.14
C SER C 116 14.26 29.45 -13.10
N GLU C 117 15.48 28.96 -13.25
CA GLU C 117 16.05 28.01 -12.27
C GLU C 117 16.19 28.69 -10.90
N ARG C 118 16.49 29.97 -10.91
CA ARG C 118 16.48 30.78 -9.71
C ARG C 118 15.13 30.79 -8.98
N ASP C 119 14.06 30.96 -9.76
CA ASP C 119 12.69 30.97 -9.21
C ASP C 119 12.39 29.62 -8.59
N VAL C 120 12.74 28.54 -9.28
CA VAL C 120 12.49 27.22 -8.82
C VAL C 120 13.19 26.99 -7.47
N LEU C 121 14.46 27.33 -7.40
CA LEU C 121 15.20 27.16 -6.15
C LEU C 121 14.58 27.99 -5.01
N CYS C 122 14.19 29.22 -5.29
CA CYS C 122 13.53 30.03 -4.26
C CYS C 122 12.22 29.44 -3.77
N VAL C 123 11.44 28.90 -4.66
CA VAL C 123 10.19 28.25 -4.28
C VAL C 123 10.46 26.98 -3.44
N GLN C 124 11.45 26.22 -3.83
CA GLN C 124 11.84 25.02 -3.04
C GLN C 124 12.33 25.41 -1.65
N ILE C 125 13.10 26.50 -1.55
CA ILE C 125 13.64 26.92 -0.25
C ILE C 125 12.47 27.34 0.65
N ALA C 126 11.54 28.11 0.11
CA ALA C 126 10.35 28.48 0.88
C ALA C 126 9.53 27.29 1.33
N GLY C 127 9.33 26.30 0.45
CA GLY C 127 8.62 25.11 0.86
C GLY C 127 9.33 24.39 1.98
N LEU C 128 10.64 24.28 1.84
CA LEU C 128 11.46 23.60 2.85
C LEU C 128 11.41 24.29 4.16
N CYS C 129 11.37 25.60 4.14
CA CYS C 129 11.55 26.39 5.36
C CYS C 129 10.26 26.87 6.01
N ARG C 130 9.11 26.62 5.42
CA ARG C 130 7.91 27.13 6.00
C ARG C 130 7.47 26.53 7.31
N ASN C 131 8.04 25.43 7.75
CA ASN C 131 7.74 24.85 9.08
C ASN C 131 8.82 25.17 10.17
N LEU C 132 9.78 26.05 9.88
CA LEU C 132 10.90 26.27 10.77
C LEU C 132 10.45 26.88 12.11
N GLY C 133 9.36 27.63 12.11
CA GLY C 133 8.89 28.29 13.29
C GLY C 133 8.05 27.49 14.30
N HIS C 134 7.75 26.27 13.98
CA HIS C 134 6.99 25.41 14.90
C HIS C 134 7.75 25.20 16.20
N GLY C 135 6.97 25.07 17.26
CA GLY C 135 7.46 24.86 18.60
C GLY C 135 7.13 23.45 19.06
N PRO C 136 7.51 23.12 20.31
CA PRO C 136 7.23 21.84 20.91
C PRO C 136 5.80 21.36 20.70
N PHE C 137 5.66 20.15 20.23
CA PHE C 137 4.38 19.53 19.94
C PHE C 137 3.54 20.28 18.86
N SER C 138 4.20 21.01 17.97
CA SER C 138 3.58 21.67 16.84
C SER C 138 2.38 22.54 17.25
N HIS C 139 1.16 22.21 16.79
CA HIS C 139 0.03 23.11 17.12
C HIS C 139 -0.34 23.31 18.55
N MET C 140 0.04 22.41 19.45
CA MET C 140 -0.10 22.72 20.83
C MET C 140 0.57 24.04 21.24
N PHE C 141 1.74 24.34 20.66
CA PHE C 141 2.56 25.45 21.14
C PHE C 141 1.94 26.78 20.78
N ASP C 142 1.64 26.99 19.52
CA ASP C 142 1.04 28.26 19.09
C ASP C 142 -0.48 28.30 19.30
N GLY C 143 -1.15 27.17 19.29
CA GLY C 143 -2.61 27.09 19.46
C GLY C 143 -3.04 27.08 20.95
N ARG C 144 -2.24 26.52 21.86
CA ARG C 144 -2.69 26.46 23.28
C ARG C 144 -1.73 27.12 24.23
N PHE C 145 -0.43 26.81 24.13
CA PHE C 145 0.49 27.27 25.15
C PHE C 145 0.78 28.78 25.11
N ILE C 146 1.25 29.27 23.98
CA ILE C 146 1.60 30.68 23.92
C ILE C 146 0.38 31.62 24.19
N PRO C 147 -0.78 31.32 23.63
CA PRO C 147 -1.94 32.17 23.99
C PRO C 147 -2.21 32.24 25.49
N LEU C 148 -1.97 31.18 26.23
CA LEU C 148 -2.16 31.21 27.68
C LEU C 148 -0.96 31.80 28.43
N ALA C 149 0.26 31.49 28.02
CA ALA C 149 1.43 32.03 28.72
C ALA C 149 1.69 33.50 28.40
N ARG C 150 1.45 33.95 27.16
CA ARG C 150 1.79 35.32 26.72
C ARG C 150 0.55 35.92 26.04
N PRO C 151 -0.54 36.17 26.80
CA PRO C 151 -1.82 36.60 26.19
C PRO C 151 -1.74 37.94 25.39
N GLU C 152 -0.82 38.79 25.78
CA GLU C 152 -0.52 40.08 25.11
C GLU C 152 0.21 40.01 23.73
N VAL C 153 0.75 38.87 23.33
CA VAL C 153 1.65 38.81 22.21
C VAL C 153 0.84 38.20 21.10
N LYS C 154 1.22 38.38 19.85
CA LYS C 154 0.49 37.79 18.74
C LYS C 154 1.47 36.90 17.97
N TRP C 155 1.57 35.63 18.34
CA TRP C 155 2.62 34.78 17.78
C TRP C 155 1.98 33.80 16.85
N THR C 156 2.60 33.57 15.70
CA THR C 156 2.23 32.52 14.83
C THR C 156 3.48 31.74 14.38
N HIS C 157 3.28 30.50 14.01
CA HIS C 157 4.36 29.71 13.52
C HIS C 157 4.91 30.31 12.21
N GLU C 158 4.07 30.94 11.39
CA GLU C 158 4.56 31.61 10.19
C GLU C 158 5.60 32.72 10.50
N GLN C 159 5.31 33.57 11.48
CA GLN C 159 6.28 34.64 11.86
C GLN C 159 7.54 34.00 12.42
N GLY C 160 7.32 32.95 13.21
CA GLY C 160 8.44 32.15 13.73
C GLY C 160 9.32 31.62 12.61
N SER C 161 8.72 31.16 11.51
CA SER C 161 9.48 30.61 10.41
C SER C 161 10.33 31.65 9.74
N VAL C 162 9.79 32.85 9.56
CA VAL C 162 10.54 33.94 8.98
C VAL C 162 11.75 34.32 9.87
N MET C 163 11.50 34.47 11.18
CA MET C 163 12.56 34.80 12.13
C MET C 163 13.63 33.71 12.17
N MET C 164 13.18 32.45 12.16
CA MET C 164 14.11 31.34 12.20
C MET C 164 14.92 31.21 10.89
N PHE C 165 14.28 31.48 9.77
CA PHE C 165 14.98 31.47 8.47
C PHE C 165 16.05 32.52 8.44
N GLU C 166 15.71 33.72 8.86
CA GLU C 166 16.72 34.77 8.98
C GLU C 166 17.91 34.35 9.85
N HIS C 167 17.60 33.77 11.00
CA HIS C 167 18.65 33.29 11.90
C HIS C 167 19.48 32.15 11.21
N LEU C 168 18.82 31.26 10.50
CA LEU C 168 19.47 30.15 9.79
C LEU C 168 20.47 30.72 8.75
N ILE C 169 19.98 31.63 7.91
CA ILE C 169 20.79 32.28 6.86
C ILE C 169 22.02 32.98 7.50
N ASN C 170 21.78 33.78 8.53
CA ASN C 170 22.88 34.56 9.10
C ASN C 170 23.84 33.79 9.93
N SER C 171 23.45 32.71 10.60
CA SER C 171 24.37 31.95 11.42
C SER C 171 25.18 30.97 10.62
N ASN C 172 24.81 30.64 9.39
CA ASN C 172 25.46 29.53 8.67
C ASN C 172 26.14 29.91 7.34
N GLY C 173 26.31 31.19 7.07
CA GLY C 173 26.94 31.66 5.85
C GLY C 173 26.24 31.28 4.56
N ILE C 174 24.91 31.30 4.55
CA ILE C 174 24.17 30.85 3.41
C ILE C 174 24.17 31.87 2.25
N LYS C 175 24.30 33.16 2.51
CA LYS C 175 24.23 34.13 1.42
C LYS C 175 25.27 33.94 0.31
N PRO C 176 26.54 33.68 0.65
CA PRO C 176 27.49 33.40 -0.44
C PRO C 176 27.21 32.12 -1.23
N VAL C 177 26.58 31.11 -0.60
CA VAL C 177 26.23 29.90 -1.32
C VAL C 177 25.05 30.23 -2.24
N MET C 178 24.08 31.00 -1.76
CA MET C 178 23.00 31.47 -2.64
C MET C 178 23.58 32.14 -3.88
N GLU C 179 24.58 33.01 -3.73
CA GLU C 179 25.16 33.73 -4.89
C GLU C 179 25.83 32.79 -5.86
N GLN C 180 26.56 31.83 -5.30
CA GLN C 180 27.23 30.84 -6.10
C GLN C 180 26.27 30.11 -7.04
N TYR C 181 25.01 29.91 -6.65
CA TYR C 181 24.05 29.20 -7.50
C TYR C 181 23.08 30.11 -8.17
N GLY C 182 23.40 31.37 -8.27
CA GLY C 182 22.68 32.33 -9.11
C GLY C 182 21.56 33.07 -8.42
N LEU C 183 21.35 32.88 -7.12
CA LEU C 183 20.38 33.69 -6.40
C LEU C 183 20.96 35.07 -6.10
N ILE C 184 20.07 36.06 -5.92
CA ILE C 184 20.46 37.44 -5.54
C ILE C 184 19.85 37.58 -4.15
N PRO C 185 20.66 37.40 -3.11
CA PRO C 185 20.08 37.26 -1.77
C PRO C 185 19.17 38.37 -1.31
N GLU C 186 19.45 39.63 -1.61
CA GLU C 186 18.60 40.68 -1.11
C GLU C 186 17.14 40.49 -1.58
N GLU C 187 16.95 40.35 -2.90
CA GLU C 187 15.66 40.11 -3.50
C GLU C 187 15.06 38.71 -3.13
N ASP C 188 15.88 37.66 -3.21
CA ASP C 188 15.41 36.30 -3.02
C ASP C 188 15.08 35.92 -1.58
N ILE C 189 15.81 36.45 -0.59
CA ILE C 189 15.41 36.27 0.81
C ILE C 189 14.06 36.90 1.07
N CYS C 190 13.85 38.10 0.58
CA CYS C 190 12.57 38.76 0.66
C CYS C 190 11.44 37.90 0.04
N PHE C 191 11.65 37.41 -1.18
CA PHE C 191 10.73 36.48 -1.87
C PHE C 191 10.39 35.25 -1.04
N ILE C 192 11.41 34.59 -0.49
CA ILE C 192 11.18 33.39 0.30
C ILE C 192 10.35 33.70 1.54
N LYS C 193 10.72 34.80 2.24
CA LYS C 193 9.93 35.15 3.42
C LYS C 193 8.47 35.50 3.07
N GLU C 194 8.29 36.24 1.99
CA GLU C 194 6.96 36.56 1.52
C GLU C 194 6.13 35.34 1.19
N GLN C 195 6.74 34.30 0.66
CA GLN C 195 6.01 33.11 0.32
C GLN C 195 5.56 32.38 1.57
N ILE C 196 6.25 32.58 2.67
CA ILE C 196 5.90 31.97 3.96
C ILE C 196 4.83 32.77 4.73
N VAL C 197 4.99 34.08 4.84
CA VAL C 197 4.17 34.85 5.73
C VAL C 197 3.22 35.82 5.01
N GLY C 198 3.35 36.00 3.71
CA GLY C 198 2.54 36.97 2.99
C GLY C 198 3.24 38.31 2.93
N PRO C 199 2.55 39.33 2.37
CA PRO C 199 3.17 40.64 2.06
C PRO C 199 3.77 41.26 3.30
N LEU C 200 5.06 41.67 3.22
CA LEU C 200 5.86 42.07 4.39
C LEU C 200 5.65 43.54 4.88
N GLU C 201 4.71 44.29 4.30
CA GLU C 201 4.78 45.78 4.46
C GLU C 201 3.48 46.38 4.99
N LEU C 208 -2.99 47.73 -5.68
CA LEU C 208 -1.57 47.90 -5.93
C LEU C 208 -0.79 46.63 -5.46
N TRP C 209 0.11 46.12 -6.30
CA TRP C 209 0.92 44.90 -6.03
C TRP C 209 1.75 45.04 -4.74
N PRO C 210 1.41 44.28 -3.68
CA PRO C 210 2.06 44.46 -2.36
C PRO C 210 3.38 43.71 -2.13
N TYR C 211 3.79 42.83 -3.02
CA TYR C 211 4.98 42.02 -2.84
C TYR C 211 6.18 42.74 -3.44
N LYS C 212 7.34 42.55 -2.82
CA LYS C 212 8.61 43.15 -3.24
C LYS C 212 9.60 42.14 -3.80
N GLY C 213 9.40 40.85 -3.53
CA GLY C 213 10.33 39.84 -3.93
C GLY C 213 10.29 39.53 -5.40
N ARG C 214 9.10 39.55 -5.97
CA ARG C 214 8.92 39.33 -7.40
C ARG C 214 7.86 40.31 -7.89
N PRO C 215 7.92 40.68 -9.16
CA PRO C 215 6.88 41.58 -9.71
C PRO C 215 5.58 40.84 -10.07
N GLU C 216 4.55 41.58 -10.46
CA GLU C 216 3.17 41.05 -10.70
C GLU C 216 3.14 39.96 -11.74
N ASN C 217 4.04 40.03 -12.74
CA ASN C 217 4.08 39.00 -13.76
C ASN C 217 4.53 37.64 -13.27
N LYS C 218 5.00 37.51 -12.01
CA LYS C 218 5.23 36.22 -11.36
C LYS C 218 4.31 36.00 -10.14
N SER C 219 3.16 36.67 -10.14
CA SER C 219 2.15 36.51 -9.06
C SER C 219 1.82 35.06 -8.67
N PHE C 220 1.71 34.19 -9.66
CA PHE C 220 1.37 32.81 -9.47
C PHE C 220 2.39 32.08 -8.60
N LEU C 221 3.63 32.53 -8.58
CA LEU C 221 4.66 31.92 -7.70
C LEU C 221 4.33 31.99 -6.21
N TYR C 222 3.53 32.95 -5.83
CA TYR C 222 3.11 33.10 -4.42
C TYR C 222 1.91 32.22 -4.06
N GLU C 223 1.43 31.40 -4.98
CA GLU C 223 0.31 30.50 -4.67
C GLU C 223 0.73 29.06 -4.42
N ILE C 224 2.03 28.79 -4.31
CA ILE C 224 2.52 27.37 -4.24
C ILE C 224 2.71 26.87 -2.83
N VAL C 225 3.46 27.66 -2.08
CA VAL C 225 3.93 27.21 -0.71
C VAL C 225 2.86 27.50 0.34
N SER C 226 2.26 28.66 0.25
CA SER C 226 1.18 29.00 1.13
C SER C 226 0.21 29.83 0.39
N ASN C 227 -0.97 29.31 0.14
CA ASN C 227 -1.98 30.00 -0.66
C ASN C 227 -3.03 30.56 0.22
N LYS C 228 -2.94 31.86 0.44
CA LYS C 228 -3.89 32.56 1.34
C LYS C 228 -5.17 32.93 0.60
N ARG C 229 -5.16 32.94 -0.69
CA ARG C 229 -6.39 33.23 -1.44
C ARG C 229 -7.45 32.07 -1.42
N ASN C 230 -7.04 30.83 -1.52
CA ASN C 230 -7.98 29.72 -1.46
C ASN C 230 -7.55 28.47 -0.68
N GLY C 231 -6.38 28.47 -0.10
CA GLY C 231 -5.93 27.34 0.72
C GLY C 231 -5.35 26.16 -0.04
N ILE C 232 -5.24 26.24 -1.35
CA ILE C 232 -4.73 25.11 -2.07
C ILE C 232 -3.21 25.30 -2.16
N ASP C 233 -2.45 24.56 -1.38
CA ASP C 233 -1.00 24.65 -1.44
C ASP C 233 -0.35 23.32 -1.09
N VAL C 234 0.97 23.28 -1.31
CA VAL C 234 1.66 22.04 -1.25
C VAL C 234 1.90 21.52 0.16
N ASP C 235 1.80 22.40 1.17
CA ASP C 235 1.94 21.96 2.54
C ASP C 235 0.84 20.96 2.93
N LYS C 236 -0.39 21.25 2.55
CA LYS C 236 -1.52 20.31 2.76
C LYS C 236 -1.29 19.03 2.02
N TRP C 237 -0.77 19.11 0.79
CA TRP C 237 -0.67 17.91 0.02
C TRP C 237 0.31 16.96 0.72
N ASP C 238 1.41 17.50 1.24
CA ASP C 238 2.32 16.62 1.94
C ASP C 238 1.68 16.04 3.21
N TYR C 239 1.07 16.87 4.04
CA TYR C 239 0.62 16.35 5.33
C TYR C 239 -0.60 15.42 5.14
N PHE C 240 -1.45 15.66 4.11
CA PHE C 240 -2.49 14.66 3.83
C PHE C 240 -1.89 13.24 3.67
N ALA C 241 -0.88 13.14 2.82
CA ALA C 241 -0.31 11.87 2.48
C ALA C 241 0.49 11.32 3.64
N ARG C 242 1.30 12.16 4.26
CA ARG C 242 2.20 11.72 5.32
C ARG C 242 1.43 11.36 6.61
N ASP C 243 0.55 12.23 7.02
CA ASP C 243 -0.24 11.93 8.25
C ASP C 243 -1.06 10.65 8.06
N CYS C 244 -1.68 10.48 6.89
CA CYS C 244 -2.45 9.22 6.65
C CYS C 244 -1.60 7.96 6.74
N HIS C 245 -0.41 8.02 6.12
CA HIS C 245 0.52 6.90 6.11
C HIS C 245 0.85 6.48 7.54
N HIS C 246 1.08 7.44 8.44
CA HIS C 246 1.42 7.15 9.80
C HIS C 246 0.25 6.90 10.75
N LEU C 247 -0.87 7.57 10.52
CA LEU C 247 -2.03 7.38 11.38
C LEU C 247 -2.67 6.02 11.16
N GLY C 248 -2.60 5.46 9.95
CA GLY C 248 -3.42 4.32 9.62
C GLY C 248 -4.82 4.65 9.15
N ILE C 249 -4.96 5.82 8.50
CA ILE C 249 -6.20 6.24 7.84
C ILE C 249 -5.81 6.51 6.43
N GLN C 250 -6.67 6.20 5.49
CA GLN C 250 -6.36 6.46 4.06
C GLN C 250 -7.16 7.74 3.64
N ASN C 251 -6.66 8.46 2.70
CA ASN C 251 -7.41 9.56 2.04
C ASN C 251 -7.40 9.34 0.50
N ASN C 252 -8.43 9.92 -0.12
CA ASN C 252 -8.56 9.86 -1.57
C ASN C 252 -8.30 11.12 -2.35
N PHE C 253 -7.42 12.00 -1.85
CA PHE C 253 -6.94 13.12 -2.68
C PHE C 253 -5.64 12.76 -3.42
N ASP C 254 -5.58 13.12 -4.67
CA ASP C 254 -4.44 12.79 -5.57
C ASP C 254 -3.84 14.12 -6.06
N TYR C 255 -2.75 14.53 -5.40
CA TYR C 255 -2.09 15.80 -5.74
C TYR C 255 -1.46 15.68 -7.12
N LYS C 256 -0.99 14.50 -7.51
CA LYS C 256 -0.34 14.40 -8.81
C LYS C 256 -1.31 14.69 -9.96
N ARG C 257 -2.54 14.24 -9.79
CA ARG C 257 -3.59 14.53 -10.74
C ARG C 257 -3.84 16.03 -10.82
N PHE C 258 -3.92 16.67 -9.64
CA PHE C 258 -4.13 18.12 -9.61
C PHE C 258 -3.01 18.82 -10.46
N ILE C 259 -1.76 18.44 -10.21
CA ILE C 259 -0.64 19.05 -10.95
C ILE C 259 -0.75 18.85 -12.42
N LYS C 260 -1.13 17.66 -12.89
CA LYS C 260 -1.36 17.48 -14.32
C LYS C 260 -2.40 18.41 -14.93
N PHE C 261 -3.41 18.80 -14.18
CA PHE C 261 -4.43 19.60 -14.70
C PHE C 261 -4.30 21.08 -14.28
N ALA C 262 -3.22 21.53 -13.68
CA ALA C 262 -3.12 22.91 -13.25
C ALA C 262 -2.46 23.75 -14.37
N ARG C 263 -2.89 24.99 -14.51
CA ARG C 263 -2.26 25.94 -15.41
C ARG C 263 -2.33 27.31 -14.80
N VAL C 264 -1.54 28.23 -15.34
CA VAL C 264 -1.62 29.59 -14.96
C VAL C 264 -2.44 30.33 -16.02
N CYS C 265 -3.47 31.09 -15.60
CA CYS C 265 -4.29 31.87 -16.46
C CYS C 265 -4.50 33.24 -15.83
N GLU C 266 -4.82 34.19 -16.68
CA GLU C 266 -5.08 35.53 -16.27
C GLU C 266 -6.47 35.63 -15.67
N VAL C 267 -6.62 35.98 -14.40
CA VAL C 267 -7.92 36.22 -13.78
C VAL C 267 -7.99 37.66 -13.21
N ASP C 268 -8.94 38.48 -13.69
CA ASP C 268 -9.09 39.91 -13.27
C ASP C 268 -7.70 40.57 -13.28
N ASN C 269 -6.98 40.49 -14.41
CA ASN C 269 -5.63 41.07 -14.58
C ASN C 269 -4.56 40.62 -13.63
N GLU C 270 -4.66 39.38 -13.14
CA GLU C 270 -3.62 38.81 -12.34
C GLU C 270 -3.38 37.36 -12.79
N LEU C 271 -2.12 36.89 -12.87
CA LEU C 271 -1.82 35.50 -13.19
C LEU C 271 -2.06 34.61 -11.98
N ARG C 272 -2.89 33.58 -12.13
CA ARG C 272 -3.24 32.71 -11.00
C ARG C 272 -3.15 31.26 -11.40
N ILE C 273 -2.95 30.39 -10.43
CA ILE C 273 -2.98 28.94 -10.69
C ILE C 273 -4.45 28.57 -10.76
N CYS C 274 -4.87 28.02 -11.89
CA CYS C 274 -6.24 27.59 -12.15
C CYS C 274 -6.26 26.04 -12.40
N ALA C 275 -7.42 25.45 -12.32
CA ALA C 275 -7.57 24.00 -12.42
C ALA C 275 -8.51 23.79 -13.61
N ARG C 276 -8.41 22.60 -14.20
CA ARG C 276 -9.32 22.20 -15.21
C ARG C 276 -10.76 22.12 -14.58
N ASP C 277 -11.74 22.56 -15.35
CA ASP C 277 -13.17 22.51 -15.01
C ASP C 277 -13.62 21.15 -14.40
N LYS C 278 -13.29 20.05 -15.06
CA LYS C 278 -13.53 18.65 -14.55
C LYS C 278 -13.05 18.39 -13.21
N GLU C 279 -12.04 19.09 -12.71
CA GLU C 279 -11.49 18.87 -11.41
C GLU C 279 -12.24 19.52 -10.23
N VAL C 280 -13.33 20.22 -10.50
CA VAL C 280 -14.00 20.95 -9.41
C VAL C 280 -14.50 20.05 -8.25
N GLY C 281 -15.08 18.94 -8.62
CA GLY C 281 -15.47 17.90 -7.67
C GLY C 281 -14.36 17.41 -6.81
N ASN C 282 -13.18 17.20 -7.39
CA ASN C 282 -12.04 16.77 -6.64
C ASN C 282 -11.57 17.79 -5.60
N LEU C 283 -11.73 19.08 -5.93
CA LEU C 283 -11.36 20.17 -5.05
C LEU C 283 -12.29 20.25 -3.82
N TYR C 284 -13.58 20.15 -4.04
CA TYR C 284 -14.53 19.99 -2.90
C TYR C 284 -14.14 18.78 -2.05
N ASP C 285 -13.77 17.68 -2.70
CA ASP C 285 -13.36 16.49 -1.96
C ASP C 285 -12.06 16.74 -1.19
N MET C 286 -11.13 17.52 -1.74
CA MET C 286 -9.88 17.80 -1.05
C MET C 286 -10.14 18.51 0.35
N PHE C 287 -11.03 19.48 0.36
CA PHE C 287 -11.38 20.11 1.63
C PHE C 287 -12.21 19.23 2.51
N HIS C 288 -13.03 18.35 1.94
CA HIS C 288 -13.73 17.32 2.71
C HIS C 288 -12.68 16.40 3.40
N THR C 289 -11.61 16.04 2.72
CA THR C 289 -10.58 15.24 3.29
C THR C 289 -9.87 15.95 4.46
N ARG C 290 -9.53 17.23 4.27
CA ARG C 290 -8.92 17.99 5.35
C ARG C 290 -9.82 17.97 6.58
N ASN C 291 -11.12 18.26 6.38
CA ASN C 291 -12.07 18.27 7.48
C ASN C 291 -12.15 16.90 8.19
N SER C 292 -12.19 15.82 7.43
CA SER C 292 -12.10 14.47 7.93
C SER C 292 -10.89 14.19 8.79
N LEU C 293 -9.74 14.54 8.31
CA LEU C 293 -8.52 14.35 9.07
C LEU C 293 -8.59 15.14 10.43
N HIS C 294 -9.13 16.36 10.37
CA HIS C 294 -9.38 17.11 11.60
C HIS C 294 -10.31 16.38 12.54
N ARG C 295 -11.44 15.92 12.00
CA ARG C 295 -12.40 15.28 12.86
C ARG C 295 -11.84 13.95 13.47
N ARG C 296 -11.16 13.16 12.69
CA ARG C 296 -10.78 11.83 13.12
C ARG C 296 -9.54 11.87 13.98
N ALA C 297 -8.59 12.71 13.61
CA ALA C 297 -7.26 12.67 14.18
C ALA C 297 -6.86 13.93 14.86
N TYR C 298 -6.84 15.08 14.15
CA TYR C 298 -6.18 16.26 14.75
C TYR C 298 -6.90 16.82 15.99
N GLN C 299 -8.23 16.63 16.01
CA GLN C 299 -9.11 17.06 17.05
C GLN C 299 -9.70 15.90 17.82
N HIS C 300 -8.99 14.78 17.88
CA HIS C 300 -9.41 13.61 18.63
C HIS C 300 -9.61 14.06 20.06
N LYS C 301 -10.69 13.68 20.70
CA LYS C 301 -11.01 14.14 22.07
C LYS C 301 -9.97 13.77 23.13
N VAL C 302 -9.29 12.65 22.97
CA VAL C 302 -8.26 12.30 23.88
C VAL C 302 -6.95 12.98 23.50
N GLY C 303 -6.62 13.05 22.22
CA GLY C 303 -5.40 13.80 21.78
C GLY C 303 -5.44 15.24 22.27
N ASN C 304 -6.65 15.84 22.26
CA ASN C 304 -6.76 17.21 22.68
C ASN C 304 -6.58 17.36 24.21
N ILE C 305 -7.14 16.43 24.99
CA ILE C 305 -6.99 16.48 26.42
C ILE C 305 -5.51 16.24 26.82
N ILE C 306 -4.83 15.36 26.11
CA ILE C 306 -3.39 15.18 26.32
C ILE C 306 -2.59 16.47 26.03
N ASP C 307 -2.90 17.11 24.90
CA ASP C 307 -2.31 18.42 24.59
C ASP C 307 -2.61 19.46 25.69
N THR C 308 -3.82 19.48 26.22
CA THR C 308 -4.20 20.35 27.27
C THR C 308 -3.39 20.10 28.55
N MET C 309 -3.18 18.83 28.89
CA MET C 309 -2.42 18.45 30.10
C MET C 309 -0.92 18.81 29.94
N ILE C 310 -0.39 18.58 28.75
CA ILE C 310 0.99 18.95 28.45
C ILE C 310 1.14 20.47 28.55
N THR C 311 0.21 21.21 27.99
CA THR C 311 0.21 22.67 28.10
C THR C 311 0.16 23.11 29.56
N ASP C 312 -0.70 22.48 30.35
CA ASP C 312 -0.81 22.85 31.77
C ASP C 312 0.54 22.56 32.51
N ALA C 313 1.21 21.47 32.15
CA ALA C 313 2.56 21.17 32.68
C ALA C 313 3.63 22.21 32.28
N PHE C 314 3.66 22.61 31.03
CA PHE C 314 4.52 23.67 30.59
C PHE C 314 4.26 24.95 31.30
N LEU C 315 3.00 25.27 31.55
CA LEU C 315 2.65 26.49 32.27
C LEU C 315 3.18 26.47 33.69
N LYS C 316 3.06 25.32 34.34
CA LYS C 316 3.58 25.16 35.68
C LYS C 316 5.11 25.10 35.72
N ALA C 317 5.75 24.69 34.65
CA ALA C 317 7.21 24.67 34.55
C ALA C 317 7.84 26.00 34.10
N ASP C 318 7.03 26.89 33.53
CA ASP C 318 7.54 28.04 32.81
C ASP C 318 8.41 28.99 33.67
N ASP C 319 8.12 29.14 34.97
CA ASP C 319 8.96 29.97 35.82
C ASP C 319 10.35 29.37 36.10
N TYR C 320 10.59 28.09 35.82
CA TYR C 320 11.74 27.37 36.32
C TYR C 320 12.67 26.73 35.29
N ILE C 321 12.24 26.45 34.08
CA ILE C 321 13.12 25.90 33.07
C ILE C 321 13.86 27.11 32.46
N GLU C 322 15.17 26.97 32.29
CA GLU C 322 16.02 28.02 31.67
C GLU C 322 16.58 27.52 30.36
N ILE C 323 16.51 28.38 29.36
CA ILE C 323 17.03 28.06 28.04
C ILE C 323 17.98 29.21 27.72
N THR C 324 19.25 28.85 27.46
CA THR C 324 20.24 29.85 27.10
C THR C 324 20.17 30.28 25.64
N GLY C 325 20.20 31.58 25.40
CA GLY C 325 20.16 32.18 24.08
C GLY C 325 21.33 33.06 23.80
N ALA C 326 21.13 34.09 22.98
CA ALA C 326 22.21 34.96 22.54
C ALA C 326 22.89 35.66 23.70
N GLY C 327 24.22 35.71 23.67
CA GLY C 327 25.04 36.36 24.68
C GLY C 327 24.90 35.74 26.05
N GLY C 328 24.61 34.45 26.14
CA GLY C 328 24.31 33.79 27.42
C GLY C 328 23.06 34.22 28.22
N LYS C 329 22.25 35.15 27.70
CA LYS C 329 20.95 35.50 28.29
C LYS C 329 20.01 34.28 28.45
N LYS C 330 19.22 34.33 29.50
CA LYS C 330 18.31 33.25 29.86
C LYS C 330 16.88 33.55 29.41
N TYR C 331 16.24 32.51 28.90
CA TYR C 331 14.86 32.60 28.44
C TYR C 331 14.04 31.49 29.11
N ARG C 332 12.73 31.66 29.08
CA ARG C 332 11.80 30.67 29.55
C ARG C 332 11.17 30.02 28.36
N ILE C 333 10.40 28.98 28.62
CA ILE C 333 9.68 28.31 27.54
C ILE C 333 8.83 29.36 26.78
N SER C 334 8.18 30.24 27.54
CA SER C 334 7.27 31.22 26.89
C SER C 334 7.99 32.42 26.28
N THR C 335 9.25 32.66 26.65
CA THR C 335 10.00 33.79 26.06
C THR C 335 11.03 33.38 25.03
N ALA C 336 11.23 32.09 24.84
CA ALA C 336 12.20 31.64 23.88
C ALA C 336 11.88 32.07 22.46
N ILE C 337 10.61 32.35 22.18
CA ILE C 337 10.17 32.91 20.89
C ILE C 337 10.73 34.28 20.54
N ASP C 338 11.31 34.97 21.52
CA ASP C 338 11.93 36.27 21.36
C ASP C 338 13.42 36.22 21.03
N ASP C 339 14.03 35.03 20.97
CA ASP C 339 15.44 34.93 20.65
C ASP C 339 15.67 33.61 19.94
N MET C 340 16.03 33.68 18.68
CA MET C 340 16.08 32.48 17.85
C MET C 340 17.22 31.52 18.29
N GLU C 341 18.26 32.03 18.93
CA GLU C 341 19.26 31.14 19.43
C GLU C 341 18.68 30.22 20.54
N ALA C 342 17.86 30.79 21.42
CA ALA C 342 17.17 30.02 22.44
C ALA C 342 16.10 29.13 21.82
N TYR C 343 15.32 29.71 20.90
CA TYR C 343 14.24 28.93 20.27
C TYR C 343 14.80 27.70 19.52
N THR C 344 15.99 27.81 18.94
CA THR C 344 16.64 26.71 18.30
C THR C 344 16.72 25.47 19.20
N LYS C 345 16.82 25.68 20.50
CA LYS C 345 16.94 24.64 21.47
C LYS C 345 15.66 24.29 22.21
N LEU C 346 14.53 24.74 21.71
CA LEU C 346 13.23 24.49 22.32
C LEU C 346 12.43 23.54 21.44
N THR C 347 12.38 22.28 21.86
CA THR C 347 11.80 21.21 21.10
C THR C 347 10.99 20.35 22.04
N ASP C 348 10.54 19.19 21.54
CA ASP C 348 9.78 18.26 22.38
C ASP C 348 10.55 17.76 23.60
N ASN C 349 11.86 17.85 23.57
CA ASN C 349 12.73 17.58 24.72
C ASN C 349 12.25 18.24 26.01
N ILE C 350 11.60 19.40 25.93
CA ILE C 350 11.14 20.06 27.14
C ILE C 350 10.23 19.15 27.97
N PHE C 351 9.42 18.33 27.31
CA PHE C 351 8.52 17.39 27.99
C PHE C 351 9.35 16.42 28.86
N LEU C 352 10.38 15.85 28.25
CA LEU C 352 11.24 14.91 28.99
C LEU C 352 12.12 15.60 30.03
N GLU C 353 12.57 16.82 29.77
CA GLU C 353 13.31 17.59 30.78
C GLU C 353 12.39 17.72 32.03
N ILE C 354 11.11 18.08 31.85
CA ILE C 354 10.21 18.16 32.94
C ILE C 354 9.97 16.77 33.57
N LEU C 355 9.71 15.76 32.75
CA LEU C 355 9.38 14.45 33.26
C LEU C 355 10.50 13.84 34.12
N TYR C 356 11.73 14.07 33.72
CA TYR C 356 12.88 13.47 34.39
C TYR C 356 13.50 14.35 35.45
N SER C 357 12.94 15.52 35.69
CA SER C 357 13.54 16.47 36.59
C SER C 357 13.48 15.96 38.03
N THR C 358 14.36 16.49 38.87
CA THR C 358 14.26 16.27 40.31
C THR C 358 14.05 17.58 41.06
N ASP C 359 14.25 18.74 40.42
CA ASP C 359 14.06 20.01 41.09
C ASP C 359 12.67 20.03 41.80
N PRO C 360 12.61 20.28 43.10
CA PRO C 360 11.26 20.38 43.74
C PRO C 360 10.35 21.46 43.19
N LYS C 361 10.89 22.54 42.61
CA LYS C 361 10.02 23.53 41.99
C LYS C 361 9.28 23.02 40.74
N LEU C 362 9.81 21.98 40.10
CA LEU C 362 9.16 21.32 38.96
C LEU C 362 8.21 20.21 39.36
N LYS C 363 8.00 20.02 40.65
CA LYS C 363 7.19 18.93 41.13
C LYS C 363 5.75 18.94 40.57
N ASP C 364 5.07 20.09 40.60
CA ASP C 364 3.69 20.11 40.09
C ASP C 364 3.64 19.82 38.60
N ALA C 365 4.56 20.40 37.84
CA ALA C 365 4.62 20.12 36.41
C ALA C 365 4.91 18.67 36.10
N ARG C 366 5.89 18.10 36.79
CA ARG C 366 6.31 16.71 36.63
C ARG C 366 5.16 15.79 36.98
N GLU C 367 4.39 16.12 38.01
CA GLU C 367 3.25 15.28 38.41
C GLU C 367 2.17 15.18 37.37
N ILE C 368 1.88 16.30 36.70
CA ILE C 368 0.99 16.22 35.54
C ILE C 368 1.46 15.23 34.46
N LEU C 369 2.73 15.33 34.05
CA LEU C 369 3.23 14.42 33.02
C LEU C 369 3.24 12.97 33.48
N LYS C 370 3.55 12.73 34.74
CA LYS C 370 3.48 11.37 35.28
C LYS C 370 2.06 10.82 35.21
N GLN C 371 1.07 11.69 35.38
CA GLN C 371 -0.29 11.22 35.28
C GLN C 371 -0.64 10.85 33.84
N ILE C 372 -0.06 11.56 32.88
CA ILE C 372 -0.20 11.18 31.51
C ILE C 372 0.36 9.74 31.27
N GLU C 373 1.53 9.44 31.81
CA GLU C 373 2.09 8.08 31.67
C GLU C 373 1.26 6.98 32.24
N TYR C 374 0.61 7.23 33.38
CA TYR C 374 -0.29 6.27 33.97
C TYR C 374 -1.65 6.26 33.32
N ARG C 375 -1.88 7.16 32.37
CA ARG C 375 -3.15 7.32 31.71
C ARG C 375 -4.21 7.72 32.67
N ASN C 376 -3.89 8.50 33.68
CA ASN C 376 -4.88 9.12 34.57
C ASN C 376 -5.24 10.49 33.94
N LEU C 377 -6.05 10.47 32.89
CA LEU C 377 -6.33 11.63 32.13
C LEU C 377 -7.61 12.22 32.65
N PHE C 378 -7.80 13.49 32.38
CA PHE C 378 -9.11 14.15 32.59
C PHE C 378 -10.14 13.38 31.75
N LYS C 379 -11.35 13.22 32.24
CA LYS C 379 -12.33 12.35 31.63
C LYS C 379 -13.31 13.16 30.76
N TYR C 380 -13.55 12.61 29.58
CA TYR C 380 -14.48 13.17 28.64
C TYR C 380 -15.93 13.06 29.16
N VAL C 381 -16.66 14.16 29.15
CA VAL C 381 -18.03 14.20 29.65
C VAL C 381 -19.00 14.19 28.48
N GLY C 382 -18.71 14.96 27.45
CA GLY C 382 -19.51 14.98 26.25
C GLY C 382 -19.16 16.12 25.32
N GLU C 383 -19.98 16.27 24.29
CA GLU C 383 -19.74 17.12 23.15
C GLU C 383 -21.09 17.68 22.68
N THR C 384 -21.05 18.95 22.28
CA THR C 384 -22.22 19.64 21.76
C THR C 384 -21.74 20.68 20.72
N GLN C 385 -22.68 21.31 20.02
CA GLN C 385 -22.38 22.40 19.09
C GLN C 385 -23.34 23.51 19.28
N PRO C 386 -22.90 24.78 19.09
CA PRO C 386 -23.91 25.87 19.01
C PRO C 386 -24.87 25.70 17.85
N THR C 387 -26.11 26.11 18.04
CA THR C 387 -27.11 26.12 16.98
C THR C 387 -27.20 27.59 16.55
N GLY C 388 -27.47 27.80 15.27
CA GLY C 388 -27.33 29.07 14.61
C GLY C 388 -25.87 29.45 14.31
N GLN C 389 -25.69 30.77 14.19
CA GLN C 389 -24.43 31.41 13.81
C GLN C 389 -23.84 32.10 15.05
N ILE C 390 -24.21 31.66 16.26
CA ILE C 390 -23.41 31.86 17.48
C ILE C 390 -22.04 31.24 17.28
N LYS C 391 -21.05 32.08 17.04
CA LYS C 391 -19.66 31.63 17.25
C LYS C 391 -19.32 32.13 18.63
N ILE C 392 -18.86 31.22 19.48
CA ILE C 392 -18.28 31.57 20.74
C ILE C 392 -16.89 32.07 20.47
N LYS C 393 -16.60 33.28 20.97
CA LYS C 393 -15.35 33.98 20.67
C LYS C 393 -14.33 33.64 21.72
N ARG C 394 -13.05 33.72 21.37
CA ARG C 394 -11.95 33.37 22.28
C ARG C 394 -12.02 34.00 23.70
N GLU C 395 -12.50 35.23 23.79
CA GLU C 395 -12.50 35.97 25.03
C GLU C 395 -13.60 35.47 26.00
N ASP C 396 -14.52 34.65 25.47
CA ASP C 396 -15.52 34.01 26.29
C ASP C 396 -15.12 32.59 26.70
N TYR C 397 -13.97 32.09 26.27
CA TYR C 397 -13.60 30.70 26.61
C TYR C 397 -13.54 30.49 28.13
N GLU C 398 -12.89 31.40 28.85
CA GLU C 398 -12.66 31.26 30.28
C GLU C 398 -13.94 31.30 31.12
N SER C 399 -15.01 31.92 30.64
CA SER C 399 -16.30 31.86 31.32
C SER C 399 -17.06 30.51 31.18
N LEU C 400 -16.67 29.62 30.26
CA LEU C 400 -17.52 28.42 30.00
C LEU C 400 -17.47 27.39 31.15
N PRO C 401 -16.30 27.09 31.73
CA PRO C 401 -16.31 26.17 32.87
C PRO C 401 -17.20 26.62 34.01
N LYS C 402 -17.27 27.93 34.26
CA LYS C 402 -18.12 28.46 35.36
C LYS C 402 -19.59 28.27 35.04
N GLU C 403 -19.94 28.42 33.74
CA GLU C 403 -21.34 28.24 33.35
C GLU C 403 -21.77 26.79 33.56
N VAL C 404 -20.92 25.84 33.20
CA VAL C 404 -21.28 24.43 33.33
C VAL C 404 -21.50 24.10 34.83
N ALA C 405 -20.55 24.54 35.64
CA ALA C 405 -20.63 24.30 37.07
C ALA C 405 -21.82 24.95 37.75
N SER C 406 -22.25 26.11 37.25
CA SER C 406 -23.46 26.80 37.77
C SER C 406 -24.79 26.29 37.25
N ALA C 407 -24.79 25.36 36.30
CA ALA C 407 -26.06 24.79 35.85
C ALA C 407 -26.80 24.10 36.98
N LYS C 408 -28.14 24.07 36.88
CA LYS C 408 -29.01 23.61 37.96
C LYS C 408 -29.79 22.39 37.50
N PRO C 409 -29.17 21.20 37.56
CA PRO C 409 -29.79 20.06 36.86
C PRO C 409 -31.16 19.47 37.34
N LYS C 410 -31.66 19.74 38.53
CA LYS C 410 -32.94 19.18 38.99
C LYS C 410 -32.90 17.66 39.30
N VAL C 411 -31.80 17.17 39.84
CA VAL C 411 -31.56 15.76 40.12
C VAL C 411 -30.86 15.65 41.48
N LEU C 412 -31.05 14.54 42.16
CA LEU C 412 -30.30 14.23 43.39
C LEU C 412 -28.80 14.17 43.07
N LEU C 413 -28.02 15.18 43.51
CA LEU C 413 -26.56 15.17 43.37
C LEU C 413 -25.85 15.29 44.71
N ASP C 414 -25.30 14.18 45.15
CA ASP C 414 -24.46 14.04 46.38
C ASP C 414 -23.14 14.82 46.29
N VAL C 415 -22.39 14.62 45.20
CA VAL C 415 -21.13 15.32 44.97
C VAL C 415 -21.37 16.62 44.22
N LYS C 416 -20.55 17.61 44.61
CA LYS C 416 -20.63 18.96 44.16
C LYS C 416 -19.35 19.27 43.35
N LEU C 417 -19.53 19.80 42.14
CA LEU C 417 -18.37 20.12 41.33
C LEU C 417 -18.21 21.62 41.21
N LYS C 418 -16.98 22.09 41.02
CA LYS C 418 -16.66 23.49 40.87
C LYS C 418 -16.21 23.79 39.48
N ALA C 419 -16.15 25.07 39.17
CA ALA C 419 -15.65 25.56 37.85
C ALA C 419 -14.29 25.00 37.50
N GLU C 420 -13.36 25.00 38.43
CA GLU C 420 -12.02 24.45 38.20
C GLU C 420 -11.97 22.89 37.96
N ASP C 421 -13.05 22.15 38.23
CA ASP C 421 -13.14 20.74 37.89
C ASP C 421 -13.49 20.48 36.40
N PHE C 422 -13.85 21.50 35.63
CA PHE C 422 -14.29 21.34 34.25
C PHE C 422 -13.27 21.95 33.30
N ILE C 423 -12.93 21.25 32.21
CA ILE C 423 -12.33 21.86 31.05
C ILE C 423 -13.33 21.91 29.90
N VAL C 424 -13.38 23.06 29.22
CA VAL C 424 -14.26 23.30 28.10
C VAL C 424 -13.35 23.64 26.92
N ASP C 425 -13.28 22.76 25.90
CA ASP C 425 -12.42 22.94 24.77
C ASP C 425 -13.30 23.33 23.56
N VAL C 426 -13.08 24.51 22.97
CA VAL C 426 -13.90 25.00 21.89
C VAL C 426 -13.09 24.79 20.61
N ILE C 427 -13.62 24.08 19.64
CA ILE C 427 -12.88 23.77 18.44
C ILE C 427 -13.58 24.33 17.19
N ASN C 428 -12.82 25.06 16.37
CA ASN C 428 -13.38 25.67 15.15
C ASN C 428 -13.01 24.75 14.01
N MET C 429 -13.99 24.22 13.29
CA MET C 429 -13.77 23.38 12.14
C MET C 429 -14.28 24.18 10.95
N ASP C 430 -13.45 24.31 9.92
CA ASP C 430 -13.90 25.04 8.72
C ASP C 430 -13.07 24.64 7.50
N TYR C 431 -13.39 25.19 6.33
CA TYR C 431 -12.65 24.88 5.09
C TYR C 431 -11.44 25.83 4.84
N GLY C 432 -10.90 26.43 5.90
CA GLY C 432 -9.65 27.23 5.82
C GLY C 432 -9.88 28.70 5.46
N MET C 433 -11.11 29.14 5.23
CA MET C 433 -11.39 30.56 4.99
C MET C 433 -12.62 31.01 5.76
N GLN C 434 -12.60 30.66 7.06
CA GLN C 434 -13.69 30.92 7.99
C GLN C 434 -15.05 30.55 7.38
N GLU C 435 -16.01 31.47 7.25
CA GLU C 435 -17.31 31.14 6.73
C GLU C 435 -17.35 30.90 5.20
N LYS C 436 -16.25 31.14 4.50
CA LYS C 436 -16.32 31.14 3.07
C LYS C 436 -16.06 29.77 2.44
N ASN C 437 -16.68 29.59 1.28
CA ASN C 437 -16.44 28.42 0.46
C ASN C 437 -15.12 28.71 -0.36
N PRO C 438 -14.07 27.99 -0.10
CA PRO C 438 -12.81 28.25 -0.77
C PRO C 438 -12.85 27.95 -2.30
N ILE C 439 -13.80 27.12 -2.75
CA ILE C 439 -13.94 26.84 -4.19
C ILE C 439 -14.51 28.01 -4.98
N ASP C 440 -15.18 28.93 -4.28
CA ASP C 440 -15.53 30.22 -4.91
C ASP C 440 -14.33 31.10 -5.23
N HIS C 441 -13.16 30.79 -4.68
CA HIS C 441 -11.92 31.53 -4.92
C HIS C 441 -10.92 30.76 -5.75
N VAL C 442 -11.40 29.72 -6.46
CA VAL C 442 -10.58 29.01 -7.43
C VAL C 442 -11.17 29.38 -8.79
N SER C 443 -10.34 29.41 -9.80
CA SER C 443 -10.70 29.62 -11.16
C SER C 443 -10.41 28.35 -12.03
N PHE C 444 -11.25 28.12 -13.03
CA PHE C 444 -11.19 26.91 -13.82
C PHE C 444 -11.16 27.21 -15.28
N TYR C 445 -10.57 26.32 -16.07
CA TYR C 445 -10.47 26.49 -17.53
C TYR C 445 -11.00 25.22 -18.19
N CYS C 446 -11.58 25.39 -19.40
CA CYS C 446 -12.06 24.28 -20.25
C CYS C 446 -10.95 23.94 -21.23
N LYS C 447 -10.93 22.70 -21.61
CA LYS C 447 -9.86 22.14 -22.44
C LYS C 447 -9.74 22.84 -23.76
N THR C 448 -10.85 23.24 -24.33
CA THR C 448 -10.82 23.86 -25.65
C THR C 448 -10.49 25.41 -25.57
N ALA C 449 -10.51 26.04 -24.36
CA ALA C 449 -10.15 27.42 -24.16
C ALA C 449 -9.27 27.62 -22.93
N PRO C 450 -8.04 27.06 -22.97
CA PRO C 450 -7.26 26.98 -21.79
C PRO C 450 -6.74 28.33 -21.26
N ASN C 451 -6.89 29.38 -22.01
CA ASN C 451 -6.48 30.70 -21.56
C ASN C 451 -7.62 31.51 -20.96
N ARG C 452 -8.85 30.98 -20.94
CA ARG C 452 -9.96 31.64 -20.34
C ARG C 452 -10.37 31.01 -18.99
N ALA C 453 -10.18 31.71 -17.91
CA ALA C 453 -10.46 31.10 -16.57
C ALA C 453 -11.81 31.53 -16.25
N ILE C 454 -12.64 30.73 -15.62
CA ILE C 454 -13.97 31.20 -15.15
C ILE C 454 -14.22 30.70 -13.78
N ARG C 455 -15.34 31.06 -13.20
CA ARG C 455 -15.77 30.53 -11.90
C ARG C 455 -16.82 29.45 -12.13
N ILE C 456 -16.88 28.55 -11.19
CA ILE C 456 -17.95 27.54 -11.15
C ILE C 456 -18.68 27.67 -9.79
N THR C 457 -19.99 27.84 -9.79
CA THR C 457 -20.70 27.96 -8.49
C THR C 457 -20.97 26.58 -7.89
N LYS C 458 -21.25 26.53 -6.61
CA LYS C 458 -21.58 25.30 -5.91
C LYS C 458 -22.79 24.53 -6.48
N ASN C 459 -23.85 25.23 -6.78
CA ASN C 459 -25.05 24.62 -7.40
C ASN C 459 -24.78 24.06 -8.80
N GLN C 460 -23.75 24.54 -9.52
CA GLN C 460 -23.39 23.93 -10.82
C GLN C 460 -22.65 22.62 -10.58
N VAL C 461 -22.14 22.36 -9.38
CA VAL C 461 -21.37 21.15 -9.17
C VAL C 461 -22.26 20.01 -8.66
N SER C 462 -23.03 20.25 -7.59
CA SER C 462 -23.83 19.21 -6.98
C SER C 462 -24.71 19.86 -5.91
N GLN C 463 -25.89 19.32 -5.74
CA GLN C 463 -26.77 19.63 -4.63
C GLN C 463 -26.43 18.91 -3.33
N LEU C 464 -25.50 17.98 -3.34
CA LEU C 464 -25.14 17.22 -2.16
C LEU C 464 -23.93 17.83 -1.47
N LEU C 465 -23.53 19.06 -1.79
CA LEU C 465 -22.37 19.65 -1.15
C LEU C 465 -22.79 20.34 0.17
N PRO C 466 -21.84 20.74 1.02
CA PRO C 466 -22.21 21.42 2.30
C PRO C 466 -22.93 22.72 2.11
N GLU C 467 -23.83 23.14 2.99
CA GLU C 467 -24.37 24.51 2.91
C GLU C 467 -23.63 25.51 3.74
N LYS C 468 -22.83 25.04 4.67
CA LYS C 468 -22.03 25.89 5.54
C LYS C 468 -20.62 25.38 5.53
N PHE C 469 -19.68 26.29 5.79
CA PHE C 469 -18.27 25.98 5.68
C PHE C 469 -17.45 26.18 6.93
N ALA C 470 -18.14 26.49 8.02
CA ALA C 470 -17.49 26.65 9.34
C ALA C 470 -18.47 26.26 10.42
N GLU C 471 -17.95 25.70 11.48
CA GLU C 471 -18.77 25.35 12.64
C GLU C 471 -17.86 25.24 13.87
N GLN C 472 -18.50 25.12 15.03
CA GLN C 472 -17.72 24.89 16.25
C GLN C 472 -18.18 23.66 16.97
N LEU C 473 -17.27 22.93 17.56
CA LEU C 473 -17.59 21.82 18.50
C LEU C 473 -17.14 22.26 19.90
N ILE C 474 -17.91 21.91 20.90
CA ILE C 474 -17.54 22.21 22.26
C ILE C 474 -17.41 20.85 23.01
N ARG C 475 -16.23 20.52 23.53
CA ARG C 475 -16.07 19.33 24.33
C ARG C 475 -15.87 19.68 25.81
N VAL C 476 -16.50 18.91 26.68
CA VAL C 476 -16.37 19.15 28.12
C VAL C 476 -15.70 17.91 28.73
N TYR C 477 -14.78 18.17 29.66
CA TYR C 477 -14.07 17.17 30.43
C TYR C 477 -14.12 17.50 31.93
N CYS C 478 -13.93 16.48 32.77
CA CYS C 478 -13.98 16.61 34.20
C CYS C 478 -12.64 16.13 34.76
N LYS C 479 -12.06 16.89 35.71
CA LYS C 479 -10.80 16.53 36.35
C LYS C 479 -11.00 15.57 37.49
N LYS C 480 -12.23 15.43 37.98
CA LYS C 480 -12.54 14.43 39.01
C LYS C 480 -13.01 13.21 38.28
N VAL C 481 -12.33 12.10 38.51
CA VAL C 481 -12.45 10.92 37.65
C VAL C 481 -13.27 9.77 38.19
N ASP C 482 -13.69 9.84 39.41
CA ASP C 482 -14.48 8.75 39.98
C ASP C 482 -15.90 8.71 39.39
N ARG C 483 -16.56 7.57 39.55
CA ARG C 483 -17.86 7.27 38.96
C ARG C 483 -18.99 8.24 39.38
N LYS C 484 -18.95 8.70 40.62
CA LYS C 484 -19.96 9.65 41.13
C LYS C 484 -19.72 11.06 40.62
N SER C 485 -18.46 11.47 40.53
CA SER C 485 -18.12 12.77 40.01
C SER C 485 -18.50 12.89 38.54
N LEU C 486 -18.27 11.83 37.79
CA LEU C 486 -18.53 11.80 36.38
C LEU C 486 -20.01 11.76 36.11
N TYR C 487 -20.76 11.02 36.91
CA TYR C 487 -22.21 11.05 36.80
C TYR C 487 -22.74 12.46 36.99
N ALA C 488 -22.25 13.16 38.04
CA ALA C 488 -22.67 14.52 38.30
C ALA C 488 -22.27 15.47 37.17
N ALA C 489 -21.02 15.36 36.72
CA ALA C 489 -20.49 16.19 35.62
C ALA C 489 -21.36 16.10 34.35
N ARG C 490 -21.84 14.90 34.05
CA ARG C 490 -22.75 14.67 32.91
C ARG C 490 -24.10 15.39 33.07
N GLN C 491 -24.63 15.50 34.32
CA GLN C 491 -25.89 16.18 34.54
C GLN C 491 -25.71 17.68 34.38
N TYR C 492 -24.60 18.21 34.91
CA TYR C 492 -24.30 19.64 34.74
C TYR C 492 -24.16 19.95 33.23
N PHE C 493 -23.41 19.11 32.54
CA PHE C 493 -23.12 19.27 31.13
C PHE C 493 -24.42 19.32 30.32
N VAL C 494 -25.28 18.32 30.48
CA VAL C 494 -26.44 18.22 29.64
C VAL C 494 -27.42 19.34 29.98
N GLN C 495 -27.47 19.74 31.25
CA GLN C 495 -28.31 20.86 31.63
C GLN C 495 -27.81 22.15 30.98
N TRP C 496 -26.51 22.39 31.02
CA TRP C 496 -25.92 23.55 30.41
C TRP C 496 -26.23 23.63 28.93
N CYS C 497 -26.06 22.50 28.18
CA CYS C 497 -26.46 22.44 26.80
C CYS C 497 -27.90 22.87 26.59
N ALA C 498 -28.83 22.39 27.42
CA ALA C 498 -30.22 22.74 27.27
C ALA C 498 -30.45 24.24 27.55
N ASP C 499 -29.75 24.77 28.55
CA ASP C 499 -29.84 26.20 28.94
C ASP C 499 -29.35 27.12 27.81
N ARG C 500 -28.28 26.75 27.19
CA ARG C 500 -27.68 27.54 26.10
C ARG C 500 -28.28 27.23 24.68
N ASN C 501 -29.27 26.35 24.59
CA ASN C 501 -29.78 25.92 23.29
C ASN C 501 -28.77 25.34 22.35
N PHE C 502 -27.83 24.62 22.91
CA PHE C 502 -26.89 23.86 22.14
C PHE C 502 -27.54 22.56 21.69
N THR C 503 -26.86 21.89 20.76
CA THR C 503 -27.36 20.60 20.25
C THR C 503 -27.39 19.56 21.40
N LYS C 504 -28.38 18.68 21.35
CA LYS C 504 -28.50 17.55 22.23
C LYS C 504 -27.28 16.63 22.09
N PRO C 505 -26.57 16.39 23.22
CA PRO C 505 -25.45 15.46 23.08
C PRO C 505 -25.90 14.03 22.56
N GLN C 506 -25.07 13.40 21.75
CA GLN C 506 -25.41 12.09 21.13
C GLN C 506 -25.84 11.05 22.14
N ASP C 507 -25.10 10.88 23.23
CA ASP C 507 -25.51 9.94 24.28
C ASP C 507 -26.42 10.55 25.35
N GLY C 508 -27.04 11.68 25.02
CA GLY C 508 -27.73 12.49 26.01
C GLY C 508 -28.77 11.71 26.80
N ASP C 509 -29.55 10.88 26.12
CA ASP C 509 -30.56 10.03 26.80
C ASP C 509 -30.05 8.92 27.75
N VAL C 510 -28.78 8.51 27.57
CA VAL C 510 -28.18 7.51 28.43
C VAL C 510 -27.44 8.19 29.59
N ILE C 511 -26.64 9.23 29.31
CA ILE C 511 -25.87 9.95 30.36
C ILE C 511 -26.72 10.82 31.31
N ALA C 512 -27.86 11.37 30.82
CA ALA C 512 -28.73 12.28 31.56
C ALA C 512 -30.22 12.03 31.21
N PRO C 513 -30.71 10.83 31.57
CA PRO C 513 -32.11 10.46 31.26
C PRO C 513 -33.18 11.39 31.91
N LEU C 514 -32.85 12.04 33.00
CA LEU C 514 -33.77 12.94 33.71
C LEU C 514 -33.78 14.38 33.17
N ILE C 515 -32.76 14.74 32.39
CA ILE C 515 -32.53 16.10 31.87
C ILE C 515 -33.02 16.30 30.41
N THR C 516 -32.81 15.31 29.54
CA THR C 516 -33.19 15.43 28.09
C THR C 516 -34.70 15.63 27.76
N PRO C 517 -35.63 15.01 28.53
CA PRO C 517 -37.08 15.28 28.30
C PRO C 517 -37.55 16.74 28.53
N GLN C 518 -36.83 17.55 29.35
CA GLN C 518 -37.22 18.97 29.59
C GLN C 518 -37.22 19.80 28.30
N LYS C 519 -36.32 19.47 27.38
CA LYS C 519 -36.08 20.28 26.23
C LYS C 519 -36.93 19.74 25.07
N LYS C 520 -37.98 20.49 24.68
CA LYS C 520 -38.95 20.00 23.69
C LYS C 520 -38.33 19.90 22.27
N GLU C 521 -37.42 20.84 21.92
CA GLU C 521 -36.52 20.78 20.72
C GLU C 521 -35.80 19.42 20.48
N TRP C 522 -35.50 18.70 21.58
CA TRP C 522 -34.75 17.44 21.56
C TRP C 522 -35.62 16.17 21.45
N ASN C 523 -36.95 16.34 21.34
CA ASN C 523 -37.95 15.24 21.45
C ASN C 523 -39.10 15.44 20.42
N ASP D 37 -6.10 14.49 -32.28
CA ASP D 37 -5.69 15.79 -31.64
C ASP D 37 -4.57 15.60 -30.52
N THR D 38 -4.91 15.55 -29.23
CA THR D 38 -3.95 16.02 -28.18
C THR D 38 -3.49 14.85 -27.27
N MET D 39 -2.49 15.17 -26.45
CA MET D 39 -2.01 14.31 -25.33
C MET D 39 -3.19 13.78 -24.38
N LYS D 40 -3.14 12.52 -24.08
CA LYS D 40 -4.09 11.99 -23.14
C LYS D 40 -3.38 11.66 -21.83
N VAL D 41 -4.07 11.81 -20.72
CA VAL D 41 -3.60 11.37 -19.42
C VAL D 41 -4.47 10.19 -19.08
N ILE D 42 -3.82 9.12 -18.64
CA ILE D 42 -4.47 7.86 -18.25
C ILE D 42 -4.14 7.52 -16.82
N ASN D 43 -5.11 7.10 -16.06
CA ASN D 43 -4.87 6.76 -14.62
C ASN D 43 -4.63 5.26 -14.53
N ASP D 44 -3.39 4.88 -14.20
CA ASP D 44 -3.01 3.49 -14.06
C ASP D 44 -2.82 3.17 -12.56
N PRO D 45 -3.30 2.02 -12.06
CA PRO D 45 -3.12 1.78 -10.65
C PRO D 45 -1.68 1.66 -10.20
N ILE D 46 -0.78 1.21 -11.03
CA ILE D 46 0.61 1.06 -10.65
C ILE D 46 1.37 2.38 -10.73
N HIS D 47 1.29 3.08 -11.85
CA HIS D 47 2.13 4.25 -12.07
C HIS D 47 1.41 5.55 -11.87
N GLY D 48 0.09 5.54 -11.59
CA GLY D 48 -0.61 6.79 -11.45
C GLY D 48 -0.99 7.44 -12.75
N HIS D 49 -1.05 8.74 -12.81
CA HIS D 49 -1.45 9.48 -14.02
C HIS D 49 -0.26 9.57 -14.96
N ILE D 50 -0.37 8.94 -16.10
CA ILE D 50 0.67 8.83 -17.11
C ILE D 50 0.22 9.59 -18.36
N GLU D 51 1.15 10.26 -19.06
CA GLU D 51 0.88 11.00 -20.26
C GLU D 51 1.13 10.16 -21.49
N LEU D 52 0.20 10.20 -22.44
CA LEU D 52 0.37 9.45 -23.74
C LEU D 52 0.38 10.49 -24.84
N HIS D 53 1.53 10.64 -25.49
CA HIS D 53 1.67 11.55 -26.63
C HIS D 53 0.63 11.19 -27.71
N PRO D 54 0.16 12.13 -28.50
CA PRO D 54 -0.90 11.81 -29.48
C PRO D 54 -0.58 10.69 -30.50
N LEU D 55 0.67 10.51 -30.83
CA LEU D 55 1.06 9.40 -31.70
C LEU D 55 0.84 8.08 -31.01
N LEU D 56 1.20 8.00 -29.73
CA LEU D 56 0.92 6.77 -28.95
C LEU D 56 -0.60 6.50 -28.89
N VAL D 57 -1.39 7.53 -28.73
CA VAL D 57 -2.87 7.38 -28.65
C VAL D 57 -3.38 6.78 -29.98
N ARG D 58 -2.85 7.26 -31.11
CA ARG D 58 -3.20 6.76 -32.43
C ARG D 58 -2.87 5.28 -32.59
N ILE D 59 -1.76 4.85 -32.03
CA ILE D 59 -1.39 3.42 -32.02
C ILE D 59 -2.29 2.59 -31.11
N ILE D 60 -2.64 3.13 -29.94
CA ILE D 60 -3.46 2.43 -28.96
C ILE D 60 -4.87 2.18 -29.48
N ASP D 61 -5.41 3.15 -30.15
CA ASP D 61 -6.80 3.13 -30.58
C ASP D 61 -6.96 2.42 -31.97
N THR D 62 -6.56 1.13 -31.99
CA THR D 62 -6.61 0.29 -33.15
C THR D 62 -7.03 -1.08 -32.67
N PRO D 63 -7.63 -1.89 -33.54
CA PRO D 63 -8.01 -3.28 -33.18
C PRO D 63 -6.80 -4.14 -32.77
N GLN D 64 -5.63 -3.86 -33.35
CA GLN D 64 -4.44 -4.62 -33.08
C GLN D 64 -3.88 -4.39 -31.73
N PHE D 65 -4.04 -3.18 -31.19
CA PHE D 65 -3.57 -2.89 -29.86
C PHE D 65 -4.68 -3.24 -28.82
N GLN D 66 -5.91 -2.88 -29.11
CA GLN D 66 -7.03 -3.12 -28.14
C GLN D 66 -7.25 -4.62 -27.87
N ARG D 67 -6.89 -5.45 -28.81
CA ARG D 67 -6.84 -6.89 -28.65
C ARG D 67 -6.23 -7.34 -27.32
N LEU D 68 -5.22 -6.63 -26.88
CA LEU D 68 -4.50 -6.98 -25.66
C LEU D 68 -5.36 -6.82 -24.40
N ARG D 69 -6.51 -6.14 -24.50
CA ARG D 69 -7.49 -6.18 -23.42
C ARG D 69 -8.08 -7.55 -23.16
N TYR D 70 -7.92 -8.50 -24.08
CA TYR D 70 -8.64 -9.77 -24.00
C TYR D 70 -7.65 -10.93 -23.84
N ILE D 71 -6.45 -10.59 -23.41
CA ILE D 71 -5.44 -11.60 -23.12
C ILE D 71 -4.88 -11.38 -21.70
N LYS D 72 -5.08 -12.36 -20.83
CA LYS D 72 -4.64 -12.30 -19.47
C LYS D 72 -3.14 -12.40 -19.39
N GLN D 73 -2.56 -11.51 -18.58
CA GLN D 73 -1.12 -11.41 -18.42
C GLN D 73 -0.58 -12.76 -17.93
N LEU D 74 -1.23 -13.35 -16.94
CA LEU D 74 -0.75 -14.53 -16.28
C LEU D 74 -1.49 -15.79 -16.66
N GLY D 75 -2.31 -15.74 -17.69
CA GLY D 75 -2.99 -16.94 -18.18
C GLY D 75 -3.76 -17.70 -17.16
N GLY D 76 -3.42 -18.98 -16.99
CA GLY D 76 -4.04 -19.82 -15.99
C GLY D 76 -3.77 -19.47 -14.56
N GLY D 77 -2.82 -18.54 -14.29
CA GLY D 77 -2.56 -18.06 -12.95
C GLY D 77 -3.79 -17.41 -12.31
N TYR D 78 -4.70 -16.82 -13.12
CA TYR D 78 -5.94 -16.29 -12.55
C TYR D 78 -6.81 -17.35 -11.86
N TYR D 79 -6.73 -18.58 -12.33
CA TYR D 79 -7.48 -19.71 -11.73
C TYR D 79 -6.87 -20.18 -10.41
N VAL D 80 -5.76 -19.59 -9.99
CA VAL D 80 -5.10 -19.81 -8.70
C VAL D 80 -5.04 -18.58 -7.83
N PHE D 81 -4.74 -17.43 -8.40
CA PHE D 81 -4.69 -16.16 -7.72
C PHE D 81 -5.83 -15.31 -8.30
N PRO D 82 -6.93 -15.13 -7.58
CA PRO D 82 -8.13 -14.49 -8.15
C PRO D 82 -7.98 -12.99 -8.37
N GLY D 83 -6.94 -12.37 -7.79
CA GLY D 83 -6.60 -10.99 -8.11
C GLY D 83 -5.97 -10.81 -9.52
N ALA D 84 -5.49 -11.91 -10.12
CA ALA D 84 -4.64 -11.82 -11.35
C ALA D 84 -5.50 -11.82 -12.61
N SER D 85 -6.41 -10.85 -12.65
CA SER D 85 -7.41 -10.60 -13.70
C SER D 85 -6.83 -9.63 -14.78
N HIS D 86 -5.64 -9.06 -14.54
CA HIS D 86 -5.05 -8.05 -15.42
C HIS D 86 -4.63 -8.63 -16.78
N ASN D 87 -4.73 -7.77 -17.81
CA ASN D 87 -4.52 -8.12 -19.16
C ASN D 87 -3.25 -7.46 -19.73
N ARG D 88 -2.78 -7.97 -20.85
CA ARG D 88 -1.58 -7.44 -21.51
C ARG D 88 -1.71 -5.94 -21.91
N PHE D 89 -2.92 -5.46 -22.10
CA PHE D 89 -3.15 -4.09 -22.47
C PHE D 89 -2.53 -3.10 -21.49
N GLU D 90 -2.96 -3.18 -20.25
CA GLU D 90 -2.51 -2.26 -19.21
C GLU D 90 -1.01 -2.48 -18.88
N HIS D 91 -0.50 -3.69 -18.97
CA HIS D 91 0.96 -3.93 -18.91
C HIS D 91 1.69 -3.18 -19.97
N SER D 92 1.18 -3.17 -21.19
CA SER D 92 1.83 -2.52 -22.32
C SER D 92 1.89 -1.04 -22.12
N LEU D 93 0.80 -0.46 -21.61
CA LEU D 93 0.81 0.99 -21.31
C LEU D 93 1.95 1.31 -20.26
N GLY D 94 2.11 0.44 -19.30
CA GLY D 94 3.07 0.59 -18.23
C GLY D 94 4.49 0.47 -18.79
N VAL D 95 4.72 -0.50 -19.70
CA VAL D 95 6.03 -0.65 -20.32
C VAL D 95 6.42 0.55 -21.15
N GLY D 96 5.48 1.08 -21.92
CA GLY D 96 5.70 2.31 -22.64
C GLY D 96 6.02 3.50 -21.77
N TYR D 97 5.29 3.63 -20.70
CA TYR D 97 5.52 4.66 -19.70
C TYR D 97 6.95 4.60 -19.11
N LEU D 98 7.34 3.39 -18.64
CA LEU D 98 8.64 3.21 -18.05
C LEU D 98 9.77 3.38 -19.03
N ALA D 99 9.57 3.01 -20.27
CA ALA D 99 10.60 3.18 -21.28
C ALA D 99 10.87 4.68 -21.42
N GLY D 100 9.80 5.46 -21.47
CA GLY D 100 9.85 6.91 -21.54
C GLY D 100 10.54 7.51 -20.29
N CYS D 101 10.21 7.02 -19.09
CA CYS D 101 10.86 7.48 -17.84
C CYS D 101 12.40 7.25 -17.88
N LEU D 102 12.84 6.08 -18.31
CA LEU D 102 14.30 5.81 -18.30
C LEU D 102 15.02 6.68 -19.35
N VAL D 103 14.51 6.71 -20.57
CA VAL D 103 15.18 7.47 -21.61
C VAL D 103 15.19 8.99 -21.29
N HIS D 104 14.08 9.53 -20.76
CA HIS D 104 14.08 10.91 -20.33
CA HIS D 104 14.01 10.93 -20.28
C HIS D 104 15.06 11.19 -19.22
N ALA D 105 15.15 10.31 -18.23
CA ALA D 105 16.09 10.51 -17.12
C ALA D 105 17.55 10.50 -17.62
N LEU D 106 17.90 9.59 -18.53
CA LEU D 106 19.26 9.56 -19.06
C LEU D 106 19.56 10.84 -19.77
N GLY D 107 18.61 11.32 -20.60
CA GLY D 107 18.76 12.57 -21.34
C GLY D 107 18.88 13.81 -20.46
N GLU D 108 18.11 13.89 -19.39
CA GLU D 108 18.21 15.01 -18.43
C GLU D 108 19.49 15.06 -17.66
N LYS D 109 20.00 13.92 -17.18
CA LYS D 109 21.27 13.88 -16.45
C LYS D 109 22.48 14.00 -17.38
N GLN D 110 22.38 13.51 -18.61
CA GLN D 110 23.50 13.53 -19.57
C GLN D 110 23.08 14.15 -20.92
N PRO D 111 22.90 15.49 -20.97
CA PRO D 111 22.58 16.12 -22.28
C PRO D 111 23.61 15.80 -23.38
N GLU D 112 24.84 15.49 -23.00
CA GLU D 112 25.85 15.10 -24.00
C GLU D 112 25.57 13.81 -24.80
N LEU D 113 24.58 13.01 -24.41
CA LEU D 113 24.23 11.84 -25.18
C LEU D 113 23.43 12.22 -26.44
N GLN D 114 22.92 13.46 -26.48
CA GLN D 114 22.16 13.97 -27.61
C GLN D 114 20.89 13.20 -27.89
N ILE D 115 20.19 12.80 -26.83
CA ILE D 115 18.94 12.06 -26.99
C ILE D 115 17.90 13.05 -27.50
N SER D 116 17.26 12.77 -28.62
CA SER D 116 16.33 13.70 -29.23
C SER D 116 14.88 13.31 -28.87
N GLU D 117 13.94 14.21 -29.13
CA GLU D 117 12.53 13.91 -28.91
C GLU D 117 12.04 12.80 -29.78
N ARG D 118 12.60 12.72 -30.97
CA ARG D 118 12.38 11.59 -31.86
C ARG D 118 12.79 10.24 -31.23
N ASP D 119 13.97 10.23 -30.63
CA ASP D 119 14.47 9.00 -29.96
C ASP D 119 13.53 8.60 -28.83
N VAL D 120 13.11 9.57 -28.05
CA VAL D 120 12.25 9.32 -26.92
C VAL D 120 10.93 8.67 -27.41
N LEU D 121 10.32 9.28 -28.43
CA LEU D 121 9.08 8.71 -28.95
C LEU D 121 9.28 7.30 -29.50
N CYS D 122 10.37 7.06 -30.19
CA CYS D 122 10.65 5.70 -30.69
C CYS D 122 10.82 4.69 -29.60
N VAL D 123 11.48 5.07 -28.52
CA VAL D 123 11.67 4.17 -27.39
C VAL D 123 10.31 3.90 -26.70
N GLN D 124 9.47 4.94 -26.58
CA GLN D 124 8.13 4.75 -26.00
C GLN D 124 7.27 3.84 -26.85
N ILE D 125 7.35 3.99 -28.19
CA ILE D 125 6.53 3.18 -29.05
C ILE D 125 6.96 1.72 -28.93
N ALA D 126 8.26 1.47 -28.94
CA ALA D 126 8.75 0.10 -28.72
C ALA D 126 8.32 -0.49 -27.39
N GLY D 127 8.38 0.29 -26.31
CA GLY D 127 7.90 -0.26 -25.06
C GLY D 127 6.42 -0.58 -25.10
N LEU D 128 5.64 0.31 -25.71
CA LEU D 128 4.20 0.08 -25.81
C LEU D 128 3.88 -1.12 -26.64
N CYS D 129 4.66 -1.36 -27.67
CA CYS D 129 4.32 -2.40 -28.65
C CYS D 129 5.01 -3.73 -28.45
N ARG D 130 5.87 -3.86 -27.45
CA ARG D 130 6.58 -5.12 -27.35
C ARG D 130 5.77 -6.31 -26.92
N ASN D 131 4.54 -6.13 -26.44
CA ASN D 131 3.65 -7.24 -26.08
C ASN D 131 2.56 -7.56 -27.14
N LEU D 132 2.65 -6.96 -28.36
CA LEU D 132 1.61 -7.11 -29.33
C LEU D 132 1.49 -8.55 -29.80
N GLY D 133 2.58 -9.33 -29.77
CA GLY D 133 2.57 -10.69 -30.29
C GLY D 133 2.05 -11.80 -29.40
N HIS D 134 1.71 -11.47 -28.17
CA HIS D 134 1.19 -12.47 -27.26
C HIS D 134 -0.14 -13.05 -27.77
N GLY D 135 -0.32 -14.31 -27.43
CA GLY D 135 -1.49 -15.07 -27.82
C GLY D 135 -2.32 -15.39 -26.60
N PRO D 136 -3.44 -16.08 -26.79
CA PRO D 136 -4.35 -16.46 -25.72
C PRO D 136 -3.62 -17.02 -24.51
N PHE D 137 -3.93 -16.48 -23.33
CA PHE D 137 -3.33 -16.89 -22.08
C PHE D 137 -1.77 -16.67 -22.02
N SER D 138 -1.27 -15.69 -22.81
CA SER D 138 0.11 -15.27 -22.79
C SER D 138 1.09 -16.43 -22.89
N HIS D 139 1.91 -16.67 -21.87
CA HIS D 139 2.93 -17.77 -22.00
C HIS D 139 2.46 -19.17 -22.29
N MET D 140 1.24 -19.50 -21.97
CA MET D 140 0.73 -20.75 -22.36
C MET D 140 0.82 -20.93 -23.91
N PHE D 141 0.57 -19.88 -24.67
CA PHE D 141 0.45 -19.99 -26.11
C PHE D 141 1.77 -20.30 -26.81
N ASP D 142 2.78 -19.49 -26.53
CA ASP D 142 4.08 -19.70 -27.14
C ASP D 142 4.93 -20.73 -26.40
N GLY D 143 4.73 -20.90 -25.10
CA GLY D 143 5.49 -21.83 -24.26
C GLY D 143 4.93 -23.25 -24.32
N ARG D 144 3.61 -23.44 -24.50
CA ARG D 144 3.07 -24.83 -24.46
C ARG D 144 2.33 -25.18 -25.72
N PHE D 145 1.41 -24.31 -26.18
CA PHE D 145 0.52 -24.70 -27.27
C PHE D 145 1.21 -24.81 -28.65
N ILE D 146 1.83 -23.72 -29.07
CA ILE D 146 2.42 -23.74 -30.41
C ILE D 146 3.53 -24.81 -30.54
N PRO D 147 4.40 -24.95 -29.53
CA PRO D 147 5.38 -26.06 -29.64
C PRO D 147 4.77 -27.42 -29.83
N LEU D 148 3.60 -27.68 -29.25
CA LEU D 148 2.91 -28.99 -29.47
C LEU D 148 2.10 -29.05 -30.75
N ALA D 149 1.42 -27.97 -31.12
CA ALA D 149 0.60 -27.99 -32.34
C ALA D 149 1.43 -27.88 -33.61
N ARG D 150 2.50 -27.11 -33.61
CA ARG D 150 3.32 -26.83 -34.84
C ARG D 150 4.79 -27.06 -34.48
N PRO D 151 5.18 -28.31 -34.19
CA PRO D 151 6.57 -28.58 -33.67
C PRO D 151 7.71 -28.16 -34.61
N GLU D 152 7.43 -28.16 -35.92
CA GLU D 152 8.35 -27.69 -36.97
C GLU D 152 8.61 -26.17 -37.07
N VAL D 153 7.84 -25.33 -36.40
CA VAL D 153 7.88 -23.90 -36.64
C VAL D 153 8.65 -23.31 -35.48
N LYS D 154 9.21 -22.13 -35.61
CA LYS D 154 9.96 -21.53 -34.53
C LYS D 154 9.31 -20.18 -34.22
N TRP D 155 8.32 -20.16 -33.35
CA TRP D 155 7.53 -18.99 -33.08
C TRP D 155 7.90 -18.47 -31.75
N THR D 156 8.03 -17.15 -31.62
CA THR D 156 8.17 -16.49 -30.35
C THR D 156 7.20 -15.27 -30.33
N HIS D 157 6.84 -14.84 -29.15
CA HIS D 157 6.01 -13.70 -29.01
C HIS D 157 6.73 -12.46 -29.51
N GLU D 158 8.06 -12.37 -29.39
CA GLU D 158 8.81 -11.27 -29.98
C GLU D 158 8.60 -11.12 -31.49
N GLN D 159 8.71 -12.21 -32.23
CA GLN D 159 8.51 -12.17 -33.73
C GLN D 159 7.06 -11.81 -34.00
N GLY D 160 6.17 -12.39 -33.22
CA GLY D 160 4.73 -12.00 -33.25
C GLY D 160 4.53 -10.51 -33.08
N SER D 161 5.24 -9.91 -32.14
CA SER D 161 5.12 -8.49 -31.90
C SER D 161 5.54 -7.65 -33.07
N VAL D 162 6.65 -8.05 -33.73
CA VAL D 162 7.11 -7.34 -34.88
C VAL D 162 6.07 -7.44 -36.05
N MET D 163 5.58 -8.64 -36.29
CA MET D 163 4.59 -8.88 -37.34
C MET D 163 3.31 -8.10 -37.05
N MET D 164 2.86 -8.12 -35.78
CA MET D 164 1.64 -7.43 -35.43
C MET D 164 1.82 -5.89 -35.51
N PHE D 165 2.99 -5.40 -35.13
CA PHE D 165 3.28 -3.98 -35.24
C PHE D 165 3.22 -3.54 -36.71
N GLU D 166 3.86 -4.28 -37.55
CA GLU D 166 3.75 -4.03 -38.97
C GLU D 166 2.30 -3.99 -39.48
N HIS D 167 1.51 -4.97 -39.07
CA HIS D 167 0.10 -5.02 -39.47
C HIS D 167 -0.65 -3.78 -38.89
N LEU D 168 -0.33 -3.40 -37.64
CA LEU D 168 -0.98 -2.26 -36.98
C LEU D 168 -0.68 -0.98 -37.78
N ILE D 169 0.59 -0.75 -38.07
CA ILE D 169 1.04 0.42 -38.84
C ILE D 169 0.35 0.48 -40.22
N ASN D 170 0.36 -0.64 -40.94
CA ASN D 170 -0.18 -0.62 -42.29
C ASN D 170 -1.68 -0.59 -42.40
N SER D 171 -2.42 -1.14 -41.46
CA SER D 171 -3.85 -1.15 -41.53
C SER D 171 -4.46 0.14 -41.00
N ASN D 172 -3.72 0.97 -40.26
CA ASN D 172 -4.33 2.12 -39.61
C ASN D 172 -3.76 3.49 -40.04
N GLY D 173 -3.01 3.54 -41.11
CA GLY D 173 -2.43 4.78 -41.64
C GLY D 173 -1.50 5.50 -40.68
N ILE D 174 -0.68 4.74 -39.95
CA ILE D 174 0.15 5.33 -38.93
C ILE D 174 1.40 6.04 -39.51
N LYS D 175 1.87 5.67 -40.68
CA LYS D 175 3.10 6.29 -41.19
C LYS D 175 3.01 7.82 -41.37
N PRO D 176 1.91 8.33 -41.95
CA PRO D 176 1.82 9.81 -42.03
C PRO D 176 1.70 10.49 -40.68
N VAL D 177 1.14 9.82 -39.67
CA VAL D 177 1.09 10.41 -38.32
C VAL D 177 2.50 10.41 -37.74
N MET D 178 3.25 9.32 -37.91
CA MET D 178 4.66 9.32 -37.53
C MET D 178 5.39 10.54 -38.11
N GLU D 179 5.19 10.83 -39.40
CA GLU D 179 5.89 11.97 -40.04
C GLU D 179 5.49 13.30 -39.44
N GLN D 180 4.22 13.44 -39.19
CA GLN D 180 3.67 14.63 -38.59
C GLN D 180 4.37 14.96 -37.25
N TYR D 181 4.79 13.96 -36.47
CA TYR D 181 5.43 14.19 -35.21
C TYR D 181 6.94 14.03 -35.26
N GLY D 182 7.52 14.09 -36.44
CA GLY D 182 8.94 14.20 -36.63
C GLY D 182 9.68 12.88 -36.75
N LEU D 183 8.97 11.75 -36.78
CA LEU D 183 9.63 10.49 -37.05
C LEU D 183 9.92 10.36 -38.57
N ILE D 184 10.91 9.52 -38.91
CA ILE D 184 11.24 9.17 -40.29
C ILE D 184 10.87 7.69 -40.36
N PRO D 185 9.68 7.40 -40.95
CA PRO D 185 9.15 6.05 -40.73
C PRO D 185 10.04 4.90 -41.12
N GLU D 186 10.75 4.97 -42.23
CA GLU D 186 11.45 3.78 -42.69
C GLU D 186 12.49 3.37 -41.61
N GLU D 187 13.36 4.33 -41.28
CA GLU D 187 14.36 4.18 -40.26
C GLU D 187 13.85 3.96 -38.85
N ASP D 188 12.84 4.70 -38.42
CA ASP D 188 12.26 4.52 -37.08
C ASP D 188 11.44 3.27 -36.88
N ILE D 189 10.76 2.78 -37.89
CA ILE D 189 10.09 1.46 -37.83
C ILE D 189 11.12 0.37 -37.62
N CYS D 190 12.18 0.42 -38.35
CA CYS D 190 13.30 -0.53 -38.20
C CYS D 190 13.86 -0.47 -36.76
N PHE D 191 14.13 0.72 -36.25
CA PHE D 191 14.56 0.92 -34.85
C PHE D 191 13.61 0.31 -33.84
N ILE D 192 12.31 0.57 -33.99
CA ILE D 192 11.32 0.04 -33.05
C ILE D 192 11.30 -1.47 -33.09
N LYS D 193 11.31 -2.04 -34.27
CA LYS D 193 11.31 -3.50 -34.38
C LYS D 193 12.58 -4.11 -33.80
N GLU D 194 13.73 -3.49 -34.09
CA GLU D 194 15.00 -3.92 -33.50
C GLU D 194 14.99 -3.88 -31.99
N GLN D 195 14.32 -2.91 -31.40
CA GLN D 195 14.27 -2.83 -29.94
C GLN D 195 13.44 -3.96 -29.38
N ILE D 196 12.52 -4.48 -30.16
CA ILE D 196 11.66 -5.59 -29.74
C ILE D 196 12.31 -6.96 -29.95
N VAL D 197 12.89 -7.22 -31.10
CA VAL D 197 13.31 -8.54 -31.46
C VAL D 197 14.85 -8.69 -31.53
N GLY D 198 15.61 -7.61 -31.46
CA GLY D 198 17.05 -7.69 -31.61
C GLY D 198 17.46 -7.48 -33.05
N PRO D 199 18.76 -7.62 -33.35
CA PRO D 199 19.31 -7.28 -34.69
C PRO D 199 18.65 -8.09 -35.77
N LEU D 200 18.15 -7.40 -36.82
CA LEU D 200 17.26 -7.99 -37.86
C LEU D 200 18.08 -8.73 -39.01
N GLU D 201 19.41 -8.88 -38.85
CA GLU D 201 20.21 -9.89 -39.48
C GLU D 201 21.09 -10.45 -38.35
N LEU D 208 31.36 -5.84 -34.85
CA LEU D 208 30.86 -4.90 -35.85
C LEU D 208 29.34 -4.59 -35.55
N TRP D 209 28.96 -3.32 -35.59
CA TRP D 209 27.62 -2.85 -35.17
C TRP D 209 26.50 -3.45 -36.02
N PRO D 210 25.66 -4.35 -35.43
CA PRO D 210 24.66 -5.07 -36.23
C PRO D 210 23.29 -4.37 -36.45
N TYR D 211 23.04 -3.26 -35.79
CA TYR D 211 21.72 -2.61 -35.87
C TYR D 211 21.76 -1.58 -37.00
N LYS D 212 20.60 -1.40 -37.64
CA LYS D 212 20.39 -0.42 -38.69
C LYS D 212 19.55 0.80 -38.30
N GLY D 213 18.79 0.68 -37.24
CA GLY D 213 17.85 1.71 -36.87
C GLY D 213 18.49 2.94 -36.27
N ARG D 214 19.55 2.72 -35.50
CA ARG D 214 20.34 3.81 -34.95
C ARG D 214 21.80 3.42 -35.05
N PRO D 215 22.68 4.40 -35.13
CA PRO D 215 24.13 4.10 -35.15
C PRO D 215 24.67 3.81 -33.72
N GLU D 216 25.93 3.42 -33.65
CA GLU D 216 26.63 2.95 -32.44
C GLU D 216 26.60 3.93 -31.31
N ASN D 217 26.63 5.23 -31.61
CA ASN D 217 26.64 6.24 -30.54
C ASN D 217 25.31 6.34 -29.79
N LYS D 218 24.25 5.64 -30.27
CA LYS D 218 23.02 5.49 -29.50
C LYS D 218 22.78 4.03 -29.09
N SER D 219 23.85 3.23 -29.03
CA SER D 219 23.74 1.82 -28.52
C SER D 219 22.96 1.64 -27.24
N PHE D 220 23.13 2.55 -26.27
CA PHE D 220 22.43 2.45 -24.98
C PHE D 220 20.90 2.47 -25.15
N LEU D 221 20.39 3.08 -26.21
CA LEU D 221 18.90 3.07 -26.46
C LEU D 221 18.33 1.69 -26.64
N TYR D 222 19.15 0.73 -27.09
CA TYR D 222 18.68 -0.66 -27.27
C TYR D 222 18.70 -1.45 -25.99
N GLU D 223 19.05 -0.84 -24.86
CA GLU D 223 19.03 -1.53 -23.58
C GLU D 223 17.86 -1.21 -22.72
N ILE D 224 16.85 -0.54 -23.23
CA ILE D 224 15.73 0.00 -22.38
C ILE D 224 14.55 -0.98 -22.42
N VAL D 225 14.10 -1.30 -23.62
CA VAL D 225 12.85 -2.03 -23.81
C VAL D 225 13.04 -3.55 -23.68
N SER D 226 14.07 -4.05 -24.27
CA SER D 226 14.40 -5.47 -24.17
C SER D 226 15.87 -5.58 -24.18
N ASN D 227 16.48 -5.86 -23.05
CA ASN D 227 17.95 -5.87 -22.90
C ASN D 227 18.48 -7.27 -23.00
N LYS D 228 19.05 -7.56 -24.14
CA LYS D 228 19.56 -8.88 -24.49
C LYS D 228 20.95 -9.12 -23.88
N ARG D 229 21.66 -8.07 -23.52
CA ARG D 229 22.97 -8.24 -22.93
C ARG D 229 22.93 -8.70 -21.44
N ASN D 230 21.99 -8.21 -20.63
CA ASN D 230 21.92 -8.60 -19.23
C ASN D 230 20.54 -8.79 -18.63
N GLY D 231 19.50 -8.59 -19.40
CA GLY D 231 18.13 -8.76 -18.91
C GLY D 231 17.55 -7.63 -18.10
N ILE D 232 18.26 -6.55 -17.90
CA ILE D 232 17.71 -5.45 -17.11
C ILE D 232 16.93 -4.57 -18.06
N ASP D 233 15.62 -4.62 -18.03
CA ASP D 233 14.80 -3.74 -18.87
C ASP D 233 13.47 -3.41 -18.25
N VAL D 234 12.77 -2.48 -18.87
CA VAL D 234 11.59 -1.91 -18.27
C VAL D 234 10.38 -2.82 -18.32
N ASP D 235 10.38 -3.83 -19.18
CA ASP D 235 9.27 -4.80 -19.20
C ASP D 235 9.18 -5.56 -17.87
N LYS D 236 10.33 -6.02 -17.36
CA LYS D 236 10.38 -6.65 -16.03
C LYS D 236 9.92 -5.69 -14.94
N TRP D 237 10.33 -4.45 -15.03
CA TRP D 237 10.02 -3.54 -13.98
C TRP D 237 8.51 -3.37 -13.89
N ASP D 238 7.84 -3.24 -15.04
CA ASP D 238 6.40 -3.13 -14.99
C ASP D 238 5.76 -4.40 -14.44
N TYR D 239 6.13 -5.56 -14.95
CA TYR D 239 5.41 -6.77 -14.51
C TYR D 239 5.74 -7.12 -13.03
N PHE D 240 6.95 -6.85 -12.54
CA PHE D 240 7.18 -6.99 -11.09
C PHE D 240 6.11 -6.22 -10.26
N ALA D 241 5.92 -4.94 -10.59
CA ALA D 241 5.05 -4.10 -9.84
C ALA D 241 3.61 -4.47 -10.07
N ARG D 242 3.23 -4.71 -11.33
CA ARG D 242 1.86 -4.94 -11.67
C ARG D 242 1.39 -6.33 -11.23
N ASP D 243 2.17 -7.34 -11.51
CA ASP D 243 1.80 -8.71 -11.06
C ASP D 243 1.67 -8.74 -9.55
N CYS D 244 2.62 -8.13 -8.83
CA CYS D 244 2.52 -8.13 -7.36
C CYS D 244 1.24 -7.51 -6.84
N HIS D 245 0.91 -6.34 -7.39
CA HIS D 245 -0.29 -5.60 -6.99
C HIS D 245 -1.53 -6.49 -7.14
N HIS D 246 -1.64 -7.25 -8.22
CA HIS D 246 -2.78 -8.08 -8.45
C HIS D 246 -2.72 -9.50 -7.83
N LEU D 247 -1.54 -10.07 -7.72
CA LEU D 247 -1.41 -11.38 -7.09
C LEU D 247 -1.66 -11.34 -5.58
N GLY D 248 -1.36 -10.22 -4.92
CA GLY D 248 -1.31 -10.22 -3.49
C GLY D 248 0.00 -10.68 -2.88
N ILE D 249 1.09 -10.47 -3.60
CA ILE D 249 2.45 -10.69 -3.15
C ILE D 249 3.17 -9.35 -3.25
N GLN D 250 4.09 -9.03 -2.37
CA GLN D 250 4.54 -7.65 -2.35
C GLN D 250 5.84 -7.50 -3.17
N ASN D 251 5.94 -6.40 -4.00
CA ASN D 251 7.19 -6.25 -4.74
C ASN D 251 8.39 -5.68 -3.85
N ASN D 252 9.54 -6.29 -3.75
CA ASN D 252 10.76 -5.88 -3.08
C ASN D 252 11.85 -5.03 -3.95
N PHE D 253 11.63 -4.88 -5.26
CA PHE D 253 12.52 -4.12 -6.14
C PHE D 253 12.02 -2.73 -6.39
N ASP D 254 12.93 -1.74 -6.37
CA ASP D 254 12.55 -0.31 -6.57
C ASP D 254 13.19 0.20 -7.87
N TYR D 255 12.40 0.19 -8.95
CA TYR D 255 12.82 0.60 -10.24
C TYR D 255 13.13 2.09 -10.23
N LYS D 256 12.38 2.89 -9.46
CA LYS D 256 12.65 4.30 -9.45
C LYS D 256 14.04 4.63 -8.97
N ARG D 257 14.47 3.90 -7.96
CA ARG D 257 15.81 4.06 -7.42
C ARG D 257 16.83 3.70 -8.50
N PHE D 258 16.61 2.60 -9.17
CA PHE D 258 17.54 2.21 -10.27
C PHE D 258 17.67 3.35 -11.29
N ILE D 259 16.55 3.90 -11.72
CA ILE D 259 16.57 5.05 -12.68
C ILE D 259 17.34 6.20 -12.17
N LYS D 260 17.16 6.59 -10.91
CA LYS D 260 17.97 7.66 -10.34
C LYS D 260 19.46 7.43 -10.35
N PHE D 261 19.90 6.20 -10.26
CA PHE D 261 21.29 5.92 -10.27
C PHE D 261 21.84 5.49 -11.62
N ALA D 262 21.04 5.41 -12.67
CA ALA D 262 21.56 4.86 -13.94
C ALA D 262 22.29 5.97 -14.69
N ARG D 263 23.38 5.62 -15.36
CA ARG D 263 24.09 6.57 -16.24
C ARG D 263 24.58 5.81 -17.45
N VAL D 264 24.95 6.51 -18.49
CA VAL D 264 25.56 5.89 -19.65
C VAL D 264 27.06 6.11 -19.59
N CYS D 265 27.86 5.04 -19.72
CA CYS D 265 29.30 5.14 -19.83
C CYS D 265 29.82 4.29 -20.95
N GLU D 266 31.04 4.62 -21.38
CA GLU D 266 31.70 3.84 -22.40
C GLU D 266 32.25 2.55 -21.82
N VAL D 267 31.82 1.39 -22.30
CA VAL D 267 32.38 0.09 -21.86
C VAL D 267 32.94 -0.65 -23.09
N ASP D 268 34.26 -0.95 -23.10
CA ASP D 268 34.92 -1.61 -24.24
C ASP D 268 34.46 -1.00 -25.56
N ASN D 269 34.60 0.33 -25.67
CA ASN D 269 34.22 1.11 -26.86
C ASN D 269 32.79 1.02 -27.30
N GLU D 270 31.86 0.82 -26.36
CA GLU D 270 30.45 0.87 -26.65
C GLU D 270 29.73 1.65 -25.53
N LEU D 271 28.75 2.49 -25.85
CA LEU D 271 27.95 3.20 -24.82
C LEU D 271 26.92 2.27 -24.18
N ARG D 272 26.94 2.12 -22.86
CA ARG D 272 26.05 1.14 -22.20
C ARG D 272 25.41 1.80 -20.97
N ILE D 273 24.25 1.31 -20.59
CA ILE D 273 23.60 1.81 -19.37
C ILE D 273 24.31 1.11 -18.20
N CYS D 274 24.88 1.89 -17.32
CA CYS D 274 25.64 1.40 -16.17
C CYS D 274 24.94 1.84 -14.86
N ALA D 275 25.17 1.05 -13.82
CA ALA D 275 24.62 1.29 -12.51
C ALA D 275 25.67 1.80 -11.58
N ARG D 276 25.27 2.45 -10.51
CA ARG D 276 26.20 2.86 -9.49
C ARG D 276 26.77 1.63 -8.78
N ASP D 277 28.07 1.64 -8.54
CA ASP D 277 28.81 0.54 -7.85
C ASP D 277 28.08 -0.01 -6.59
N LYS D 278 27.76 0.89 -5.66
CA LYS D 278 26.97 0.60 -4.44
C LYS D 278 25.71 -0.17 -4.63
N GLU D 279 25.07 -0.01 -5.77
CA GLU D 279 23.81 -0.60 -6.04
C GLU D 279 23.85 -2.07 -6.57
N VAL D 280 25.05 -2.65 -6.65
CA VAL D 280 25.19 -3.99 -7.14
C VAL D 280 24.31 -5.04 -6.39
N GLY D 281 24.28 -4.94 -5.07
CA GLY D 281 23.37 -5.74 -4.25
C GLY D 281 21.94 -5.64 -4.61
N ASN D 282 21.44 -4.45 -5.00
CA ASN D 282 20.06 -4.32 -5.42
C ASN D 282 19.78 -5.08 -6.72
N LEU D 283 20.80 -5.12 -7.60
CA LEU D 283 20.67 -5.85 -8.87
C LEU D 283 20.60 -7.36 -8.67
N TYR D 284 21.48 -7.90 -7.83
CA TYR D 284 21.32 -9.32 -7.40
C TYR D 284 19.93 -9.55 -6.84
N ASP D 285 19.45 -8.64 -6.02
CA ASP D 285 18.10 -8.78 -5.43
C ASP D 285 17.04 -8.72 -6.50
N MET D 286 17.20 -7.90 -7.53
CA MET D 286 16.21 -7.84 -8.61
C MET D 286 16.00 -9.19 -9.31
N PHE D 287 17.07 -9.88 -9.63
CA PHE D 287 16.94 -11.22 -10.22
C PHE D 287 16.43 -12.21 -9.19
N HIS D 288 16.79 -12.06 -7.91
CA HIS D 288 16.19 -12.88 -6.85
C HIS D 288 14.67 -12.65 -6.80
N THR D 289 14.19 -11.44 -6.93
CA THR D 289 12.78 -11.18 -6.98
C THR D 289 12.09 -11.85 -8.19
N ARG D 290 12.70 -11.74 -9.39
CA ARG D 290 12.16 -12.40 -10.55
C ARG D 290 12.02 -13.92 -10.29
N ASN D 291 13.08 -14.52 -9.73
CA ASN D 291 13.06 -15.95 -9.43
C ASN D 291 11.92 -16.32 -8.43
N SER D 292 11.78 -15.52 -7.40
CA SER D 292 10.69 -15.61 -6.45
C SER D 292 9.32 -15.56 -7.06
N LEU D 293 9.09 -14.58 -7.90
CA LEU D 293 7.79 -14.48 -8.58
C LEU D 293 7.51 -15.76 -9.45
N HIS D 294 8.57 -16.24 -10.10
CA HIS D 294 8.43 -17.52 -10.81
C HIS D 294 8.06 -18.65 -9.88
N ARG D 295 8.79 -18.76 -8.77
CA ARG D 295 8.54 -19.84 -7.86
C ARG D 295 7.14 -19.77 -7.21
N ARG D 296 6.70 -18.59 -6.82
CA ARG D 296 5.49 -18.44 -6.05
C ARG D 296 4.28 -18.49 -6.94
N ALA D 297 4.37 -17.86 -8.10
CA ALA D 297 3.21 -17.60 -8.92
C ALA D 297 3.30 -18.14 -10.31
N TYR D 298 4.33 -17.75 -11.12
CA TYR D 298 4.24 -18.07 -12.54
C TYR D 298 4.38 -19.55 -12.87
N GLN D 299 5.08 -20.29 -11.98
CA GLN D 299 5.24 -21.70 -12.08
C GLN D 299 4.52 -22.44 -10.97
N HIS D 300 3.47 -21.88 -10.45
CA HIS D 300 2.62 -22.52 -9.42
C HIS D 300 2.19 -23.84 -10.01
N LYS D 301 2.32 -24.93 -9.24
CA LYS D 301 1.99 -26.26 -9.74
C LYS D 301 0.56 -26.48 -10.20
N VAL D 302 -0.38 -25.75 -9.62
CA VAL D 302 -1.74 -25.85 -10.09
C VAL D 302 -1.96 -24.92 -11.27
N GLY D 303 -1.40 -23.73 -11.25
CA GLY D 303 -1.49 -22.80 -12.44
C GLY D 303 -0.94 -23.47 -13.69
N ASN D 304 0.13 -24.25 -13.52
CA ASN D 304 0.74 -24.93 -14.64
C ASN D 304 -0.13 -26.05 -15.16
N ILE D 305 -0.76 -26.84 -14.27
CA ILE D 305 -1.60 -27.91 -14.69
C ILE D 305 -2.86 -27.36 -15.37
N ILE D 306 -3.39 -26.25 -14.91
CA ILE D 306 -4.50 -25.60 -15.60
C ILE D 306 -4.11 -25.13 -17.02
N ASP D 307 -2.96 -24.52 -17.14
CA ASP D 307 -2.38 -24.18 -18.47
C ASP D 307 -2.24 -25.42 -19.34
N THR D 308 -1.75 -26.52 -18.79
CA THR D 308 -1.60 -27.76 -19.51
C THR D 308 -2.97 -28.29 -20.01
N MET D 309 -3.99 -28.21 -19.16
CA MET D 309 -5.33 -28.70 -19.53
C MET D 309 -5.98 -27.79 -20.59
N ILE D 310 -5.79 -26.52 -20.47
CA ILE D 310 -6.26 -25.55 -21.47
C ILE D 310 -5.57 -25.83 -22.80
N THR D 311 -4.26 -26.04 -22.77
CA THR D 311 -3.53 -26.40 -23.98
C THR D 311 -4.04 -27.65 -24.60
N ASP D 312 -4.32 -28.66 -23.79
CA ASP D 312 -4.83 -29.95 -24.31
C ASP D 312 -6.23 -29.71 -24.97
N ALA D 313 -7.04 -28.84 -24.38
CA ALA D 313 -8.35 -28.45 -24.98
C ALA D 313 -8.21 -27.73 -26.33
N PHE D 314 -7.30 -26.77 -26.39
CA PHE D 314 -7.00 -26.10 -27.66
C PHE D 314 -6.52 -27.06 -28.69
N LEU D 315 -5.70 -28.03 -28.31
CA LEU D 315 -5.21 -29.03 -29.26
C LEU D 315 -6.33 -29.88 -29.82
N LYS D 316 -7.25 -30.23 -28.98
CA LYS D 316 -8.43 -31.01 -29.39
C LYS D 316 -9.41 -30.18 -30.19
N ALA D 317 -9.45 -28.89 -29.98
CA ALA D 317 -10.30 -27.98 -30.76
C ALA D 317 -9.70 -27.47 -32.06
N ASP D 318 -8.39 -27.65 -32.24
CA ASP D 318 -7.65 -26.95 -33.27
C ASP D 318 -8.13 -27.32 -34.67
N ASP D 319 -8.51 -28.58 -34.89
CA ASP D 319 -9.02 -28.99 -36.22
C ASP D 319 -10.41 -28.49 -36.51
N TYR D 320 -11.13 -27.88 -35.58
CA TYR D 320 -12.51 -27.45 -35.79
C TYR D 320 -12.84 -25.96 -35.65
N ILE D 321 -12.06 -25.16 -34.96
CA ILE D 321 -12.38 -23.74 -34.83
C ILE D 321 -11.78 -23.08 -36.10
N GLU D 322 -12.55 -22.21 -36.73
CA GLU D 322 -12.12 -21.42 -37.88
C GLU D 322 -12.07 -19.95 -37.53
N ILE D 323 -10.98 -19.31 -37.96
CA ILE D 323 -10.77 -17.89 -37.76
C ILE D 323 -10.51 -17.31 -39.16
N THR D 324 -11.31 -16.34 -39.57
CA THR D 324 -11.12 -15.65 -40.81
C THR D 324 -10.02 -14.62 -40.79
N GLY D 325 -9.16 -14.65 -41.80
CA GLY D 325 -8.07 -13.74 -41.98
C GLY D 325 -8.14 -12.95 -43.28
N ALA D 326 -6.98 -12.57 -43.79
CA ALA D 326 -6.87 -11.76 -44.98
C ALA D 326 -7.42 -12.50 -46.18
N GLY D 327 -8.12 -11.77 -47.03
CA GLY D 327 -8.70 -12.30 -48.29
C GLY D 327 -9.79 -13.33 -47.98
N GLY D 328 -10.45 -13.26 -46.82
CA GLY D 328 -11.40 -14.32 -46.39
C GLY D 328 -10.87 -15.75 -46.14
N LYS D 329 -9.55 -15.98 -46.27
CA LYS D 329 -8.92 -17.27 -45.95
C LYS D 329 -9.16 -17.70 -44.47
N LYS D 330 -9.28 -18.99 -44.28
CA LYS D 330 -9.57 -19.57 -42.97
C LYS D 330 -8.30 -20.10 -42.32
N TYR D 331 -8.21 -19.85 -41.03
CA TYR D 331 -7.07 -20.29 -40.21
C TYR D 331 -7.57 -21.07 -39.00
N ARG D 332 -6.66 -21.78 -38.36
CA ARG D 332 -6.94 -22.49 -37.13
C ARG D 332 -6.27 -21.74 -36.03
N ILE D 333 -6.52 -22.17 -34.81
CA ILE D 333 -5.85 -21.59 -33.66
C ILE D 333 -4.31 -21.67 -33.87
N SER D 334 -3.84 -22.80 -34.36
CA SER D 334 -2.37 -22.98 -34.53
C SER D 334 -1.80 -22.32 -35.75
N THR D 335 -2.64 -21.95 -36.72
CA THR D 335 -2.12 -21.28 -37.95
C THR D 335 -2.42 -19.83 -38.01
N ALA D 336 -3.18 -19.30 -37.05
CA ALA D 336 -3.47 -17.90 -37.04
C ALA D 336 -2.26 -17.06 -36.90
N ILE D 337 -1.18 -17.59 -36.35
CA ILE D 337 0.14 -16.89 -36.29
C ILE D 337 0.75 -16.53 -37.63
N ASP D 338 0.26 -17.12 -38.69
CA ASP D 338 0.74 -16.86 -40.06
C ASP D 338 -0.08 -15.78 -40.78
N ASP D 339 -1.08 -15.20 -40.14
CA ASP D 339 -1.86 -14.14 -40.76
C ASP D 339 -2.35 -13.19 -39.71
N MET D 340 -1.82 -11.99 -39.73
CA MET D 340 -2.06 -11.05 -38.66
C MET D 340 -3.53 -10.60 -38.57
N GLU D 341 -4.23 -10.62 -39.69
CA GLU D 341 -5.65 -10.31 -39.62
C GLU D 341 -6.41 -11.33 -38.77
N ALA D 342 -6.08 -12.62 -38.96
CA ALA D 342 -6.66 -13.68 -38.14
C ALA D 342 -6.17 -13.61 -36.73
N TYR D 343 -4.85 -13.44 -36.56
CA TYR D 343 -4.27 -13.38 -35.21
C TYR D 343 -4.88 -12.24 -34.37
N THR D 344 -5.23 -11.13 -35.02
CA THR D 344 -5.89 -10.03 -34.36
C THR D 344 -7.14 -10.48 -33.58
N LYS D 345 -7.80 -11.50 -34.08
CA LYS D 345 -9.02 -12.01 -33.48
C LYS D 345 -8.83 -13.30 -32.67
N LEU D 346 -7.59 -13.60 -32.28
CA LEU D 346 -7.28 -14.74 -31.47
C LEU D 346 -6.89 -14.31 -30.08
N THR D 347 -7.79 -14.48 -29.14
CA THR D 347 -7.61 -13.97 -27.78
C THR D 347 -8.14 -15.04 -26.83
N ASP D 348 -8.23 -14.69 -25.57
CA ASP D 348 -8.75 -15.61 -24.55
C ASP D 348 -10.21 -16.05 -24.83
N ASN D 349 -10.94 -15.31 -25.63
CA ASN D 349 -12.25 -15.68 -26.14
C ASN D 349 -12.30 -17.13 -26.64
N ILE D 350 -11.20 -17.65 -27.20
CA ILE D 350 -11.22 -19.00 -27.72
C ILE D 350 -11.63 -20.02 -26.65
N PHE D 351 -11.22 -19.79 -25.40
CA PHE D 351 -11.55 -20.67 -24.30
C PHE D 351 -13.11 -20.71 -24.12
N LEU D 352 -13.73 -19.56 -24.13
CA LEU D 352 -15.18 -19.48 -23.99
C LEU D 352 -15.91 -19.96 -25.26
N GLU D 353 -15.35 -19.73 -26.45
CA GLU D 353 -15.92 -20.32 -27.65
C GLU D 353 -15.99 -21.86 -27.48
N ILE D 354 -14.92 -22.49 -27.02
CA ILE D 354 -14.91 -23.88 -26.80
C ILE D 354 -15.90 -24.27 -25.66
N LEU D 355 -15.84 -23.56 -24.54
CA LEU D 355 -16.62 -23.91 -23.39
C LEU D 355 -18.14 -23.86 -23.67
N TYR D 356 -18.56 -22.88 -24.49
CA TYR D 356 -19.96 -22.69 -24.77
C TYR D 356 -20.44 -23.34 -26.00
N SER D 357 -19.57 -24.08 -26.71
CA SER D 357 -19.94 -24.64 -27.98
C SER D 357 -20.98 -25.75 -27.79
N THR D 358 -21.72 -26.05 -28.83
CA THR D 358 -22.59 -27.23 -28.84
C THR D 358 -22.18 -28.21 -29.94
N ASP D 359 -21.36 -27.81 -30.90
CA ASP D 359 -20.92 -28.69 -31.98
C ASP D 359 -20.41 -30.03 -31.36
N PRO D 360 -20.97 -31.17 -31.78
CA PRO D 360 -20.42 -32.45 -31.25
C PRO D 360 -18.93 -32.69 -31.56
N LYS D 361 -18.38 -32.09 -32.62
CA LYS D 361 -16.96 -32.27 -32.87
C LYS D 361 -16.07 -31.60 -31.80
N LEU D 362 -16.61 -30.58 -31.09
CA LEU D 362 -15.89 -29.92 -30.00
C LEU D 362 -16.12 -30.58 -28.64
N LYS D 363 -16.82 -31.68 -28.61
CA LYS D 363 -17.16 -32.33 -27.36
C LYS D 363 -15.94 -32.69 -26.48
N ASP D 364 -14.92 -33.30 -27.04
CA ASP D 364 -13.75 -33.66 -26.24
C ASP D 364 -13.05 -32.38 -25.66
N ALA D 365 -12.89 -31.36 -26.50
CA ALA D 365 -12.28 -30.12 -26.02
C ALA D 365 -13.10 -29.44 -24.95
N ARG D 366 -14.41 -29.34 -25.17
CA ARG D 366 -15.34 -28.74 -24.24
C ARG D 366 -15.32 -29.49 -22.91
N GLU D 367 -15.23 -30.80 -22.96
CA GLU D 367 -15.24 -31.60 -21.72
C GLU D 367 -14.02 -31.37 -20.86
N ILE D 368 -12.86 -31.15 -21.48
CA ILE D 368 -11.71 -30.74 -20.69
C ILE D 368 -11.95 -29.43 -19.92
N LEU D 369 -12.46 -28.40 -20.61
CA LEU D 369 -12.72 -27.13 -19.98
C LEU D 369 -13.78 -27.24 -18.89
N LYS D 370 -14.79 -28.06 -19.12
CA LYS D 370 -15.82 -28.32 -18.08
C LYS D 370 -15.18 -28.92 -16.87
N GLN D 371 -14.17 -29.77 -17.03
CA GLN D 371 -13.54 -30.36 -15.89
C GLN D 371 -12.73 -29.33 -15.13
N ILE D 372 -12.17 -28.33 -15.81
CA ILE D 372 -11.58 -27.25 -15.15
C ILE D 372 -12.58 -26.51 -14.25
N GLU D 373 -13.76 -26.20 -14.76
CA GLU D 373 -14.79 -25.55 -13.93
C GLU D 373 -15.22 -26.31 -12.71
N TYR D 374 -15.32 -27.63 -12.81
CA TYR D 374 -15.62 -28.46 -11.66
C TYR D 374 -14.44 -28.72 -10.79
N ARG D 375 -13.26 -28.22 -11.17
CA ARG D 375 -12.02 -28.39 -10.47
C ARG D 375 -11.67 -29.86 -10.38
N ASN D 376 -11.96 -30.61 -11.42
CA ASN D 376 -11.52 -32.02 -11.52
C ASN D 376 -10.19 -31.96 -12.31
N LEU D 377 -9.12 -31.57 -11.66
CA LEU D 377 -7.89 -31.27 -12.34
C LEU D 377 -7.05 -32.53 -12.22
N PHE D 378 -6.09 -32.65 -13.13
CA PHE D 378 -5.02 -33.69 -13.00
C PHE D 378 -4.33 -33.46 -11.66
N LYS D 379 -3.92 -34.50 -11.00
CA LYS D 379 -3.42 -34.41 -9.60
C LYS D 379 -1.91 -34.37 -9.56
N TYR D 380 -1.42 -33.47 -8.75
CA TYR D 380 -0.01 -33.30 -8.46
C TYR D 380 0.54 -34.52 -7.71
N VAL D 381 1.62 -35.11 -8.20
CA VAL D 381 2.25 -36.26 -7.57
C VAL D 381 3.46 -35.84 -6.79
N GLY D 382 4.29 -35.00 -7.38
CA GLY D 382 5.46 -34.49 -6.72
C GLY D 382 6.41 -33.76 -7.62
N GLU D 383 7.57 -33.44 -7.03
CA GLU D 383 8.55 -32.53 -7.66
C GLU D 383 9.96 -33.01 -7.32
N THR D 384 10.87 -32.91 -8.28
CA THR D 384 12.28 -33.24 -8.09
C THR D 384 13.14 -32.36 -9.01
N GLN D 385 14.44 -32.45 -8.87
CA GLN D 385 15.41 -31.73 -9.74
C GLN D 385 16.51 -32.66 -10.16
N PRO D 386 17.05 -32.51 -11.37
CA PRO D 386 18.35 -33.18 -11.67
C PRO D 386 19.51 -32.76 -10.78
N THR D 387 20.40 -33.65 -10.49
CA THR D 387 21.61 -33.37 -9.71
C THR D 387 22.75 -33.24 -10.71
N GLY D 388 23.71 -32.39 -10.38
CA GLY D 388 24.78 -32.00 -11.28
C GLY D 388 24.32 -30.99 -12.36
N GLN D 389 25.04 -31.06 -13.48
CA GLN D 389 24.93 -30.09 -14.57
C GLN D 389 24.15 -30.70 -15.76
N ILE D 390 23.61 -31.94 -15.58
CA ILE D 390 22.72 -32.43 -16.65
C ILE D 390 21.36 -31.77 -16.61
N LYS D 391 20.91 -31.48 -17.82
CA LYS D 391 19.77 -30.73 -18.08
C LYS D 391 19.00 -31.37 -19.24
N ILE D 392 17.73 -31.59 -18.97
CA ILE D 392 16.86 -32.31 -19.80
C ILE D 392 16.41 -31.39 -20.92
N LYS D 393 16.59 -31.86 -22.16
CA LYS D 393 16.35 -31.01 -23.34
C LYS D 393 14.94 -31.22 -23.81
N ARG D 394 14.37 -30.23 -24.48
CA ARG D 394 12.98 -30.30 -24.98
C ARG D 394 12.61 -31.58 -25.76
N GLU D 395 13.54 -32.12 -26.53
CA GLU D 395 13.22 -33.25 -27.39
C GLU D 395 13.17 -34.56 -26.60
N ASP D 396 13.60 -34.52 -25.36
CA ASP D 396 13.44 -35.66 -24.45
C ASP D 396 12.17 -35.55 -23.59
N TYR D 397 11.40 -34.47 -23.70
CA TYR D 397 10.20 -34.32 -22.84
C TYR D 397 9.22 -35.47 -23.06
N GLU D 398 8.92 -35.83 -24.30
CA GLU D 398 7.88 -36.82 -24.59
C GLU D 398 8.24 -38.25 -24.12
N SER D 399 9.52 -38.55 -23.99
CA SER D 399 9.94 -39.83 -23.41
C SER D 399 9.74 -39.94 -21.85
N LEU D 400 9.52 -38.82 -21.14
CA LEU D 400 9.53 -38.89 -19.68
C LEU D 400 8.32 -39.63 -19.06
N PRO D 401 7.09 -39.41 -19.55
CA PRO D 401 5.98 -40.17 -18.98
C PRO D 401 6.19 -41.68 -19.11
N LYS D 402 6.80 -42.14 -20.21
CA LYS D 402 7.05 -43.61 -20.38
C LYS D 402 8.07 -44.11 -19.34
N GLU D 403 9.07 -43.26 -19.03
CA GLU D 403 10.09 -43.66 -18.05
C GLU D 403 9.46 -43.81 -16.67
N VAL D 404 8.59 -42.88 -16.29
CA VAL D 404 7.97 -42.94 -14.96
C VAL D 404 7.13 -44.21 -14.85
N ALA D 405 6.33 -44.46 -15.89
CA ALA D 405 5.46 -45.62 -15.91
C ALA D 405 6.22 -46.93 -15.91
N SER D 406 7.41 -46.96 -16.54
CA SER D 406 8.29 -48.16 -16.56
C SER D 406 9.14 -48.36 -15.34
N ALA D 407 9.15 -47.45 -14.40
CA ALA D 407 9.87 -47.64 -13.13
C ALA D 407 9.26 -48.86 -12.40
N LYS D 408 10.06 -49.51 -11.57
CA LYS D 408 9.62 -50.73 -10.87
C LYS D 408 9.67 -50.56 -9.38
N PRO D 409 8.71 -49.83 -8.78
CA PRO D 409 8.69 -49.68 -7.32
C PRO D 409 8.47 -51.03 -6.48
N LYS D 410 9.29 -51.31 -5.49
CA LYS D 410 9.13 -52.57 -4.73
C LYS D 410 8.13 -52.28 -3.62
N VAL D 411 6.87 -52.06 -3.97
CA VAL D 411 5.77 -51.83 -3.03
C VAL D 411 4.56 -52.62 -3.54
N LEU D 412 3.68 -53.03 -2.64
CA LEU D 412 2.42 -53.64 -3.03
C LEU D 412 1.57 -52.65 -3.81
N LEU D 413 1.39 -52.87 -5.11
CA LEU D 413 0.45 -52.09 -5.95
C LEU D 413 -0.71 -52.86 -6.60
N ASP D 414 -1.96 -52.46 -6.32
CA ASP D 414 -3.17 -53.00 -7.01
C ASP D 414 -3.26 -52.51 -8.48
N VAL D 415 -3.23 -51.21 -8.64
CA VAL D 415 -3.40 -50.55 -9.94
C VAL D 415 -2.05 -50.34 -10.61
N LYS D 416 -2.08 -50.49 -11.92
CA LYS D 416 -0.97 -50.36 -12.82
C LYS D 416 -1.23 -49.16 -13.72
N LEU D 417 -0.26 -48.27 -13.84
CA LEU D 417 -0.48 -47.05 -14.62
C LEU D 417 0.32 -47.13 -15.92
N LYS D 418 -0.15 -46.44 -16.95
CA LYS D 418 0.50 -46.37 -18.25
C LYS D 418 1.12 -44.98 -18.44
N ALA D 419 1.97 -44.90 -19.45
CA ALA D 419 2.59 -43.68 -19.88
C ALA D 419 1.63 -42.49 -20.04
N GLU D 420 0.54 -42.74 -20.74
CA GLU D 420 -0.49 -41.71 -20.94
C GLU D 420 -1.27 -41.26 -19.66
N ASP D 421 -1.13 -41.96 -18.54
CA ASP D 421 -1.67 -41.52 -17.22
C ASP D 421 -0.81 -40.46 -16.51
N PHE D 422 0.41 -40.19 -17.00
CA PHE D 422 1.34 -39.28 -16.36
C PHE D 422 1.54 -38.03 -17.19
N ILE D 423 1.61 -36.85 -16.58
CA ILE D 423 2.19 -35.67 -17.19
C ILE D 423 3.50 -35.32 -16.44
N VAL D 424 4.54 -34.97 -17.21
CA VAL D 424 5.86 -34.64 -16.67
C VAL D 424 6.15 -33.25 -17.22
N ASP D 425 6.17 -32.22 -16.35
CA ASP D 425 6.34 -30.85 -16.72
C ASP D 425 7.75 -30.42 -16.31
N VAL D 426 8.58 -30.01 -17.27
CA VAL D 426 9.96 -29.65 -17.00
C VAL D 426 10.03 -28.15 -17.01
N ILE D 427 10.52 -27.54 -15.95
CA ILE D 427 10.54 -26.07 -15.84
C ILE D 427 12.00 -25.60 -15.70
N ASN D 428 12.41 -24.63 -16.50
CA ASN D 428 13.77 -24.05 -16.43
C ASN D 428 13.67 -22.80 -15.61
N MET D 429 14.37 -22.70 -14.50
CA MET D 429 14.42 -21.53 -13.66
C MET D 429 15.86 -21.02 -13.81
N ASP D 430 16.00 -19.76 -14.18
CA ASP D 430 17.37 -19.19 -14.27
C ASP D 430 17.29 -17.69 -14.11
N TYR D 431 18.45 -17.03 -14.13
CA TYR D 431 18.51 -15.56 -14.04
C TYR D 431 18.42 -14.85 -15.43
N GLY D 432 17.84 -15.50 -16.43
CA GLY D 432 17.54 -14.87 -17.73
C GLY D 432 18.66 -14.94 -18.74
N MET D 433 19.84 -15.55 -18.37
CA MET D 433 20.91 -15.71 -19.29
C MET D 433 21.47 -17.11 -19.26
N GLN D 434 20.53 -18.09 -19.23
CA GLN D 434 20.87 -19.52 -19.18
C GLN D 434 21.82 -19.74 -17.97
N GLU D 435 23.00 -20.33 -18.19
CA GLU D 435 23.92 -20.64 -17.13
C GLU D 435 24.67 -19.40 -16.55
N LYS D 436 24.53 -18.24 -17.17
CA LYS D 436 25.37 -17.11 -16.83
C LYS D 436 24.84 -16.25 -15.71
N ASN D 437 25.79 -15.64 -14.99
CA ASN D 437 25.45 -14.64 -13.98
C ASN D 437 25.24 -13.31 -14.73
N PRO D 438 24.01 -12.81 -14.77
CA PRO D 438 23.75 -11.57 -15.54
C PRO D 438 24.49 -10.33 -14.98
N ILE D 439 24.88 -10.35 -13.70
CA ILE D 439 25.65 -9.21 -13.10
C ILE D 439 27.07 -9.13 -13.60
N ASP D 440 27.60 -10.26 -14.10
CA ASP D 440 28.89 -10.20 -14.85
C ASP D 440 28.78 -9.49 -16.17
N HIS D 441 27.59 -9.18 -16.66
CA HIS D 441 27.35 -8.45 -17.89
C HIS D 441 26.78 -7.04 -17.63
N VAL D 442 26.92 -6.54 -16.40
CA VAL D 442 26.55 -5.16 -16.07
C VAL D 442 27.84 -4.46 -15.77
N SER D 443 27.89 -3.18 -16.11
CA SER D 443 29.00 -2.31 -15.80
C SER D 443 28.53 -1.23 -14.74
N PHE D 444 29.47 -0.77 -13.94
CA PHE D 444 29.18 0.12 -12.84
C PHE D 444 30.04 1.36 -12.89
N TYR D 445 29.59 2.45 -12.27
CA TYR D 445 30.43 3.66 -12.07
C TYR D 445 30.53 4.00 -10.60
N CYS D 446 31.55 4.71 -10.23
CA CYS D 446 31.85 5.17 -8.89
C CYS D 446 31.56 6.62 -8.79
N LYS D 447 31.27 7.02 -7.57
CA LYS D 447 30.95 8.45 -7.26
C LYS D 447 32.09 9.35 -7.58
N THR D 448 33.32 8.88 -7.45
CA THR D 448 34.47 9.74 -7.75
C THR D 448 34.79 9.85 -9.27
N ALA D 449 34.16 9.07 -10.17
CA ALA D 449 34.41 9.16 -11.61
C ALA D 449 33.19 8.63 -12.32
N PRO D 450 32.13 9.44 -12.36
CA PRO D 450 30.87 8.91 -12.82
C PRO D 450 30.78 8.54 -14.26
N ASN D 451 31.74 8.92 -15.07
CA ASN D 451 31.69 8.45 -16.48
C ASN D 451 32.62 7.31 -16.74
N ARG D 452 33.30 6.76 -15.75
CA ARG D 452 34.24 5.65 -15.92
C ARG D 452 33.65 4.31 -15.42
N ALA D 453 33.41 3.40 -16.35
CA ALA D 453 32.80 2.15 -16.08
C ALA D 453 33.73 1.16 -15.53
N ILE D 454 33.31 0.34 -14.59
CA ILE D 454 34.17 -0.77 -14.09
C ILE D 454 33.30 -2.02 -14.04
N ARG D 455 33.95 -3.13 -13.80
CA ARG D 455 33.33 -4.39 -13.48
C ARG D 455 33.45 -4.69 -11.98
N ILE D 456 32.46 -5.39 -11.50
CA ILE D 456 32.43 -5.93 -10.17
C ILE D 456 32.20 -7.44 -10.20
N THR D 457 33.09 -8.22 -9.60
CA THR D 457 32.86 -9.68 -9.53
C THR D 457 31.95 -10.05 -8.38
N LYS D 458 31.35 -11.24 -8.45
CA LYS D 458 30.47 -11.72 -7.40
C LYS D 458 31.13 -11.82 -5.98
N ASN D 459 32.34 -12.32 -5.94
CA ASN D 459 33.09 -12.40 -4.65
C ASN D 459 33.41 -11.00 -4.05
N GLN D 460 33.42 -9.91 -4.86
CA GLN D 460 33.55 -8.58 -4.30
C GLN D 460 32.24 -8.13 -3.67
N VAL D 461 31.12 -8.79 -3.93
CA VAL D 461 29.86 -8.30 -3.42
C VAL D 461 29.48 -9.04 -2.14
N SER D 462 29.41 -10.39 -2.13
CA SER D 462 28.93 -11.12 -0.97
C SER D 462 29.17 -12.61 -1.20
N GLN D 463 29.45 -13.33 -0.15
CA GLN D 463 29.49 -14.77 -0.11
C GLN D 463 28.11 -15.43 0.04
N LEU D 464 27.05 -14.65 0.26
CA LEU D 464 25.74 -15.18 0.45
C LEU D 464 24.95 -15.28 -0.86
N LEU D 465 25.60 -15.02 -2.01
CA LEU D 465 24.90 -14.97 -3.24
C LEU D 465 24.88 -16.39 -3.86
N PRO D 466 24.07 -16.65 -4.89
CA PRO D 466 24.03 -17.98 -5.52
C PRO D 466 25.37 -18.39 -6.13
N GLU D 467 25.69 -19.66 -6.18
CA GLU D 467 26.86 -20.13 -6.96
C GLU D 467 26.44 -20.61 -8.33
N LYS D 468 25.15 -20.87 -8.54
CA LYS D 468 24.64 -21.33 -9.81
C LYS D 468 23.48 -20.46 -10.22
N PHE D 469 23.25 -20.33 -11.53
CA PHE D 469 22.29 -19.38 -12.06
C PHE D 469 21.21 -19.96 -12.94
N ALA D 470 21.17 -21.30 -13.01
CA ALA D 470 20.14 -22.00 -13.77
C ALA D 470 19.90 -23.36 -13.13
N GLU D 471 18.66 -23.79 -13.14
CA GLU D 471 18.30 -25.11 -12.70
C GLU D 471 17.02 -25.54 -13.38
N GLN D 472 16.68 -26.81 -13.21
CA GLN D 472 15.38 -27.29 -13.71
C GLN D 472 14.58 -27.92 -12.60
N LEU D 473 13.27 -27.67 -12.59
CA LEU D 473 12.33 -28.42 -11.72
C LEU D 473 11.49 -29.33 -12.56
N ILE D 474 11.28 -30.55 -12.10
CA ILE D 474 10.47 -31.50 -12.82
C ILE D 474 9.22 -31.80 -11.93
N ARG D 475 8.02 -31.52 -12.42
CA ARG D 475 6.79 -31.84 -11.74
C ARG D 475 6.08 -33.01 -12.42
N VAL D 476 5.54 -33.91 -11.64
CA VAL D 476 4.79 -35.04 -12.17
C VAL D 476 3.36 -34.93 -11.67
N TYR D 477 2.43 -35.26 -12.57
CA TYR D 477 1.01 -35.28 -12.30
C TYR D 477 0.41 -36.56 -12.84
N CYS D 478 -0.75 -36.96 -12.27
CA CYS D 478 -1.46 -38.14 -12.69
C CYS D 478 -2.84 -37.76 -13.16
N LYS D 479 -3.25 -38.28 -14.31
CA LYS D 479 -4.60 -38.00 -14.86
C LYS D 479 -5.65 -38.91 -14.25
N LYS D 480 -5.26 -39.98 -13.58
CA LYS D 480 -6.22 -40.80 -12.83
C LYS D 480 -6.24 -40.26 -11.40
N VAL D 481 -7.42 -39.87 -10.94
CA VAL D 481 -7.52 -39.03 -9.75
C VAL D 481 -7.95 -39.73 -8.47
N ASP D 482 -8.33 -40.98 -8.56
CA ASP D 482 -8.76 -41.70 -7.37
C ASP D 482 -7.57 -42.00 -6.43
N ARG D 483 -7.90 -42.30 -5.17
CA ARG D 483 -6.92 -42.40 -4.10
C ARG D 483 -5.90 -43.55 -4.32
N LYS D 484 -6.33 -44.64 -4.96
CA LYS D 484 -5.44 -45.77 -5.24
C LYS D 484 -4.49 -45.46 -6.42
N SER D 485 -5.00 -44.77 -7.43
CA SER D 485 -4.17 -44.38 -8.54
C SER D 485 -3.08 -43.42 -8.12
N LEU D 486 -3.43 -42.48 -7.27
CA LEU D 486 -2.52 -41.45 -6.82
C LEU D 486 -1.46 -42.05 -5.89
N TYR D 487 -1.86 -42.98 -5.05
CA TYR D 487 -0.89 -43.69 -4.22
C TYR D 487 0.13 -44.41 -5.11
N ALA D 488 -0.34 -45.12 -6.13
CA ALA D 488 0.55 -45.82 -7.04
C ALA D 488 1.46 -44.86 -7.83
N ALA D 489 0.87 -43.78 -8.34
CA ALA D 489 1.60 -42.75 -9.10
C ALA D 489 2.79 -42.18 -8.30
N ARG D 490 2.57 -41.97 -6.99
CA ARG D 490 3.62 -41.53 -6.09
C ARG D 490 4.80 -42.54 -5.97
N GLN D 491 4.49 -43.84 -5.99
CA GLN D 491 5.51 -44.87 -5.87
C GLN D 491 6.31 -44.93 -7.17
N TYR D 492 5.62 -44.88 -8.33
CA TYR D 492 6.33 -44.85 -9.61
C TYR D 492 7.28 -43.60 -9.67
N PHE D 493 6.74 -42.47 -9.26
CA PHE D 493 7.42 -41.21 -9.26
C PHE D 493 8.69 -41.28 -8.45
N VAL D 494 8.58 -41.70 -7.19
CA VAL D 494 9.72 -41.67 -6.28
C VAL D 494 10.74 -42.69 -6.74
N GLN D 495 10.28 -43.83 -7.27
CA GLN D 495 11.20 -44.81 -7.80
C GLN D 495 11.98 -44.24 -8.99
N TRP D 496 11.30 -43.59 -9.90
CA TRP D 496 11.92 -42.98 -11.06
C TRP D 496 12.98 -41.97 -10.65
N CYS D 497 12.66 -41.09 -9.69
CA CYS D 497 13.65 -40.17 -9.12
C CYS D 497 14.88 -40.90 -8.63
N ALA D 498 14.70 -42.01 -7.89
CA ALA D 498 15.84 -42.74 -7.37
C ALA D 498 16.66 -43.38 -8.51
N ASP D 499 15.97 -43.89 -9.53
CA ASP D 499 16.62 -44.54 -10.71
C ASP D 499 17.46 -43.52 -11.51
N ARG D 500 16.94 -42.30 -11.66
CA ARG D 500 17.60 -41.27 -12.42
C ARG D 500 18.61 -40.42 -11.56
N ASN D 501 18.78 -40.75 -10.29
CA ASN D 501 19.58 -39.94 -9.40
C ASN D 501 19.21 -38.52 -9.26
N PHE D 502 17.92 -38.26 -9.32
CA PHE D 502 17.37 -36.97 -9.05
C PHE D 502 17.30 -36.72 -7.56
N THR D 503 17.03 -35.50 -7.19
CA THR D 503 16.88 -35.12 -5.78
C THR D 503 15.67 -35.86 -5.16
N LYS D 504 15.82 -36.21 -3.89
CA LYS D 504 14.76 -36.75 -3.07
C LYS D 504 13.61 -35.77 -2.97
N PRO D 505 12.40 -36.20 -3.36
CA PRO D 505 11.30 -35.25 -3.17
C PRO D 505 11.13 -34.75 -1.72
N GLN D 506 10.73 -33.47 -1.53
CA GLN D 506 10.55 -32.92 -0.17
C GLN D 506 9.67 -33.78 0.75
N ASP D 507 8.54 -34.23 0.29
CA ASP D 507 7.68 -35.10 1.07
C ASP D 507 7.98 -36.59 0.85
N GLY D 508 9.16 -36.91 0.34
CA GLY D 508 9.44 -38.24 -0.20
C GLY D 508 9.23 -39.32 0.82
N ASP D 509 9.67 -39.11 2.06
CA ASP D 509 9.40 -40.05 3.17
C ASP D 509 7.94 -40.28 3.60
N VAL D 510 7.06 -39.36 3.31
CA VAL D 510 5.62 -39.50 3.61
C VAL D 510 4.87 -40.12 2.44
N ILE D 511 5.12 -39.65 1.22
CA ILE D 511 4.43 -40.19 -0.02
C ILE D 511 4.89 -41.60 -0.43
N ALA D 512 6.17 -41.93 -0.17
CA ALA D 512 6.81 -43.22 -0.59
C ALA D 512 7.77 -43.73 0.45
N PRO D 513 7.26 -44.03 1.67
CA PRO D 513 8.14 -44.45 2.79
C PRO D 513 8.95 -45.71 2.51
N LEU D 514 8.46 -46.59 1.64
CA LEU D 514 9.16 -47.87 1.36
C LEU D 514 10.14 -47.80 0.21
N ILE D 515 10.14 -46.72 -0.53
CA ILE D 515 11.06 -46.45 -1.67
C ILE D 515 12.32 -45.61 -1.28
N THR D 516 12.14 -44.59 -0.41
CA THR D 516 13.26 -43.69 -0.03
C THR D 516 14.49 -44.28 0.67
N PRO D 517 14.31 -45.33 1.55
CA PRO D 517 15.47 -46.02 2.13
C PRO D 517 16.42 -46.75 1.15
N GLN D 518 15.98 -47.14 -0.06
CA GLN D 518 16.90 -47.78 -1.06
C GLN D 518 18.10 -46.90 -1.44
N LYS D 519 17.90 -45.60 -1.46
CA LYS D 519 18.83 -44.68 -2.00
C LYS D 519 19.69 -44.12 -0.86
N LYS D 520 20.97 -44.50 -0.81
CA LYS D 520 21.82 -44.21 0.37
C LYS D 520 22.16 -42.69 0.46
N GLU D 521 22.38 -42.06 -0.69
CA GLU D 521 22.44 -40.57 -0.89
C GLU D 521 21.32 -39.74 -0.18
N TRP D 522 20.14 -40.33 -0.03
CA TRP D 522 18.96 -39.68 0.58
C TRP D 522 18.83 -39.88 2.12
N ASN D 523 19.78 -40.58 2.75
CA ASN D 523 19.70 -41.06 4.15
C ASN D 523 21.06 -41.04 4.88
F1 GTF E . -19.18 0.34 -9.08
N1 GTF E . -21.74 0.08 -10.41
C2 GTF E . -21.38 0.53 -11.86
F2 GTF E . -21.23 0.27 -7.78
O2 GTF E . -20.30 0.26 -12.43
N3 GTF E . -22.45 1.38 -12.54
C4 GTF E . -23.72 1.74 -11.85
N4 GTF E . -24.64 2.48 -12.60
C5 GTF E . -24.08 1.32 -10.46
C6 GTF E . -23.06 0.48 -9.73
PA GTF E . -24.38 -4.17 -7.12
PB GTF E . -26.49 -2.86 -5.62
PG GTF E . -25.23 -0.34 -4.24
C1' GTF E . -20.71 -0.83 -9.75
O1A GTF E . -24.22 -5.69 -7.53
O1B GTF E . -26.75 -3.87 -4.47
O1G GTF E . -23.92 0.34 -3.99
C2' GTF E . -20.24 -0.41 -8.58
O2A GTF E . -23.99 -4.28 -5.66
O2B GTF E . -27.69 -1.97 -6.11
O2G GTF E . -26.36 0.48 -4.85
C3' GTF E . -19.78 -1.67 -7.74
O3' GTF E . -18.57 -2.26 -7.99
O3A GTF E . -25.97 -3.63 -7.00
O3B GTF E . -25.13 -1.78 -5.19
O3G GTF E . -25.53 -0.76 -2.83
C4' GTF E . -21.10 -2.60 -8.01
O4' GTF E . -21.25 -2.40 -9.36
C5' GTF E . -22.37 -2.19 -7.14
O5' GTF E . -23.56 -2.78 -7.67
PG GTP F . -11.51 13.54 -26.29
O1G GTP F . -10.63 13.65 -25.08
O2G GTP F . -12.06 14.87 -26.64
O3G GTP F . -10.71 12.82 -27.33
O3B GTP F . -12.53 12.40 -25.89
PB GTP F . -13.23 11.92 -24.55
O1B GTP F . -12.66 12.76 -23.42
O2B GTP F . -14.69 11.94 -24.77
O3A GTP F . -12.71 10.40 -24.52
PA GTP F . -11.14 9.87 -24.32
O1A GTP F . -10.37 11.09 -23.81
O2A GTP F . -10.82 9.08 -25.52
O5' GTP F . -11.43 8.79 -23.26
C5' GTP F . -11.49 9.03 -21.83
C4' GTP F . -10.22 8.63 -20.99
O4' GTP F . -10.21 7.24 -21.12
C3' GTP F . -8.87 9.01 -21.60
O3' GTP F . -8.57 10.26 -21.04
C2' GTP F . -7.95 7.92 -21.15
O2' GTP F . -7.42 8.30 -19.86
C1' GTP F . -8.85 6.73 -20.86
N9 GTP F . -8.59 5.56 -21.64
C8 GTP F . -8.50 4.31 -21.16
N7 GTP F . -8.31 3.38 -22.12
C5 GTP F . -8.20 4.08 -23.28
C6 GTP F . -8.02 3.68 -24.64
O6 GTP F . -7.81 2.45 -24.89
N1 GTP F . -8.00 4.69 -25.53
C2 GTP F . -8.26 5.98 -25.20
N2 GTP F . -8.25 6.96 -26.14
N3 GTP F . -8.44 6.37 -23.91
C4 GTP F . -8.46 5.46 -22.98
PG DTP G . -13.84 5.44 23.78
O1G DTP G . -12.97 5.30 24.96
O2G DTP G . -14.35 4.21 23.16
O3G DTP G . -14.97 6.42 23.70
PB DTP G . -11.38 6.25 22.50
O1B DTP G . -10.52 5.56 23.54
O2B DTP G . -11.08 7.72 22.22
O3B DTP G . -12.93 6.07 22.57
PA DTP G . -11.11 5.76 19.55
O1A DTP G . -11.37 7.20 19.22
O2A DTP G . -11.98 4.65 19.22
O3A DTP G . -10.91 5.54 21.13
O5' DTP G . -9.61 5.44 19.06
C5' DTP G . -9.04 4.09 19.08
C4' DTP G . -7.90 4.04 18.03
O4' DTP G . -8.47 4.41 16.73
C3' DTP G . -6.79 4.99 18.20
O3' DTP G . -5.48 4.41 17.83
C2' DTP G . -7.17 6.22 17.38
C1' DTP G . -7.88 5.64 16.21
N9 DTP G . -9.04 6.35 15.64
C8 DTP G . -9.99 7.14 16.18
N7 DTP G . -10.89 7.51 15.25
C5 DTP G . -10.59 6.89 14.13
C6 DTP G . -11.16 6.84 12.83
N6 DTP G . -12.26 7.56 12.59
N1 DTP G . -10.52 6.14 11.91
C2 DTP G . -9.45 5.43 12.21
N3 DTP G . -8.78 5.42 13.41
C4 DTP G . -9.36 6.12 14.37
MG MG H . -11.07 5.15 25.45
MG MG I . -4.97 -27.47 -3.11
NA NA J . -30.79 -8.34 4.28
MG MG K . -23.62 1.31 -5.91
MG MG L . -23.87 -3.24 -3.41
F1 GTF M . 16.63 -3.01 12.24
N1 GTF M . 18.66 -3.35 14.24
C2 GTF M . 19.46 -2.08 13.92
F2 GTF M . 17.40 -5.05 12.97
O2 GTF M . 19.01 -0.96 13.67
N3 GTF M . 20.92 -2.25 13.89
C4 GTF M . 21.56 -3.51 14.21
N4 GTF M . 22.98 -3.38 14.15
C5 GTF M . 20.84 -4.77 14.56
C6 GTF M . 19.36 -4.68 14.57
PA GTF M . 16.08 -6.90 18.24
PB GTF M . 17.31 -9.51 18.18
PG GTF M . 17.40 -9.99 15.08
C1' GTF M . 17.17 -3.18 14.29
O1A GTF M . 15.02 -7.90 17.85
O1B GTF M . 18.79 -10.02 18.31
O1G GTF M . 16.48 -11.16 15.08
C2' GTF M . 16.62 -3.89 13.30
O2A GTF M . 15.35 -6.05 19.35
O2B GTF M . 16.26 -10.42 18.91
O2G GTF M . 17.43 -9.09 13.88
C3' GTF M . 15.15 -4.21 13.81
O3' GTF M . 14.25 -3.18 13.63
O3A GTF M . 17.26 -7.97 18.83
O3B GTF M . 17.04 -9.12 16.48
O3G GTF M . 18.76 -10.62 15.38
C4' GTF M . 15.43 -4.57 15.36
O4' GTF M . 16.39 -3.72 15.67
C5' GTF M . 15.90 -6.06 15.58
O5' GTF M . 16.63 -6.20 16.81
PG GTP N . 28.58 12.96 0.88
O1G GTP N . 28.21 14.39 1.12
O2G GTP N . 27.58 12.26 0.04
O3G GTP N . 29.98 12.82 0.51
O3B GTP N . 28.55 12.36 2.37
PB GTP N . 28.04 11.09 3.00
O1B GTP N . 29.11 10.53 3.91
O2B GTP N . 27.69 10.15 1.90
O3A GTP N . 26.81 11.46 3.89
PA GTP N . 25.44 12.14 3.31
O1A GTP N . 25.36 13.44 3.91
O2A GTP N . 25.42 11.92 1.79
O5' GTP N . 24.45 11.27 4.08
C5' GTP N . 23.86 10.00 3.76
C4' GTP N . 22.45 10.14 3.19
O4' GTP N . 21.64 10.42 4.29
C3' GTP N . 22.15 11.28 2.21
O3' GTP N . 22.38 10.82 0.85
C2' GTP N . 20.64 11.51 2.42
O2' GTP N . 19.89 10.66 1.52
C1' GTP N . 20.39 11.04 3.82
N9 GTP N . 19.94 12.02 4.76
C8 GTP N . 18.94 11.88 5.63
N7 GTP N . 18.75 12.94 6.42
C5 GTP N . 19.76 13.76 6.06
C6 GTP N . 20.19 15.08 6.52
O6 GTP N . 19.61 15.71 7.44
N1 GTP N . 21.23 15.61 5.89
C2 GTP N . 21.92 15.01 4.92
N2 GTP N . 22.94 15.66 4.44
N3 GTP N . 21.62 13.76 4.40
C4 GTP N . 20.53 13.17 4.97
PG GTP O . -11.16 5.01 28.69
O1G GTP O . -10.19 4.18 29.46
O2G GTP O . -11.38 4.44 27.29
O3G GTP O . -12.32 5.41 29.42
O3B GTP O . -10.26 6.34 28.52
PB GTP O . -10.17 7.42 27.40
O1B GTP O . -10.30 8.76 27.96
O2B GTP O . -10.94 7.20 26.21
O3A GTP O . -8.59 7.32 27.03
PA GTP O . -7.92 6.02 26.32
O1A GTP O . -6.90 5.55 27.21
O2A GTP O . -8.94 4.99 25.88
O5' GTP O . -7.13 6.75 25.10
C5' GTP O . -7.58 6.91 23.74
C4' GTP O . -7.02 5.89 22.77
O4' GTP O . -5.56 6.13 22.70
C3' GTP O . -7.14 4.42 23.14
O3' GTP O . -8.42 3.82 22.80
C2' GTP O . -6.01 3.76 22.37
O2' GTP O . -6.49 3.32 21.03
C1' GTP O . -5.03 4.90 22.14
N9 GTP O . -3.71 4.73 22.80
C8 GTP O . -2.58 5.01 22.13
N7 GTP O . -1.54 4.88 22.93
C5 GTP O . -2.06 4.49 24.13
C6 GTP O . -1.43 4.13 25.37
O6 GTP O . -0.16 4.14 25.49
N1 GTP O . -2.29 3.81 26.33
C2 GTP O . -3.68 3.82 26.19
N2 GTP O . -4.45 3.45 27.22
N3 GTP O . -4.28 4.11 25.05
C4 GTP O . -3.49 4.40 24.03
PG DTP P . -2.06 -27.60 -1.49
O1G DTP P . -2.17 -27.16 -0.10
O2G DTP P . -3.32 -28.19 -2.07
O3G DTP P . -0.82 -28.40 -1.64
PB DTP P . -2.48 -25.36 -3.28
O1B DTP P . -3.94 -25.68 -3.26
O2B DTP P . -1.74 -25.27 -4.56
O3B DTP P . -1.67 -26.21 -2.26
PA DTP P . -1.23 -22.85 -2.33
O1A DTP P . -1.01 -22.79 -0.84
O2A DTP P . -0.08 -22.93 -3.30
O3A DTP P . -2.45 -23.87 -2.50
O5' DTP P . -2.07 -21.60 -2.84
C5' DTP P . -3.13 -20.94 -2.06
C4' DTP P . -3.26 -19.43 -2.40
O4' DTP P . -2.06 -18.80 -2.08
C3' DTP P . -3.59 -19.16 -3.84
O3' DTP P . -4.53 -18.09 -4.08
C2' DTP P . -2.20 -18.91 -4.42
C1' DTP P . -1.46 -18.28 -3.30
N9 DTP P . -0.01 -18.57 -3.16
C8 DTP P . 0.64 -19.68 -3.47
N7 DTP P . 1.94 -19.56 -3.08
C5 DTP P . 2.06 -18.32 -2.51
C6 DTP P . 3.12 -17.56 -1.83
N6 DTP P . 4.32 -18.12 -1.75
N1 DTP P . 2.83 -16.33 -1.40
C2 DTP P . 1.61 -15.79 -1.51
N3 DTP P . 0.54 -16.39 -2.11
C4 DTP P . 0.77 -17.65 -2.57
NA NA Q . 11.66 -18.62 23.16
MG MG R . 19.05 -11.45 20.00
NI NI S . 4.20 5.30 9.25
PG DTP T . -11.07 15.40 -21.04
O1G DTP T . -9.91 15.88 -20.25
O2G DTP T . -10.91 14.90 -22.40
O3G DTP T . -12.17 16.40 -20.90
PB DTP T . -11.26 12.65 -20.03
O1B DTP T . -12.41 11.81 -19.79
O2B DTP T . -10.48 12.25 -21.20
O3B DTP T . -11.71 14.14 -20.18
PA DTP T . -10.50 12.16 -17.26
O1A DTP T . -9.62 13.17 -16.58
O2A DTP T . -11.91 11.99 -16.84
O3A DTP T . -10.24 12.54 -18.78
O5' DTP T . -9.90 10.70 -17.25
C5' DTP T . -8.44 10.44 -17.46
C4' DTP T . -8.00 9.31 -16.55
O4' DTP T . -8.24 9.57 -15.14
C3' DTP T . -8.76 8.07 -16.78
O3' DTP T . -7.86 6.92 -16.67
C2' DTP T . -9.87 7.99 -15.75
C1' DTP T . -9.29 8.70 -14.56
N9 DTP T . -10.12 9.60 -13.73
C8 DTP T . -11.17 10.42 -14.07
N7 DTP T . -11.58 11.13 -12.99
C5 DTP T . -10.79 10.77 -12.01
C6 DTP T . -10.62 11.23 -10.66
N6 DTP T . -11.45 12.14 -10.26
N1 DTP T . -9.61 10.65 -9.90
C2 DTP T . -8.86 9.75 -10.44
N3 DTP T . -8.90 9.26 -11.68
C4 DTP T . -9.85 9.82 -12.47
MG MG U . -10.54 13.02 -23.17
MG MG V . 26.39 10.83 0.39
F1 GTF W . -2.49 17.51 11.15
N1 GTF W . -2.70 20.10 13.04
C2 GTF W . -2.91 19.54 14.48
F2 GTF W . -3.18 19.64 10.27
O2 GTF W . -2.35 18.54 14.89
N3 GTF W . -3.87 20.20 15.42
C4 GTF W . -4.56 21.37 14.93
N4 GTF W . -5.38 21.98 15.87
C5 GTF W . -4.41 22.01 13.60
C6 GTF W . -3.47 21.34 12.64
PA GTF W . 0.87 23.24 9.33
PB GTF W . -1.23 25.45 8.41
PG GTF W . -3.80 24.18 7.19
C1' GTF W . -1.70 19.39 12.10
O1A GTF W . 1.49 22.00 8.48
O1B GTF W . -1.38 26.32 9.70
O1G GTF W . -3.62 25.08 5.97
C2' GTF W . -2.16 18.88 10.93
O2A GTF W . 1.96 24.18 9.93
O2B GTF W . -1.03 26.51 7.27
O2G GTF W . -4.37 22.98 6.60
C3' GTF W . -0.95 18.92 9.88
O3' GTF W . -0.11 17.78 9.88
O3A GTF W . 0.23 24.58 8.46
O3B GTF W . -2.35 24.07 8.08
O3G GTF W . -4.76 24.91 8.08
C4' GTF W . -0.32 20.34 10.25
O4' GTF W . -0.36 20.34 11.59
C5' GTF W . -1.11 21.57 9.64
O5' GTF W . -0.52 22.76 10.16
NA NA X . -5.19 19.09 18.60
NA NA Y . 1.67 32.68 -0.92
PG DTP Z . 26.87 8.21 -1.68
O1G DTP Z . 27.16 9.55 -1.06
O2G DTP Z . 26.23 8.53 -3.01
O3G DTP Z . 27.96 7.18 -1.83
PB DTP Z . 24.79 7.99 0.40
O1B DTP Z . 24.84 9.47 0.64
O2B DTP Z . 25.07 7.06 1.48
O3B DTP Z . 25.73 7.54 -0.80
PA DTP Z . 22.54 6.29 -0.42
O1A DTP Z . 23.05 5.06 0.31
O2A DTP Z . 22.37 6.29 -1.86
O3A DTP Z . 23.28 7.65 -0.22
O5' DTP Z . 21.21 6.61 0.28
C5' DTP Z . 20.36 7.71 -0.15
C4' DTP Z . 18.91 7.51 0.36
O4' DTP Z . 18.44 6.18 -0.01
C3' DTP Z . 18.88 7.59 1.84
O3' DTP Z . 17.64 8.12 2.26
C2' DTP Z . 18.84 6.15 2.29
C1' DTP Z . 18.21 5.36 1.14
N9 DTP Z . 18.73 4.06 0.70
C8 DTP Z . 20.07 3.66 0.65
N7 DTP Z . 20.10 2.44 0.17
C5 DTP Z . 18.88 2.06 -0.23
C6 DTP Z . 18.35 0.89 -0.95
N6 DTP Z . 19.15 -0.13 -1.32
N1 DTP Z . 17.08 0.86 -1.16
C2 DTP Z . 16.29 1.89 -0.76
N3 DTP Z . 16.65 3.02 -0.13
C4 DTP Z . 17.97 3.11 0.17
F1 GTF AA . 4.42 -13.41 -14.96
N1 GTF AA . 5.08 -15.40 -17.25
C2 GTF AA . 4.15 -16.61 -16.95
F2 GTF AA . 6.55 -13.53 -15.88
O2 GTF AA . 3.02 -16.46 -16.56
N3 GTF AA . 4.65 -18.05 -17.12
C4 GTF AA . 6.00 -18.20 -17.60
N4 GTF AA . 6.39 -19.55 -17.80
C5 GTF AA . 6.93 -17.09 -17.94
C6 GTF AA . 6.47 -15.69 -17.76
PA GTF AA . 7.20 -12.07 -21.02
PB GTF AA . 10.04 -11.86 -21.48
PG GTF AA . 11.41 -12.28 -18.72
C1' GTF AA . 4.58 -13.96 -17.08
O1A GTF AA . 7.11 -13.20 -22.03
O1B GTF AA . 10.85 -10.70 -22.06
O1G GTF AA . 12.51 -12.62 -19.64
C2' GTF AA . 5.18 -13.24 -16.11
O2A GTF AA . 6.05 -11.13 -21.29
O2B GTF AA . 10.08 -13.19 -22.38
O2G GTF AA . 10.81 -13.61 -18.38
C3' GTF AA . 5.19 -11.72 -16.53
O3' GTF AA . 4.13 -11.08 -16.11
O3A GTF AA . 8.55 -11.18 -21.44
O3B GTF AA . 10.13 -11.84 -19.69
O3G GTF AA . 11.59 -11.52 -17.48
C4' GTF AA . 5.34 -11.82 -18.14
O4' GTF AA . 4.82 -13.00 -18.44
C5' GTF AA . 6.88 -11.75 -18.45
O5' GTF AA . 7.29 -12.59 -19.46
PG GTP BA . -6.67 -30.06 -3.75
O1G GTP BA . -6.08 -29.05 -2.78
O2G GTP BA . -6.01 -31.35 -3.62
O3G GTP BA . -8.15 -30.05 -3.69
O3B GTP BA . -6.44 -29.67 -5.29
PB GTP BA . -5.21 -28.89 -5.91
O1B GTP BA . -4.25 -28.30 -4.91
O2B GTP BA . -4.58 -29.54 -7.05
O3A GTP BA . -5.99 -27.71 -6.57
PA GTP BA . -6.85 -26.58 -5.74
O1A GTP BA . -6.40 -26.58 -4.25
O2A GTP BA . -8.25 -26.53 -6.10
O5' GTP BA . -6.44 -25.22 -6.39
C5' GTP BA . -5.24 -24.54 -6.06
C4' GTP BA . -5.51 -23.16 -5.38
O4' GTP BA . -6.20 -22.32 -6.31
C3' GTP BA . -6.47 -23.26 -4.24
O3' GTP BA . -5.80 -23.63 -3.01
C2' GTP BA . -7.10 -21.88 -4.19
O2' GTP BA . -6.38 -20.99 -3.39
C1' GTP BA . -6.89 -21.29 -5.55
N9 GTP BA . -8.14 -20.99 -6.26
C8 GTP BA . -8.31 -19.84 -6.97
N7 GTP BA . -9.49 -19.86 -7.55
C5 GTP BA . -10.05 -21.08 -7.28
C6 GTP BA . -11.31 -21.69 -7.59
O6 GTP BA . -12.12 -21.11 -8.37
N1 GTP BA . -11.55 -22.95 -7.10
C2 GTP BA . -10.66 -23.56 -6.28
N2 GTP BA . -10.91 -24.78 -5.81
N3 GTP BA . -9.45 -23.01 -5.95
C4 GTP BA . -9.15 -21.78 -6.38
MG MG CA . 12.68 -9.70 -20.91
MG MG DA . 9.65 -14.14 -17.09
MG MG EA . 6.38 -10.51 -22.81
#